data_9DSX
#
_entry.id   9DSX
#
_cell.length_a   147.364
_cell.length_b   65.032
_cell.length_c   189.487
_cell.angle_alpha   90.000
_cell.angle_beta   110.864
_cell.angle_gamma   90.000
#
_symmetry.space_group_name_H-M   'P 1 21 1'
#
loop_
_entity.id
_entity.type
_entity.pdbx_description
1 polymer 'Phenylalanine--tRNA ligase alpha subunit'
2 polymer 'Phenylalanine--tRNA ligase beta subunit'
3 polymer tRNA(Phe)
4 non-polymer 'ethyl (2R)-2-(3-oxo-2,3-dihydro-4H-1,4-benzoxazin-4-yl)propanoate'
5 non-polymer 'MAGNESIUM ION'
6 non-polymer 'ACETATE ION'
7 non-polymer 'SODIUM ION'
8 non-polymer GLYCEROL
9 non-polymer 'DIMETHYL SULFOXIDE'
10 non-polymer 'TRIETHYLENE GLYCOL'
11 non-polymer '4-(2-HYDROXYETHYL)-1-PIPERAZINE ETHANESULFONIC ACID'
12 water water
#
loop_
_entity_poly.entity_id
_entity_poly.type
_entity_poly.pdbx_seq_one_letter_code
_entity_poly.pdbx_strand_id
1 'polypeptide(L)'
;AMLSPEALTTAVDAAQQAIALADTLDVLARVKTEHLGDRSPLALARQALAVLPKEQRAEAGKRVNAARNAAQRSYDERLA
TLRAERDAAVLVAEGIDVTLPSTRVPAGARHPIIMLAEHVADTFIAMGWELAEGPEVETEQFNFDALNFPADHPARGEQD
TFYIAPEDSRQLLRTHTSPVQIRTLLARELPVYIISIGRTFRTDELDATHTPIFHQVEGLAVDRGLSMAHLRGTLDAFAR
AEFGPSARTRIRPHFFPFTEPSAEVDVWFANKIGGAAWVEWGGCGMVHPNVLRATGIDPDLYSGFAFGMGLERTLQFRNG
IPDMRDMVEGDVRFSLPFGVGA
;
A,D
2 'polypeptide(L)'
;QSNAMRLPYSWLREVVAVGASGWDVTPGELEQTLLRIGHEVEEVIPLGPVDGPVTVGRVADIEELTGYKKPIRACAVDIG
DRQYREIICGATNFAVGDLVVVALPGATLPGGFTISARKAYGRNSDGMICSAAELNLGADHSGILVLPPGAAEPGADGAG
VLGLDDVVFHLAITPDRGYCMSVRGLARELACAYDLDFVDPASNSRVPPLPIEGPAWPLTVQPETGVRRFALRPVIGIDP
AAVSPWWLQRRLLLCGIRATCPAVDVTNYVMLELGHPMHAHDRNRISGTLGVRFARSGETAVTLDGIERKLDTADVLIVD
DAATAAIGGVMGAASTEVRADSTDVLLEAAIWDPAAVSRTQRRLHLPSEAARRYERTVDPAISVAALDRCARLLADIAGG
EVSPTLTDWRGDPPCDDWSPPPIRMGVDVPDRIAGVAYPQGTTARRLAQIGAVVTHDGDTLTVTPPSWRPDLRQPADLVE
EVLRLEGLEVIPSVLPPAPAGRGLTAGQQRRRTIGRSLALSGYVEILPTPFLPAGVFDLWGLEADDSRRMTTRVLNPLEA
DRPQLATTLLPALLEALVRNVSRGLVDVALFAIAQVVQPTEQTRGVGLIPVDRRPTDDEIAMLDASLPRQPQHVAAVLAG
LREPRGPWGPGRPVEAADAFEAVRIIARASRVDVTLRPAQYLPWHPGRCAQVFVGESSVGHAGQLHPAVIERSGLPKGTC
AVELNLDAIPCSAPLPAPRVSPYPAVFQDVSLVVAADIPAQAVADAVRAGAGDLLEDIALFDVFTGPQIGEHRKSLTFAL
RFRAPDRTLTEDDASAARDAAVQSAAERVGAVLRG
;
B,E
3 'polyribonucleotide' GGCCAGGUAGCUCAGUCGGUAUGAGCGUCCGCCUGAAAAGCGGAAGGUCGGCGGUUCGAUCCCGCCCCUGGCCACCA C,F
#
# COMPACT_ATOMS: atom_id res chain seq x y z
N ALA A 1 12.86 66.97 -52.14
CA ALA A 1 13.09 65.56 -51.88
C ALA A 1 14.50 65.31 -51.36
N MET A 2 14.60 64.64 -50.22
CA MET A 2 15.89 64.36 -49.61
C MET A 2 16.22 62.88 -49.73
N LEU A 3 16.33 62.38 -50.96
CA LEU A 3 16.70 61.00 -51.23
C LEU A 3 17.72 60.93 -52.35
N SER A 4 18.71 61.81 -52.31
CA SER A 4 19.74 61.84 -53.33
C SER A 4 20.63 60.59 -53.23
N PRO A 5 21.31 60.22 -54.32
CA PRO A 5 22.20 59.05 -54.26
C PRO A 5 23.27 59.16 -53.18
N GLU A 6 23.77 60.36 -52.91
CA GLU A 6 24.74 60.53 -51.83
C GLU A 6 24.08 60.64 -50.46
N ALA A 7 22.76 60.78 -50.40
CA ALA A 7 22.07 60.78 -49.12
C ALA A 7 21.91 59.37 -48.57
N LEU A 8 21.43 58.44 -49.41
CA LEU A 8 21.32 57.06 -48.99
C LEU A 8 22.69 56.43 -48.77
N THR A 9 23.68 56.82 -49.58
CA THR A 9 25.04 56.30 -49.40
C THR A 9 25.64 56.77 -48.08
N THR A 10 25.30 57.98 -47.63
CA THR A 10 25.77 58.46 -46.34
C THR A 10 25.17 57.64 -45.19
N ALA A 11 23.97 57.11 -45.38
CA ALA A 11 23.33 56.32 -44.33
C ALA A 11 23.81 54.87 -44.36
N VAL A 12 23.98 54.30 -45.56
CA VAL A 12 24.44 52.91 -45.67
C VAL A 12 25.89 52.80 -45.21
N ASP A 13 26.74 53.74 -45.62
CA ASP A 13 28.14 53.72 -45.19
C ASP A 13 28.26 53.86 -43.68
N ALA A 14 27.38 54.64 -43.06
CA ALA A 14 27.37 54.75 -41.61
C ALA A 14 26.75 53.53 -40.95
N ALA A 15 25.79 52.89 -41.62
CA ALA A 15 25.17 51.69 -41.05
C ALA A 15 26.10 50.50 -41.11
N GLN A 16 26.71 50.26 -42.29
CA GLN A 16 27.62 49.14 -42.43
C GLN A 16 28.87 49.31 -41.56
N GLN A 17 29.26 50.56 -41.27
CA GLN A 17 30.41 50.79 -40.40
C GLN A 17 30.07 50.45 -38.96
N ALA A 18 28.87 50.82 -38.50
CA ALA A 18 28.45 50.47 -37.15
C ALA A 18 28.23 48.96 -37.01
N ILE A 19 27.71 48.33 -38.06
CA ILE A 19 27.55 46.87 -38.06
C ILE A 19 28.92 46.19 -38.00
N ALA A 20 29.92 46.77 -38.66
CA ALA A 20 31.25 46.20 -38.63
C ALA A 20 31.91 46.37 -37.26
N LEU A 21 31.55 47.41 -36.52
CA LEU A 21 32.08 47.63 -35.19
C LEU A 21 31.23 46.97 -34.09
N ALA A 22 30.23 46.18 -34.47
CA ALA A 22 29.43 45.44 -33.50
C ALA A 22 30.18 44.17 -33.12
N ASP A 23 30.69 44.12 -31.89
CA ASP A 23 31.50 43.00 -31.44
C ASP A 23 30.74 41.96 -30.65
N THR A 24 29.57 42.30 -30.11
CA THR A 24 28.72 41.35 -29.42
C THR A 24 27.32 41.38 -30.02
N LEU A 25 26.54 40.34 -29.71
CA LEU A 25 25.18 40.28 -30.24
C LEU A 25 24.28 41.32 -29.61
N ASP A 26 24.54 41.71 -28.37
CA ASP A 26 23.74 42.75 -27.72
C ASP A 26 23.98 44.11 -28.36
N VAL A 27 25.22 44.40 -28.73
CA VAL A 27 25.52 45.66 -29.41
C VAL A 27 24.89 45.67 -30.80
N LEU A 28 24.93 44.53 -31.49
CA LEU A 28 24.34 44.44 -32.82
C LEU A 28 22.84 44.69 -32.79
N ALA A 29 22.17 44.23 -31.73
CA ALA A 29 20.74 44.48 -31.61
C ALA A 29 20.46 45.97 -31.44
N ARG A 30 21.31 46.66 -30.68
CA ARG A 30 21.16 48.11 -30.55
C ARG A 30 21.43 48.82 -31.88
N VAL A 31 22.44 48.36 -32.62
CA VAL A 31 22.73 48.93 -33.92
C VAL A 31 21.59 48.65 -34.89
N LYS A 32 21.01 47.44 -34.81
CA LYS A 32 19.89 47.09 -35.69
C LYS A 32 18.70 48.01 -35.47
N THR A 33 18.45 48.40 -34.21
CA THR A 33 17.34 49.32 -33.94
C THR A 33 17.61 50.72 -34.50
N GLU A 34 18.88 51.14 -34.50
CA GLU A 34 19.21 52.49 -34.95
C GLU A 34 19.40 52.58 -36.46
N HIS A 35 19.66 51.48 -37.15
CA HIS A 35 19.94 51.51 -38.57
C HIS A 35 19.01 50.65 -39.41
N LEU A 36 18.12 49.86 -38.80
CA LEU A 36 17.16 49.07 -39.56
C LEU A 36 15.76 49.08 -38.97
N GLY A 37 15.53 49.66 -37.80
CA GLY A 37 14.22 49.70 -37.20
C GLY A 37 13.33 50.76 -37.83
N ASP A 38 12.16 50.95 -37.22
CA ASP A 38 11.20 51.93 -37.71
C ASP A 38 11.55 53.36 -37.33
N ARG A 39 12.70 53.57 -36.66
CA ARG A 39 13.17 54.92 -36.32
C ARG A 39 14.52 55.21 -36.95
N SER A 40 15.01 54.35 -37.83
CA SER A 40 16.32 54.51 -38.43
C SER A 40 16.30 55.67 -39.43
N PRO A 41 17.48 56.15 -39.85
CA PRO A 41 17.50 57.12 -40.96
C PRO A 41 16.89 56.57 -42.23
N LEU A 42 17.10 55.27 -42.52
CA LEU A 42 16.44 54.65 -43.67
C LEU A 42 14.93 54.55 -43.47
N ALA A 43 14.45 54.54 -42.23
CA ALA A 43 13.02 54.51 -41.98
C ALA A 43 12.37 55.80 -42.44
N LEU A 44 12.87 56.95 -41.95
CA LEU A 44 12.34 58.24 -42.39
C LEU A 44 12.43 58.41 -43.89
N ALA A 45 13.45 57.83 -44.52
CA ALA A 45 13.56 57.89 -45.98
C ALA A 45 12.49 57.03 -46.63
N ARG A 46 12.33 55.79 -46.18
CA ARG A 46 11.32 54.90 -46.76
C ARG A 46 9.91 55.33 -46.40
N GLN A 47 9.75 56.09 -45.31
CA GLN A 47 8.43 56.62 -44.96
C GLN A 47 7.98 57.74 -45.89
N ALA A 48 8.91 58.34 -46.64
CA ALA A 48 8.57 59.40 -47.58
C ALA A 48 8.28 58.82 -48.96
N ARG A 63 17.25 51.79 -55.74
CA ARG A 63 17.11 53.14 -55.18
C ARG A 63 17.08 53.09 -53.66
N VAL A 64 15.87 53.20 -53.09
CA VAL A 64 15.74 53.07 -51.65
C VAL A 64 15.81 51.61 -51.23
N ASN A 65 15.32 50.69 -52.06
CA ASN A 65 15.39 49.27 -51.73
C ASN A 65 16.78 48.70 -51.95
N ALA A 66 17.51 49.22 -52.94
CA ALA A 66 18.90 48.79 -53.14
C ALA A 66 19.78 49.24 -51.98
N ALA A 67 19.45 50.36 -51.34
CA ALA A 67 20.19 50.80 -50.16
C ALA A 67 19.74 50.07 -48.91
N ARG A 68 18.49 49.64 -48.85
CA ARG A 68 18.01 48.89 -47.68
C ARG A 68 18.54 47.47 -47.68
N ASN A 69 18.60 46.84 -48.86
CA ASN A 69 19.16 45.49 -48.93
C ASN A 69 20.66 45.49 -48.68
N ALA A 70 21.34 46.60 -48.96
CA ALA A 70 22.77 46.71 -48.66
C ALA A 70 23.04 46.68 -47.17
N ALA A 71 22.06 47.05 -46.35
CA ALA A 71 22.21 47.03 -44.90
C ALA A 71 21.70 45.76 -44.26
N GLN A 72 20.75 45.07 -44.91
CA GLN A 72 20.23 43.82 -44.36
C GLN A 72 21.24 42.68 -44.54
N ARG A 73 21.77 42.52 -45.76
CA ARG A 73 22.74 41.46 -45.99
C ARG A 73 23.99 41.64 -45.13
N SER A 74 24.45 42.88 -44.98
CA SER A 74 25.57 43.14 -44.09
C SER A 74 25.21 42.85 -42.63
N TYR A 75 23.94 43.03 -42.26
CA TYR A 75 23.50 42.65 -40.93
C TYR A 75 23.34 41.13 -40.81
N ASP A 76 22.74 40.50 -41.84
CA ASP A 76 22.57 39.05 -41.80
C ASP A 76 23.90 38.33 -41.75
N GLU A 77 24.90 38.84 -42.46
CA GLU A 77 26.22 38.22 -42.43
C GLU A 77 26.90 38.46 -41.08
N ARG A 78 26.80 39.67 -40.54
CA ARG A 78 27.42 39.96 -39.26
C ARG A 78 26.73 39.22 -38.13
N LEU A 79 25.40 39.09 -38.20
CA LEU A 79 24.68 38.29 -37.21
C LEU A 79 25.14 36.85 -37.24
N ALA A 80 25.28 36.27 -38.43
CA ALA A 80 25.78 34.90 -38.53
C ALA A 80 27.21 34.78 -38.06
N THR A 81 28.02 35.82 -38.29
CA THR A 81 29.41 35.80 -37.82
C THR A 81 29.46 35.85 -36.29
N LEU A 82 28.66 36.71 -35.67
CA LEU A 82 28.64 36.79 -34.21
C LEU A 82 28.02 35.55 -33.59
N ARG A 83 27.05 34.93 -34.26
CA ARG A 83 26.48 33.70 -33.74
C ARG A 83 27.47 32.55 -33.83
N ALA A 84 28.20 32.44 -34.94
CA ALA A 84 29.20 31.39 -35.07
C ALA A 84 30.34 31.59 -34.08
N GLU A 85 30.68 32.83 -33.76
CA GLU A 85 31.72 33.09 -32.76
C GLU A 85 31.24 32.72 -31.36
N ARG A 86 30.01 33.08 -31.02
CA ARG A 86 29.47 32.75 -29.70
C ARG A 86 29.34 31.23 -29.53
N ASP A 87 28.84 30.55 -30.56
CA ASP A 87 28.75 29.09 -30.49
C ASP A 87 30.12 28.45 -30.38
N ALA A 88 31.12 29.02 -31.06
CA ALA A 88 32.48 28.52 -30.92
C ALA A 88 33.05 28.87 -29.54
N ALA A 89 32.74 30.06 -29.03
CA ALA A 89 33.21 30.46 -27.72
C ALA A 89 32.62 29.60 -26.62
N VAL A 90 31.37 29.15 -26.78
CA VAL A 90 30.74 28.28 -25.80
C VAL A 90 31.45 26.92 -25.77
N LEU A 91 31.87 26.43 -26.94
CA LEU A 91 32.52 25.13 -26.99
C LEU A 91 33.90 25.17 -26.34
N VAL A 92 34.59 26.31 -26.37
CA VAL A 92 35.92 26.42 -25.81
C VAL A 92 35.94 27.04 -24.42
N ALA A 93 34.84 27.62 -23.96
CA ALA A 93 34.79 28.17 -22.62
C ALA A 93 35.00 27.06 -21.60
N GLU A 94 35.64 27.43 -20.48
CA GLU A 94 35.93 26.45 -19.45
C GLU A 94 34.63 25.94 -18.82
N GLY A 95 34.47 24.62 -18.80
CA GLY A 95 33.29 24.03 -18.22
C GLY A 95 33.32 24.05 -16.70
N ILE A 96 32.22 23.60 -16.11
CA ILE A 96 32.11 23.47 -14.67
C ILE A 96 32.41 22.03 -14.29
N ASP A 97 32.66 21.81 -13.00
CA ASP A 97 32.80 20.48 -12.44
C ASP A 97 31.40 19.96 -12.13
N VAL A 98 30.89 19.06 -12.99
CA VAL A 98 29.51 18.61 -12.89
C VAL A 98 29.31 17.65 -11.72
N THR A 99 30.39 17.29 -11.04
CA THR A 99 30.32 16.33 -9.94
C THR A 99 30.30 16.99 -8.58
N LEU A 100 30.35 18.32 -8.51
CA LEU A 100 30.36 19.00 -7.22
C LEU A 100 29.12 18.62 -6.42
N PRO A 101 29.23 18.51 -5.09
CA PRO A 101 28.04 18.24 -4.28
C PRO A 101 26.97 19.30 -4.53
N SER A 102 25.72 18.84 -4.64
CA SER A 102 24.61 19.73 -4.94
C SER A 102 23.46 19.61 -3.94
N THR A 103 23.50 18.66 -3.01
CA THR A 103 22.41 18.41 -2.07
C THR A 103 22.57 19.35 -0.88
N ARG A 104 21.84 20.46 -0.89
CA ARG A 104 21.90 21.42 0.21
C ARG A 104 21.08 20.98 1.41
N VAL A 105 20.09 20.12 1.22
N VAL A 105 20.06 20.15 1.20
CA VAL A 105 19.33 19.55 2.33
CA VAL A 105 19.24 19.61 2.26
C VAL A 105 20.22 18.50 3.00
C VAL A 105 19.39 18.09 2.25
N PRO A 106 19.98 18.14 4.27
N PRO A 106 20.25 17.54 3.11
CA PRO A 106 20.80 17.12 4.91
CA PRO A 106 20.49 16.10 3.08
C PRO A 106 20.56 15.73 4.34
C PRO A 106 19.25 15.32 3.48
N ALA A 107 20.22 14.79 5.22
N ALA A 107 18.90 14.33 2.66
CA ALA A 107 19.87 13.44 4.82
CA ALA A 107 17.72 13.52 2.91
C ALA A 107 18.93 12.87 5.86
C ALA A 107 17.81 12.81 4.26
N GLY A 108 17.76 12.40 5.43
N GLY A 108 16.66 12.63 4.90
CA GLY A 108 16.75 11.88 6.31
CA GLY A 108 16.61 11.93 6.16
C GLY A 108 16.45 10.41 6.03
C GLY A 108 16.38 10.44 5.99
N ALA A 109 15.60 9.84 6.88
CA ALA A 109 15.28 8.42 6.78
C ALA A 109 14.08 8.10 7.64
N ARG A 110 13.15 7.32 7.09
CA ARG A 110 12.16 6.65 7.91
C ARG A 110 12.80 5.44 8.59
N HIS A 111 12.27 5.07 9.75
CA HIS A 111 12.91 4.01 10.51
C HIS A 111 12.68 2.66 9.85
N PRO A 112 13.70 1.81 9.79
CA PRO A 112 13.56 0.51 9.10
C PRO A 112 12.46 -0.37 9.67
N ILE A 113 12.17 -0.26 10.97
CA ILE A 113 11.06 -1.03 11.53
C ILE A 113 9.72 -0.51 11.00
N ILE A 114 9.59 0.81 10.88
CA ILE A 114 8.37 1.38 10.29
C ILE A 114 8.22 0.96 8.84
N MET A 115 9.32 0.97 8.08
CA MET A 115 9.25 0.57 6.68
C MET A 115 8.93 -0.91 6.53
N LEU A 116 9.42 -1.75 7.44
CA LEU A 116 9.07 -3.16 7.38
C LEU A 116 7.59 -3.37 7.67
N ALA A 117 7.07 -2.70 8.70
CA ALA A 117 5.64 -2.78 8.99
C ALA A 117 4.80 -2.34 7.80
N GLU A 118 5.27 -1.30 7.09
CA GLU A 118 4.55 -0.82 5.90
C GLU A 118 4.55 -1.88 4.80
N HIS A 119 5.69 -2.55 4.60
CA HIS A 119 5.76 -3.59 3.59
C HIS A 119 4.89 -4.79 3.97
N VAL A 120 4.88 -5.15 5.26
CA VAL A 120 4.02 -6.23 5.73
C VAL A 120 2.56 -5.87 5.54
N ALA A 121 2.18 -4.62 5.87
CA ALA A 121 0.81 -4.18 5.69
C ALA A 121 0.40 -4.24 4.22
N ASP A 122 1.25 -3.73 3.31
CA ASP A 122 0.94 -3.77 1.90
C ASP A 122 0.77 -5.19 1.39
N THR A 123 1.59 -6.12 1.90
CA THR A 123 1.48 -7.52 1.51
C THR A 123 0.08 -8.07 1.79
N PHE A 124 -0.49 -7.75 2.95
CA PHE A 124 -1.77 -8.32 3.33
C PHE A 124 -2.94 -7.54 2.72
N ILE A 125 -2.80 -6.22 2.60
CA ILE A 125 -3.82 -5.43 1.91
C ILE A 125 -3.99 -5.91 0.48
N ALA A 126 -2.88 -6.26 -0.18
CA ALA A 126 -2.93 -6.78 -1.55
C ALA A 126 -3.67 -8.11 -1.64
N MET A 127 -3.93 -8.78 -0.53
CA MET A 127 -4.71 -10.02 -0.50
C MET A 127 -6.12 -9.80 0.04
N GLY A 128 -6.51 -8.56 0.27
CA GLY A 128 -7.86 -8.24 0.73
C GLY A 128 -8.00 -7.99 2.22
N TRP A 129 -6.95 -8.22 3.00
CA TRP A 129 -7.01 -7.97 4.44
C TRP A 129 -7.05 -6.48 4.72
N GLU A 130 -7.36 -6.13 5.97
CA GLU A 130 -7.37 -4.74 6.40
C GLU A 130 -6.55 -4.60 7.68
N LEU A 131 -6.21 -3.36 8.00
CA LEU A 131 -5.34 -3.02 9.12
C LEU A 131 -6.15 -2.35 10.22
N ALA A 132 -6.06 -2.89 11.44
CA ALA A 132 -6.77 -2.36 12.60
C ALA A 132 -5.77 -2.01 13.71
N GLU A 133 -6.19 -1.10 14.58
CA GLU A 133 -5.32 -0.54 15.62
C GLU A 133 -6.06 -0.53 16.95
N GLY A 134 -5.27 -0.36 18.03
CA GLY A 134 -5.81 -0.32 19.37
C GLY A 134 -4.86 0.31 20.37
N PRO A 135 -5.34 0.53 21.59
CA PRO A 135 -4.52 1.21 22.60
C PRO A 135 -3.46 0.31 23.21
N GLU A 136 -2.31 0.93 23.53
CA GLU A 136 -1.22 0.21 24.16
C GLU A 136 -1.48 -0.04 25.65
N VAL A 137 -2.17 0.87 26.33
CA VAL A 137 -2.67 0.63 27.68
C VAL A 137 -4.05 -0.02 27.53
N GLU A 138 -4.14 -1.29 27.91
CA GLU A 138 -5.32 -2.10 27.64
C GLU A 138 -5.89 -2.68 28.93
N THR A 139 -7.17 -3.02 28.89
CA THR A 139 -7.79 -3.72 30.01
C THR A 139 -7.32 -5.17 30.04
N GLU A 140 -7.30 -5.74 31.25
CA GLU A 140 -6.98 -7.16 31.38
C GLU A 140 -8.05 -8.04 30.75
N GLN A 141 -9.28 -7.54 30.62
CA GLN A 141 -10.35 -8.30 30.00
C GLN A 141 -10.01 -8.67 28.56
N PHE A 142 -9.51 -7.71 27.78
CA PHE A 142 -9.19 -7.94 26.38
C PHE A 142 -7.79 -8.50 26.17
N ASN A 143 -6.86 -8.26 27.10
CA ASN A 143 -5.50 -8.77 26.93
C ASN A 143 -5.37 -10.23 27.35
N PHE A 144 -6.15 -10.66 28.35
CA PHE A 144 -5.99 -12.00 28.91
C PHE A 144 -7.30 -12.78 28.92
N ASP A 145 -8.32 -12.26 29.59
CA ASP A 145 -9.53 -13.03 29.85
C ASP A 145 -10.23 -13.44 28.57
N ALA A 146 -10.42 -12.49 27.64
CA ALA A 146 -11.08 -12.81 26.38
C ALA A 146 -10.27 -13.78 25.53
N LEU A 147 -8.97 -13.93 25.82
CA LEU A 147 -8.09 -14.80 25.04
C LEU A 147 -7.81 -16.12 25.74
N ASN A 148 -8.75 -16.59 26.58
CA ASN A 148 -8.72 -17.92 27.19
C ASN A 148 -7.53 -18.11 28.13
N PHE A 149 -6.97 -17.03 28.67
CA PHE A 149 -5.91 -17.15 29.67
C PHE A 149 -6.52 -17.57 31.00
N PRO A 150 -6.14 -18.72 31.55
CA PRO A 150 -6.67 -19.13 32.86
C PRO A 150 -6.00 -18.37 33.99
N ALA A 151 -6.78 -18.07 35.02
CA ALA A 151 -6.25 -17.36 36.19
C ALA A 151 -5.55 -18.32 37.13
N ASP A 152 -4.48 -17.83 37.77
CA ASP A 152 -3.69 -18.59 38.73
C ASP A 152 -3.14 -19.88 38.08
N HIS A 153 -2.58 -19.73 36.89
CA HIS A 153 -2.07 -20.83 36.10
C HIS A 153 -0.78 -20.40 35.43
N PRO A 154 0.16 -21.33 35.22
CA PRO A 154 1.41 -20.95 34.53
C PRO A 154 1.19 -20.36 33.15
N ALA A 155 0.11 -20.72 32.45
CA ALA A 155 -0.17 -20.13 31.15
C ALA A 155 -0.40 -18.63 31.21
N ARG A 156 -0.62 -18.06 32.41
CA ARG A 156 -0.86 -16.64 32.57
C ARG A 156 0.09 -16.07 33.61
N GLY A 157 0.48 -16.89 34.58
CA GLY A 157 1.43 -16.43 35.58
C GLY A 157 2.83 -16.27 35.04
N GLU A 158 3.27 -17.18 34.18
CA GLU A 158 4.58 -17.06 33.55
C GLU A 158 4.66 -15.82 32.67
N GLN A 159 3.55 -15.46 32.03
CA GLN A 159 3.50 -14.27 31.19
C GLN A 159 3.75 -13.02 32.01
N ASP A 160 5.02 -12.67 32.22
CA ASP A 160 5.35 -11.49 33.01
C ASP A 160 4.97 -10.23 32.25
N THR A 161 4.17 -9.38 32.91
CA THR A 161 3.50 -8.27 32.26
C THR A 161 3.79 -6.98 33.01
N PHE A 162 3.89 -5.88 32.27
CA PHE A 162 3.90 -4.55 32.87
C PHE A 162 2.48 -4.21 33.30
N TYR A 163 2.21 -4.29 34.59
CA TYR A 163 0.90 -3.93 35.13
C TYR A 163 0.89 -2.47 35.53
N ILE A 164 -0.29 -1.86 35.42
CA ILE A 164 -0.49 -0.46 35.76
C ILE A 164 -0.78 -0.34 37.25
N ALA A 165 -0.10 0.58 37.92
CA ALA A 165 -0.30 0.78 39.35
C ALA A 165 -1.67 1.41 39.62
N PRO A 166 -2.29 1.11 40.77
CA PRO A 166 -1.80 0.21 41.82
C PRO A 166 -2.01 -1.27 41.50
N GLU A 167 -1.63 -2.15 42.43
CA GLU A 167 -1.80 -3.57 42.23
C GLU A 167 -3.28 -3.94 42.05
N ASP A 168 -3.53 -4.99 41.27
CA ASP A 168 -4.87 -5.51 41.04
C ASP A 168 -5.78 -4.46 40.40
N SER A 169 -5.21 -3.67 39.49
CA SER A 169 -5.98 -2.67 38.75
C SER A 169 -6.57 -3.20 37.46
N ARG A 170 -6.24 -4.45 37.08
CA ARG A 170 -6.76 -5.06 35.85
C ARG A 170 -6.49 -4.20 34.62
N GLN A 171 -5.40 -3.43 34.68
CA GLN A 171 -4.97 -2.57 33.58
C GLN A 171 -3.47 -2.77 33.39
N LEU A 172 -3.04 -2.82 32.13
CA LEU A 172 -1.66 -3.21 31.84
C LEU A 172 -1.26 -2.67 30.48
N LEU A 173 0.04 -2.74 30.21
CA LEU A 173 0.56 -2.59 28.85
C LEU A 173 0.42 -3.92 28.13
N ARG A 174 -0.16 -3.89 26.94
CA ARG A 174 -0.47 -5.13 26.23
C ARG A 174 0.80 -5.91 25.93
N THR A 175 0.74 -7.22 26.17
CA THR A 175 1.83 -8.14 25.89
C THR A 175 1.76 -8.71 24.48
N HIS A 176 0.75 -8.31 23.70
CA HIS A 176 0.55 -8.71 22.31
C HIS A 176 -0.56 -7.82 21.76
N THR A 177 -0.64 -7.74 20.43
CA THR A 177 -1.71 -6.98 19.81
C THR A 177 -2.99 -7.79 19.63
N SER A 178 -3.03 -9.00 20.21
CA SER A 178 -4.24 -9.82 20.16
C SER A 178 -5.49 -9.11 20.69
N PRO A 179 -5.43 -8.26 21.73
CA PRO A 179 -6.64 -7.52 22.12
C PRO A 179 -7.21 -6.64 21.01
N VAL A 180 -6.38 -6.19 20.07
CA VAL A 180 -6.90 -5.46 18.92
C VAL A 180 -7.75 -6.38 18.06
N GLN A 181 -7.36 -7.65 17.95
CA GLN A 181 -8.16 -8.63 17.23
C GLN A 181 -9.49 -8.90 17.95
N ILE A 182 -9.44 -9.00 19.28
CA ILE A 182 -10.66 -9.18 20.06
C ILE A 182 -11.63 -8.02 19.83
N ARG A 183 -11.11 -6.79 19.83
CA ARG A 183 -11.96 -5.62 19.61
C ARG A 183 -12.58 -5.65 18.22
N THR A 184 -11.84 -6.11 17.21
CA THR A 184 -12.37 -6.11 15.85
C THR A 184 -13.49 -7.13 15.70
N LEU A 185 -13.36 -8.30 16.35
CA LEU A 185 -14.44 -9.29 16.29
C LEU A 185 -15.71 -8.78 16.97
N LEU A 186 -15.57 -7.90 17.96
CA LEU A 186 -16.74 -7.34 18.63
C LEU A 186 -17.41 -6.26 17.80
N ALA A 187 -16.65 -5.55 16.96
CA ALA A 187 -17.17 -4.41 16.23
C ALA A 187 -17.54 -4.71 14.78
N ARG A 188 -16.88 -5.66 14.14
CA ARG A 188 -17.09 -5.90 12.71
C ARG A 188 -17.95 -7.14 12.49
N GLU A 189 -18.71 -7.11 11.40
CA GLU A 189 -19.48 -8.27 10.98
C GLU A 189 -18.56 -9.29 10.33
N LEU A 190 -18.87 -10.56 10.55
CA LEU A 190 -18.10 -11.62 9.92
C LEU A 190 -18.34 -11.62 8.40
N PRO A 191 -17.34 -12.05 7.63
CA PRO A 191 -16.04 -12.57 8.08
C PRO A 191 -15.03 -11.46 8.36
N VAL A 192 -13.99 -11.78 9.11
CA VAL A 192 -12.95 -10.82 9.50
C VAL A 192 -11.61 -11.34 9.01
N TYR A 193 -10.88 -10.50 8.26
CA TYR A 193 -9.50 -10.76 7.86
C TYR A 193 -8.72 -9.52 8.21
N ILE A 194 -8.03 -9.53 9.35
CA ILE A 194 -7.52 -8.30 9.94
C ILE A 194 -6.06 -8.49 10.36
N ILE A 195 -5.25 -7.47 10.09
CA ILE A 195 -3.86 -7.39 10.53
C ILE A 195 -3.77 -6.25 11.54
N SER A 196 -2.99 -6.45 12.60
CA SER A 196 -2.73 -5.40 13.58
C SER A 196 -1.22 -5.32 13.80
N ILE A 197 -0.67 -4.14 13.57
CA ILE A 197 0.76 -3.87 13.78
C ILE A 197 0.88 -2.77 14.82
N GLY A 198 1.65 -3.02 15.86
CA GLY A 198 1.80 -2.03 16.91
C GLY A 198 2.84 -2.44 17.93
N ARG A 199 3.12 -1.49 18.82
CA ARG A 199 4.06 -1.75 19.90
C ARG A 199 3.48 -2.74 20.90
N THR A 200 4.34 -3.61 21.41
CA THR A 200 3.97 -4.57 22.45
C THR A 200 5.06 -4.57 23.51
N PHE A 201 4.67 -4.95 24.73
CA PHE A 201 5.51 -4.72 25.90
C PHE A 201 5.67 -6.02 26.67
N ARG A 202 6.92 -6.44 26.88
CA ARG A 202 7.24 -7.60 27.69
C ARG A 202 8.45 -7.27 28.55
N THR A 203 8.56 -7.95 29.70
CA THR A 203 9.60 -7.65 30.68
C THR A 203 10.94 -8.31 30.36
N ASP A 204 11.32 -8.37 29.08
CA ASP A 204 12.60 -8.94 28.69
C ASP A 204 13.67 -7.85 28.72
N GLU A 205 14.85 -8.20 29.23
CA GLU A 205 15.95 -7.25 29.31
C GLU A 205 16.46 -6.91 27.91
N LEU A 206 16.78 -5.64 27.71
CA LEU A 206 17.33 -5.18 26.44
C LEU A 206 18.76 -5.68 26.29
N ASP A 207 19.01 -6.48 25.26
CA ASP A 207 20.36 -6.93 24.94
C ASP A 207 20.49 -7.03 23.42
N ALA A 208 21.47 -7.78 22.94
CA ALA A 208 21.76 -7.83 21.51
C ALA A 208 20.68 -8.55 20.71
N THR A 209 19.81 -9.32 21.36
CA THR A 209 18.81 -10.10 20.65
C THR A 209 17.42 -10.01 21.27
N HIS A 210 17.23 -9.18 22.31
CA HIS A 210 15.91 -8.98 22.91
C HIS A 210 15.72 -7.51 23.22
N THR A 211 14.46 -7.09 23.25
CA THR A 211 14.08 -5.74 23.62
C THR A 211 12.76 -5.78 24.38
N PRO A 212 12.63 -5.02 25.48
CA PRO A 212 11.35 -5.02 26.20
C PRO A 212 10.24 -4.36 25.42
N ILE A 213 10.55 -3.30 24.67
CA ILE A 213 9.59 -2.63 23.82
C ILE A 213 9.87 -3.06 22.39
N PHE A 214 8.93 -3.80 21.80
CA PHE A 214 9.12 -4.27 20.43
C PHE A 214 7.82 -4.09 19.68
N HIS A 215 7.90 -4.30 18.37
CA HIS A 215 6.75 -4.21 17.49
C HIS A 215 6.41 -5.60 16.98
N GLN A 216 5.12 -5.82 16.75
CA GLN A 216 4.60 -7.12 16.40
C GLN A 216 3.55 -6.96 15.32
N VAL A 217 3.57 -7.87 14.34
CA VAL A 217 2.47 -8.01 13.41
C VAL A 217 1.65 -9.23 13.84
N GLU A 218 0.35 -9.03 14.02
CA GLU A 218 -0.58 -10.10 14.31
C GLU A 218 -1.66 -10.14 13.25
N GLY A 219 -2.05 -11.34 12.86
CA GLY A 219 -3.13 -11.54 11.91
C GLY A 219 -4.22 -12.39 12.51
N LEU A 220 -5.46 -12.07 12.16
CA LEU A 220 -6.62 -12.83 12.60
C LEU A 220 -7.61 -12.95 11.45
N ALA A 221 -8.00 -14.19 11.15
CA ALA A 221 -9.02 -14.45 10.14
C ALA A 221 -10.09 -15.33 10.76
N VAL A 222 -11.35 -14.95 10.61
CA VAL A 222 -12.49 -15.71 11.12
C VAL A 222 -13.55 -15.78 10.03
N ASP A 223 -13.88 -16.98 9.60
CA ASP A 223 -14.79 -17.20 8.48
C ASP A 223 -15.32 -18.63 8.57
N ARG A 224 -16.23 -18.97 7.67
CA ARG A 224 -16.77 -20.31 7.62
C ARG A 224 -15.80 -21.23 6.89
N GLY A 225 -15.48 -22.37 7.51
CA GLY A 225 -14.68 -23.39 6.86
C GLY A 225 -13.18 -23.16 6.87
N LEU A 226 -12.67 -22.22 7.67
CA LEU A 226 -11.24 -22.00 7.74
C LEU A 226 -10.56 -23.16 8.46
N SER A 227 -9.42 -23.60 7.93
CA SER A 227 -8.69 -24.75 8.46
C SER A 227 -7.23 -24.39 8.65
N MET A 228 -6.46 -25.37 9.14
CA MET A 228 -5.02 -25.19 9.27
C MET A 228 -4.34 -25.03 7.91
N ALA A 229 -4.91 -25.61 6.87
CA ALA A 229 -4.35 -25.43 5.53
C ALA A 229 -4.43 -23.98 5.08
N HIS A 230 -5.48 -23.26 5.49
CA HIS A 230 -5.58 -21.85 5.17
C HIS A 230 -4.56 -21.03 5.96
N LEU A 231 -4.29 -21.43 7.21
CA LEU A 231 -3.24 -20.80 7.98
C LEU A 231 -1.88 -20.97 7.29
N ARG A 232 -1.57 -22.19 6.85
CA ARG A 232 -0.29 -22.44 6.19
C ARG A 232 -0.18 -21.67 4.89
N GLY A 233 -1.29 -21.54 4.15
CA GLY A 233 -1.27 -20.75 2.93
C GLY A 233 -0.93 -19.30 3.19
N THR A 234 -1.53 -18.72 4.22
CA THR A 234 -1.24 -17.32 4.57
C THR A 234 0.20 -17.16 5.05
N LEU A 235 0.69 -18.13 5.83
CA LEU A 235 2.07 -18.05 6.32
C LEU A 235 3.07 -18.13 5.16
N ASP A 236 2.81 -19.02 4.19
CA ASP A 236 3.74 -19.17 3.07
C ASP A 236 3.73 -17.94 2.17
N ALA A 237 2.54 -17.37 1.92
CA ALA A 237 2.47 -16.13 1.17
C ALA A 237 3.18 -15.00 1.91
N PHE A 238 3.00 -14.94 3.23
CA PHE A 238 3.70 -13.95 4.04
C PHE A 238 5.22 -14.12 3.92
N ALA A 239 5.70 -15.36 4.01
CA ALA A 239 7.14 -15.60 3.96
C ALA A 239 7.72 -15.26 2.59
N ARG A 240 7.00 -15.59 1.51
CA ARG A 240 7.52 -15.32 0.17
C ARG A 240 7.64 -13.84 -0.10
N ALA A 241 6.74 -13.03 0.47
CA ALA A 241 6.78 -11.59 0.21
C ALA A 241 7.89 -10.89 0.99
N GLU A 242 8.27 -11.42 2.15
CA GLU A 242 9.27 -10.77 2.98
C GLU A 242 10.66 -11.38 2.85
N PHE A 243 10.79 -12.57 2.25
CA PHE A 243 12.07 -13.24 2.17
C PHE A 243 12.44 -13.73 0.77
N GLY A 244 11.53 -13.70 -0.19
CA GLY A 244 11.86 -14.05 -1.55
C GLY A 244 11.04 -15.20 -2.10
N PRO A 245 11.17 -15.45 -3.41
CA PRO A 245 10.41 -16.54 -4.03
C PRO A 245 10.77 -17.92 -3.49
N SER A 246 11.97 -18.09 -2.93
CA SER A 246 12.42 -19.37 -2.40
C SER A 246 12.07 -19.55 -0.94
N ALA A 247 11.19 -18.72 -0.38
CA ALA A 247 10.84 -18.81 1.03
C ALA A 247 9.79 -19.88 1.26
N ARG A 248 10.04 -20.74 2.25
CA ARG A 248 9.08 -21.75 2.67
C ARG A 248 9.06 -21.82 4.19
N THR A 249 7.89 -22.10 4.74
CA THR A 249 7.71 -22.17 6.18
C THR A 249 7.64 -23.62 6.65
N ARG A 250 7.63 -23.77 7.97
CA ARG A 250 7.53 -25.06 8.64
C ARG A 250 6.92 -24.83 10.01
N ILE A 251 5.89 -25.60 10.34
CA ILE A 251 5.19 -25.45 11.60
C ILE A 251 5.38 -26.71 12.44
N ARG A 252 5.51 -26.53 13.75
CA ARG A 252 5.64 -27.61 14.70
C ARG A 252 4.76 -27.29 15.91
N PRO A 253 4.23 -28.30 16.57
CA PRO A 253 3.26 -28.06 17.66
C PRO A 253 3.86 -27.25 18.79
N HIS A 254 3.00 -26.45 19.43
CA HIS A 254 3.38 -25.64 20.57
C HIS A 254 2.14 -25.43 21.42
N PHE A 255 2.17 -24.41 22.28
CA PHE A 255 1.02 -24.06 23.11
C PHE A 255 0.89 -22.55 23.19
N PHE A 256 -0.35 -22.07 23.03
CA PHE A 256 -0.73 -20.71 23.37
C PHE A 256 -2.14 -20.80 23.93
N PRO A 257 -2.49 -19.99 24.93
CA PRO A 257 -3.83 -20.13 25.54
C PRO A 257 -4.97 -19.82 24.59
N PHE A 258 -4.77 -18.90 23.64
CA PHE A 258 -5.84 -18.44 22.77
C PHE A 258 -5.98 -19.24 21.49
N THR A 259 -5.15 -20.27 21.30
CA THR A 259 -5.23 -21.12 20.13
C THR A 259 -5.24 -22.58 20.55
N GLU A 260 -5.85 -23.43 19.72
CA GLU A 260 -5.88 -24.87 19.90
C GLU A 260 -6.39 -25.52 18.62
N PRO A 261 -5.54 -26.21 17.85
CA PRO A 261 -4.11 -26.43 18.12
C PRO A 261 -3.26 -25.17 17.95
N SER A 262 -2.07 -25.20 18.55
CA SER A 262 -1.12 -24.09 18.48
C SER A 262 0.18 -24.59 17.86
N ALA A 263 0.92 -23.67 17.24
CA ALA A 263 2.16 -24.04 16.56
C ALA A 263 3.10 -22.84 16.55
N GLU A 264 4.38 -23.13 16.33
CA GLU A 264 5.38 -22.12 16.06
C GLU A 264 5.83 -22.25 14.60
N VAL A 265 6.23 -21.11 14.02
CA VAL A 265 6.56 -21.03 12.61
C VAL A 265 8.05 -20.81 12.46
N ASP A 266 8.68 -21.64 11.62
CA ASP A 266 10.06 -21.45 11.19
C ASP A 266 10.06 -21.07 9.71
N VAL A 267 11.09 -20.35 9.29
CA VAL A 267 11.19 -19.89 7.91
C VAL A 267 12.52 -20.31 7.31
N TRP A 268 12.56 -20.34 5.99
CA TRP A 268 13.73 -20.78 5.24
C TRP A 268 13.72 -20.04 3.91
N PHE A 269 14.86 -19.47 3.54
CA PHE A 269 14.98 -18.81 2.24
C PHE A 269 16.43 -18.93 1.77
N ALA A 270 16.61 -18.88 0.45
CA ALA A 270 17.92 -19.08 -0.14
C ALA A 270 18.85 -17.93 0.21
N ASN A 271 20.12 -18.26 0.45
CA ASN A 271 21.17 -17.30 0.77
C ASN A 271 20.81 -16.49 2.02
N LYS A 272 20.55 -17.21 3.10
CA LYS A 272 20.26 -16.58 4.38
C LYS A 272 21.57 -16.16 5.05
N ILE A 273 21.50 -15.03 5.78
CA ILE A 273 22.70 -14.49 6.42
C ILE A 273 23.26 -15.47 7.44
N GLY A 274 22.48 -15.76 8.48
CA GLY A 274 22.94 -16.63 9.55
C GLY A 274 22.84 -18.11 9.24
N GLY A 275 23.58 -18.56 8.23
CA GLY A 275 23.56 -19.95 7.84
C GLY A 275 22.50 -20.25 6.80
N ALA A 276 21.86 -21.42 6.93
CA ALA A 276 20.82 -21.78 5.97
C ALA A 276 19.81 -22.78 6.52
N ALA A 277 19.63 -22.88 7.83
CA ALA A 277 18.72 -23.84 8.43
C ALA A 277 17.37 -23.16 8.72
N TRP A 278 16.57 -23.78 9.57
CA TRP A 278 15.29 -23.20 9.97
C TRP A 278 15.49 -22.22 11.12
N VAL A 279 14.98 -21.00 10.95
CA VAL A 279 15.04 -19.97 11.98
C VAL A 279 13.62 -19.70 12.48
N GLU A 280 13.47 -19.64 13.81
CA GLU A 280 12.17 -19.37 14.40
C GLU A 280 11.67 -17.99 13.98
N TRP A 281 10.39 -17.94 13.62
CA TRP A 281 9.77 -16.70 13.16
C TRP A 281 8.67 -16.21 14.09
N GLY A 282 7.73 -17.08 14.45
CA GLY A 282 6.66 -16.66 15.32
C GLY A 282 5.73 -17.80 15.68
N GLY A 283 4.55 -17.44 16.17
CA GLY A 283 3.57 -18.43 16.59
C GLY A 283 2.27 -18.33 15.82
N CYS A 284 1.43 -19.35 15.90
CA CYS A 284 0.20 -19.41 15.12
C CYS A 284 -0.70 -20.50 15.71
N GLY A 285 -1.89 -20.63 15.13
CA GLY A 285 -2.81 -21.66 15.53
C GLY A 285 -4.24 -21.32 15.16
N MET A 286 -5.13 -22.27 15.41
CA MET A 286 -6.55 -22.06 15.22
C MET A 286 -7.15 -21.38 16.44
N VAL A 287 -7.99 -20.36 16.20
CA VAL A 287 -8.59 -19.61 17.30
C VAL A 287 -9.36 -20.55 18.21
N HIS A 288 -9.10 -20.46 19.51
CA HIS A 288 -9.73 -21.33 20.48
C HIS A 288 -11.23 -21.07 20.52
N PRO A 289 -12.06 -22.11 20.54
CA PRO A 289 -13.52 -21.89 20.56
C PRO A 289 -13.99 -21.07 21.74
N ASN A 290 -13.26 -21.07 22.86
CA ASN A 290 -13.63 -20.20 23.98
C ASN A 290 -13.46 -18.73 23.62
N VAL A 291 -12.45 -18.41 22.81
CA VAL A 291 -12.27 -17.04 22.35
C VAL A 291 -13.44 -16.62 21.47
N LEU A 292 -13.88 -17.51 20.58
CA LEU A 292 -15.02 -17.19 19.73
C LEU A 292 -16.28 -16.99 20.56
N ARG A 293 -16.48 -17.83 21.58
CA ARG A 293 -17.66 -17.68 22.43
C ARG A 293 -17.62 -16.40 23.25
N ALA A 294 -16.42 -15.96 23.63
CA ALA A 294 -16.28 -14.69 24.36
C ALA A 294 -16.52 -13.48 23.47
N THR A 295 -16.52 -13.64 22.15
CA THR A 295 -16.82 -12.56 21.22
C THR A 295 -18.15 -12.75 20.51
N GLY A 296 -19.00 -13.64 21.02
CA GLY A 296 -20.33 -13.82 20.46
C GLY A 296 -20.39 -14.54 19.14
N ILE A 297 -19.38 -15.37 18.83
CA ILE A 297 -19.30 -16.09 17.57
C ILE A 297 -19.52 -17.57 17.84
N ASP A 298 -20.40 -18.19 17.05
CA ASP A 298 -20.71 -19.62 17.20
C ASP A 298 -19.58 -20.46 16.63
N PRO A 299 -18.84 -21.18 17.46
CA PRO A 299 -17.73 -22.00 16.95
C PRO A 299 -18.17 -23.17 16.09
N ASP A 300 -19.47 -23.51 16.09
CA ASP A 300 -19.97 -24.55 15.20
C ASP A 300 -20.15 -24.07 13.78
N LEU A 301 -20.28 -22.76 13.56
CA LEU A 301 -20.43 -22.21 12.23
C LEU A 301 -19.18 -21.50 11.72
N TYR A 302 -18.35 -20.94 12.61
CA TYR A 302 -17.17 -20.19 12.22
C TYR A 302 -15.93 -20.78 12.86
N SER A 303 -14.84 -20.81 12.09
CA SER A 303 -13.52 -21.15 12.59
C SER A 303 -12.56 -20.02 12.20
N GLY A 304 -11.35 -20.07 12.75
CA GLY A 304 -10.40 -19.02 12.48
C GLY A 304 -9.00 -19.41 12.84
N PHE A 305 -8.04 -18.66 12.29
CA PHE A 305 -6.63 -18.85 12.60
C PHE A 305 -6.00 -17.50 12.91
N ALA A 306 -4.88 -17.55 13.63
CA ALA A 306 -4.15 -16.35 14.04
C ALA A 306 -2.66 -16.62 13.97
N PHE A 307 -1.89 -15.55 13.85
CA PHE A 307 -0.44 -15.65 13.82
C PHE A 307 0.17 -14.35 14.33
N GLY A 308 1.44 -14.43 14.73
CA GLY A 308 2.13 -13.28 15.26
C GLY A 308 3.64 -13.39 15.16
N MET A 309 4.30 -12.34 14.65
CA MET A 309 5.74 -12.31 14.52
C MET A 309 6.27 -10.97 15.00
N GLY A 310 7.45 -10.99 15.60
CA GLY A 310 8.12 -9.75 15.99
C GLY A 310 8.79 -9.10 14.79
N LEU A 311 8.58 -7.79 14.64
CA LEU A 311 9.20 -7.07 13.53
C LEU A 311 10.71 -6.92 13.74
N GLU A 312 11.13 -6.57 14.96
CA GLU A 312 12.56 -6.47 15.25
C GLU A 312 13.25 -7.81 14.98
N ARG A 313 12.62 -8.92 15.37
CA ARG A 313 13.21 -10.22 15.09
C ARG A 313 13.27 -10.48 13.59
N THR A 314 12.21 -10.14 12.86
CA THR A 314 12.19 -10.32 11.41
C THR A 314 13.33 -9.56 10.75
N LEU A 315 13.47 -8.27 11.08
CA LEU A 315 14.53 -7.47 10.49
C LEU A 315 15.91 -8.01 10.84
N GLN A 316 16.07 -8.59 12.03
CA GLN A 316 17.38 -9.02 12.48
C GLN A 316 17.94 -10.13 11.61
N PHE A 317 17.12 -11.10 11.21
CA PHE A 317 17.63 -12.17 10.36
C PHE A 317 17.33 -11.98 8.88
N ARG A 318 16.44 -11.04 8.52
CA ARG A 318 16.31 -10.70 7.10
C ARG A 318 17.49 -9.87 6.63
N ASN A 319 18.06 -9.03 7.50
CA ASN A 319 19.17 -8.17 7.14
C ASN A 319 20.49 -8.58 7.77
N GLY A 320 20.49 -9.46 8.77
CA GLY A 320 21.71 -9.80 9.45
C GLY A 320 22.20 -8.74 10.40
N ILE A 321 21.30 -8.08 11.11
CA ILE A 321 21.68 -7.01 12.02
C ILE A 321 22.19 -7.62 13.33
N PRO A 322 23.37 -7.26 13.80
CA PRO A 322 23.95 -7.93 14.97
C PRO A 322 23.32 -7.51 16.30
N ASP A 323 23.22 -6.21 16.55
CA ASP A 323 22.81 -5.69 17.85
C ASP A 323 21.40 -5.09 17.75
N MET A 324 20.43 -5.75 18.38
CA MET A 324 19.06 -5.24 18.41
C MET A 324 18.96 -3.91 19.14
N ARG A 325 19.94 -3.58 19.99
CA ARG A 325 19.91 -2.30 20.69
C ARG A 325 20.01 -1.12 19.73
N ASP A 326 20.66 -1.32 18.57
CA ASP A 326 20.73 -0.24 17.59
C ASP A 326 19.37 0.02 16.92
N MET A 327 18.48 -0.97 16.91
CA MET A 327 17.16 -0.77 16.32
C MET A 327 16.29 0.19 17.11
N VAL A 328 16.54 0.37 18.39
CA VAL A 328 15.61 1.08 19.27
C VAL A 328 16.23 2.32 19.93
N GLU A 329 17.54 2.52 19.85
CA GLU A 329 18.16 3.63 20.57
C GLU A 329 18.13 4.95 19.82
N GLY A 330 17.88 4.94 18.52
CA GLY A 330 17.68 6.17 17.78
C GLY A 330 18.94 6.85 17.27
N ASP A 331 20.04 6.13 17.13
CA ASP A 331 21.24 6.71 16.53
C ASP A 331 21.03 6.86 15.03
N VAL A 332 21.34 8.04 14.50
CA VAL A 332 21.12 8.27 13.08
C VAL A 332 21.99 7.38 12.22
N ARG A 333 23.10 6.86 12.76
CA ARG A 333 23.94 5.94 12.00
C ARG A 333 23.23 4.63 11.69
N PHE A 334 22.21 4.27 12.47
CA PHE A 334 21.48 3.04 12.15
C PHE A 334 20.44 3.26 11.05
N SER A 335 19.78 4.42 11.06
CA SER A 335 18.65 4.65 10.16
C SER A 335 19.08 5.10 8.78
N LEU A 336 20.06 6.01 8.70
CA LEU A 336 20.40 6.64 7.43
C LEU A 336 20.83 5.66 6.33
N PRO A 337 21.56 4.58 6.60
CA PRO A 337 21.88 3.63 5.51
C PRO A 337 20.65 3.05 4.82
N PHE A 338 19.47 3.08 5.45
CA PHE A 338 18.28 2.52 4.83
C PHE A 338 17.63 3.45 3.83
N GLY A 339 18.15 4.65 3.65
CA GLY A 339 17.59 5.58 2.70
C GLY A 339 16.35 6.28 3.23
N VAL A 340 15.75 7.09 2.34
CA VAL A 340 14.65 7.95 2.75
C VAL A 340 13.41 7.12 3.09
N GLY A 341 13.09 6.15 2.25
CA GLY A 341 11.91 5.33 2.47
C GLY A 341 10.86 5.52 1.40
N ALA A 342 9.71 6.08 1.79
CA ALA A 342 8.60 6.34 0.86
C ALA A 342 8.14 5.07 0.15
N SER B 2 10.21 -22.76 36.82
CA SER B 2 10.22 -22.67 35.36
C SER B 2 9.59 -23.91 34.74
N ASN B 3 9.84 -24.11 33.45
CA ASN B 3 9.28 -25.21 32.69
C ASN B 3 10.34 -26.23 32.27
N ALA B 4 11.50 -26.23 32.95
CA ALA B 4 12.61 -27.05 32.52
C ALA B 4 12.45 -28.50 33.01
N MET B 5 12.70 -29.45 32.11
CA MET B 5 12.75 -30.87 32.44
C MET B 5 14.04 -31.43 31.88
N ARG B 6 14.89 -31.96 32.75
CA ARG B 6 16.18 -32.54 32.37
C ARG B 6 16.17 -34.02 32.71
N LEU B 7 16.63 -34.85 31.77
CA LEU B 7 16.69 -36.28 32.03
C LEU B 7 17.69 -36.92 31.09
N PRO B 8 18.36 -37.99 31.51
CA PRO B 8 19.30 -38.67 30.62
C PRO B 8 18.59 -39.64 29.68
N TYR B 9 19.14 -39.76 28.47
CA TYR B 9 18.53 -40.62 27.46
C TYR B 9 18.45 -42.07 27.93
N SER B 10 19.49 -42.54 28.64
CA SER B 10 19.52 -43.95 29.05
C SER B 10 18.31 -44.32 29.90
N TRP B 11 17.88 -43.42 30.79
CA TRP B 11 16.70 -43.71 31.61
C TRP B 11 15.43 -43.65 30.77
N LEU B 12 15.33 -42.67 29.88
CA LEU B 12 14.18 -42.58 28.98
C LEU B 12 14.09 -43.80 28.09
N ARG B 13 15.22 -44.25 27.54
CA ARG B 13 15.21 -45.45 26.70
C ARG B 13 14.78 -46.67 27.49
N GLU B 14 15.26 -46.81 28.73
CA GLU B 14 14.92 -47.97 29.56
C GLU B 14 13.41 -48.09 29.74
N VAL B 15 12.75 -46.96 30.03
CA VAL B 15 11.30 -47.00 30.24
C VAL B 15 10.56 -47.31 28.94
N VAL B 16 11.01 -46.73 27.83
CA VAL B 16 10.40 -47.04 26.53
C VAL B 16 10.63 -48.51 26.17
N ALA B 17 11.82 -49.04 26.48
CA ALA B 17 12.22 -50.37 26.03
C ALA B 17 11.47 -51.50 26.75
N VAL B 18 10.80 -51.21 27.86
CA VAL B 18 10.04 -52.26 28.55
C VAL B 18 8.95 -52.79 27.63
N GLY B 19 8.22 -51.90 26.96
CA GLY B 19 7.22 -52.30 25.99
C GLY B 19 7.73 -52.46 24.58
N ALA B 20 8.93 -51.96 24.28
CA ALA B 20 9.52 -52.00 22.94
C ALA B 20 10.97 -52.45 23.10
N SER B 21 11.16 -53.75 23.36
CA SER B 21 12.49 -54.28 23.59
C SER B 21 13.39 -53.98 22.40
N GLY B 22 14.58 -53.46 22.69
CA GLY B 22 15.53 -53.10 21.67
C GLY B 22 15.39 -51.71 21.09
N TRP B 23 14.43 -50.91 21.56
CA TRP B 23 14.26 -49.56 21.05
C TRP B 23 15.50 -48.72 21.36
N ASP B 24 15.97 -47.99 20.35
CA ASP B 24 17.20 -47.21 20.46
C ASP B 24 17.33 -46.27 19.25
N VAL B 25 17.40 -44.96 19.49
CA VAL B 25 17.52 -43.98 18.42
C VAL B 25 18.69 -43.06 18.74
N THR B 26 19.23 -42.44 17.70
CA THR B 26 20.29 -41.46 17.88
C THR B 26 19.74 -40.21 18.55
N PRO B 27 20.58 -39.45 19.24
CA PRO B 27 20.10 -38.21 19.87
C PRO B 27 19.58 -37.19 18.87
N GLY B 28 20.14 -37.15 17.66
CA GLY B 28 19.63 -36.24 16.64
C GLY B 28 18.22 -36.58 16.21
N GLU B 29 17.93 -37.87 16.04
CA GLU B 29 16.57 -38.28 15.67
C GLU B 29 15.60 -38.06 16.83
N LEU B 30 16.03 -38.36 18.06
CA LEU B 30 15.16 -38.14 19.21
C LEU B 30 14.79 -36.66 19.32
N GLU B 31 15.76 -35.77 19.15
CA GLU B 31 15.48 -34.34 19.20
C GLU B 31 14.45 -33.94 18.15
N GLN B 32 14.58 -34.45 16.93
CA GLN B 32 13.62 -34.11 15.87
C GLN B 32 12.25 -34.69 16.17
N THR B 33 12.19 -35.91 16.68
CA THR B 33 10.89 -36.50 17.01
C THR B 33 10.20 -35.71 18.11
N LEU B 34 10.95 -35.33 19.15
CA LEU B 34 10.38 -34.52 20.22
C LEU B 34 9.87 -33.18 19.71
N LEU B 35 10.66 -32.51 18.87
CA LEU B 35 10.22 -31.26 18.28
C LEU B 35 8.96 -31.44 17.45
N ARG B 36 8.89 -32.53 16.71
CA ARG B 36 7.77 -32.75 15.78
C ARG B 36 6.45 -32.96 16.51
N ILE B 37 6.48 -33.50 17.73
CA ILE B 37 5.25 -33.73 18.47
C ILE B 37 4.96 -32.63 19.48
N GLY B 38 5.86 -31.65 19.61
CA GLY B 38 5.54 -30.46 20.37
C GLY B 38 6.36 -30.18 21.60
N HIS B 39 7.49 -30.86 21.78
CA HIS B 39 8.35 -30.68 22.94
C HIS B 39 9.62 -29.96 22.51
N GLU B 40 9.81 -28.75 23.04
CA GLU B 40 10.98 -27.96 22.69
C GLU B 40 12.21 -28.49 23.40
N VAL B 41 13.24 -28.81 22.64
CA VAL B 41 14.52 -29.27 23.18
C VAL B 41 15.43 -28.07 23.28
N GLU B 42 15.72 -27.63 24.50
CA GLU B 42 16.57 -26.46 24.68
C GLU B 42 18.04 -26.80 24.47
N GLU B 43 18.47 -27.99 24.90
CA GLU B 43 19.87 -28.35 24.76
C GLU B 43 20.02 -29.86 24.82
N VAL B 44 20.98 -30.37 24.06
CA VAL B 44 21.34 -31.78 24.04
C VAL B 44 22.80 -31.87 24.46
N ILE B 45 23.07 -32.48 25.62
CA ILE B 45 24.37 -32.41 26.26
C ILE B 45 24.93 -33.83 26.39
N PRO B 46 25.84 -34.22 25.51
CA PRO B 46 26.53 -35.51 25.70
C PRO B 46 27.51 -35.44 26.86
N LEU B 47 27.62 -36.55 27.60
CA LEU B 47 28.58 -36.64 28.68
C LEU B 47 29.96 -37.01 28.13
N GLY B 48 30.99 -36.75 28.94
CA GLY B 48 32.35 -36.96 28.52
C GLY B 48 32.74 -36.02 27.39
N PRO B 49 33.53 -36.52 26.42
CA PRO B 49 34.06 -37.89 26.39
C PRO B 49 35.45 -37.99 27.01
N VAL B 50 35.85 -39.20 27.39
CA VAL B 50 37.19 -39.48 27.87
C VAL B 50 37.82 -40.53 26.96
N ASP B 51 39.15 -40.61 27.01
CA ASP B 51 39.88 -41.63 26.28
C ASP B 51 41.11 -41.99 27.09
N GLY B 52 41.61 -43.20 26.86
CA GLY B 52 42.78 -43.66 27.55
C GLY B 52 42.47 -44.18 28.94
N PRO B 53 43.49 -44.31 29.79
CA PRO B 53 43.29 -44.93 31.10
C PRO B 53 42.58 -44.04 32.11
N VAL B 54 41.24 -44.08 32.10
CA VAL B 54 40.40 -43.45 33.12
C VAL B 54 39.71 -44.58 33.88
N THR B 55 40.02 -44.72 35.17
CA THR B 55 39.66 -45.93 35.90
C THR B 55 39.21 -45.58 37.31
N VAL B 56 38.47 -46.50 37.92
CA VAL B 56 38.05 -46.35 39.30
C VAL B 56 39.21 -46.69 40.23
N GLY B 57 39.42 -45.86 41.24
CA GLY B 57 40.46 -46.10 42.23
C GLY B 57 39.90 -46.03 43.63
N ARG B 58 40.71 -46.48 44.59
CA ARG B 58 40.39 -46.37 46.01
C ARG B 58 41.54 -45.68 46.72
N VAL B 59 41.23 -44.64 47.48
CA VAL B 59 42.26 -43.90 48.22
C VAL B 59 42.70 -44.78 49.39
N ALA B 60 43.94 -45.26 49.35
CA ALA B 60 44.45 -46.17 50.37
C ALA B 60 45.31 -45.48 51.42
N ASP B 61 45.81 -44.28 51.13
CA ASP B 61 46.57 -43.52 52.12
C ASP B 61 46.51 -42.05 51.72
N ILE B 62 46.69 -41.19 52.72
CA ILE B 62 46.70 -39.74 52.51
C ILE B 62 47.85 -39.15 53.33
N GLU B 63 48.75 -38.44 52.67
CA GLU B 63 49.82 -37.70 53.33
C GLU B 63 49.58 -36.21 53.14
N GLU B 64 49.44 -35.49 54.25
CA GLU B 64 49.19 -34.06 54.20
C GLU B 64 50.51 -33.32 53.95
N LEU B 65 50.60 -32.63 52.81
CA LEU B 65 51.77 -31.84 52.49
C LEU B 65 51.59 -30.43 53.03
N THR B 66 52.44 -30.03 53.96
CA THR B 66 52.33 -28.74 54.62
C THR B 66 53.35 -27.76 54.06
N GLY B 67 53.21 -26.50 54.46
CA GLY B 67 54.12 -25.45 54.04
C GLY B 67 53.78 -24.78 52.73
N TYR B 68 52.56 -24.92 52.24
CA TYR B 68 52.14 -24.33 50.98
C TYR B 68 50.94 -23.41 51.21
N LYS B 69 50.49 -22.78 50.13
CA LYS B 69 49.39 -21.83 50.22
C LYS B 69 48.11 -22.51 50.69
N LYS B 70 47.74 -23.62 50.05
CA LYS B 70 46.56 -24.40 50.38
C LYS B 70 46.97 -25.79 50.83
N PRO B 71 46.12 -26.47 51.60
CA PRO B 71 46.43 -27.86 51.97
C PRO B 71 46.48 -28.76 50.74
N ILE B 72 47.52 -29.57 50.67
CA ILE B 72 47.79 -30.45 49.53
C ILE B 72 47.95 -31.88 50.05
N ARG B 73 47.46 -32.84 49.29
CA ARG B 73 47.47 -34.25 49.69
C ARG B 73 48.28 -35.08 48.70
N ALA B 74 49.20 -35.88 49.23
CA ALA B 74 49.90 -36.91 48.47
C ALA B 74 49.22 -38.23 48.77
N CYS B 75 48.53 -38.80 47.77
CA CYS B 75 47.67 -39.96 47.98
C CYS B 75 48.23 -41.18 47.28
N ALA B 76 48.20 -42.31 47.99
CA ALA B 76 48.41 -43.61 47.39
C ALA B 76 47.04 -44.16 46.96
N VAL B 77 46.89 -44.48 45.69
CA VAL B 77 45.60 -44.85 45.12
C VAL B 77 45.71 -46.25 44.53
N ASP B 78 44.81 -47.14 44.96
CA ASP B 78 44.70 -48.49 44.41
C ASP B 78 43.89 -48.44 43.13
N ILE B 79 44.49 -48.85 42.01
CA ILE B 79 43.79 -48.90 40.74
C ILE B 79 43.55 -50.34 40.29
N GLY B 80 43.66 -51.30 41.20
CA GLY B 80 43.33 -52.68 40.90
C GLY B 80 44.50 -53.58 40.59
N ASP B 81 45.74 -53.06 40.60
CA ASP B 81 46.91 -53.91 40.40
C ASP B 81 47.78 -53.89 41.66
N ARG B 82 48.94 -54.51 41.56
CA ARG B 82 49.83 -54.65 42.72
C ARG B 82 50.69 -53.41 42.97
N GLN B 83 50.54 -52.36 42.18
CA GLN B 83 51.34 -51.14 42.34
C GLN B 83 50.39 -49.96 42.53
N TYR B 84 50.25 -49.50 43.77
CA TYR B 84 49.43 -48.33 44.04
C TYR B 84 50.07 -47.10 43.39
N ARG B 85 49.23 -46.21 42.87
CA ARG B 85 49.70 -45.01 42.20
C ARG B 85 49.78 -43.84 43.19
N GLU B 86 50.83 -43.04 43.04
CA GLU B 86 51.03 -41.86 43.89
C GLU B 86 50.49 -40.64 43.15
N ILE B 87 49.46 -40.01 43.71
CA ILE B 87 48.74 -38.93 43.04
C ILE B 87 48.61 -37.76 44.00
N ILE B 88 48.89 -36.55 43.48
CA ILE B 88 48.76 -35.32 44.24
C ILE B 88 47.40 -34.70 43.93
N CYS B 89 46.70 -34.24 44.97
CA CYS B 89 45.37 -33.69 44.81
C CYS B 89 45.17 -32.55 45.79
N GLY B 90 44.60 -31.45 45.30
CA GLY B 90 44.31 -30.30 46.14
C GLY B 90 42.95 -30.32 46.82
N ALA B 91 42.07 -31.22 46.41
CA ALA B 91 40.75 -31.31 47.03
C ALA B 91 40.86 -31.87 48.45
N THR B 92 39.84 -31.60 49.26
CA THR B 92 39.81 -32.06 50.63
C THR B 92 38.53 -32.82 50.98
N ASN B 93 37.65 -33.08 50.00
CA ASN B 93 36.35 -33.67 50.25
C ASN B 93 36.35 -35.20 50.18
N PHE B 94 37.45 -35.86 50.55
CA PHE B 94 37.49 -37.31 50.54
C PHE B 94 38.36 -37.81 51.67
N ALA B 95 38.28 -39.11 51.93
CA ALA B 95 39.03 -39.73 53.02
C ALA B 95 39.55 -41.08 52.56
N VAL B 96 40.44 -41.67 53.37
CA VAL B 96 40.95 -43.01 53.08
C VAL B 96 39.80 -44.00 53.00
N GLY B 97 39.84 -44.86 52.00
CA GLY B 97 38.78 -45.82 51.74
C GLY B 97 37.79 -45.41 50.68
N ASP B 98 37.78 -44.14 50.28
CA ASP B 98 36.80 -43.66 49.31
C ASP B 98 37.11 -44.17 47.91
N LEU B 99 36.06 -44.38 47.13
CA LEU B 99 36.17 -44.66 45.70
C LEU B 99 36.21 -43.35 44.93
N VAL B 100 37.16 -43.24 44.01
CA VAL B 100 37.34 -42.05 43.20
C VAL B 100 37.57 -42.47 41.75
N VAL B 101 37.70 -41.49 40.87
CA VAL B 101 37.95 -41.71 39.45
C VAL B 101 39.30 -41.10 39.11
N VAL B 102 40.19 -41.93 38.58
CA VAL B 102 41.58 -41.55 38.34
C VAL B 102 41.83 -41.49 36.83
N ALA B 103 42.38 -40.37 36.38
CA ALA B 103 42.88 -40.24 35.02
C ALA B 103 44.39 -40.39 35.07
N LEU B 104 44.91 -41.44 34.44
CA LEU B 104 46.32 -41.78 34.45
C LEU B 104 47.04 -41.15 33.27
N PRO B 105 48.37 -41.07 33.31
CA PRO B 105 49.11 -40.50 32.18
C PRO B 105 48.75 -41.16 30.86
N GLY B 106 48.50 -40.34 29.85
CA GLY B 106 48.02 -40.81 28.57
C GLY B 106 46.53 -40.67 28.35
N ALA B 107 45.76 -40.41 29.41
CA ALA B 107 44.32 -40.22 29.27
C ALA B 107 44.01 -38.85 28.70
N THR B 108 42.85 -38.75 28.05
CA THR B 108 42.37 -37.50 27.49
C THR B 108 41.03 -37.16 28.11
N LEU B 109 40.94 -36.00 28.75
CA LEU B 109 39.71 -35.52 29.36
C LEU B 109 39.08 -34.42 28.50
N PRO B 110 37.78 -34.18 28.65
CA PRO B 110 37.15 -33.11 27.88
C PRO B 110 37.57 -31.74 28.40
N GLY B 111 38.02 -30.87 27.48
CA GLY B 111 38.17 -31.23 26.09
C GLY B 111 39.59 -31.01 25.60
N GLY B 112 40.20 -32.07 25.08
CA GLY B 112 41.58 -31.98 24.63
C GLY B 112 42.61 -31.86 25.73
N PHE B 113 42.24 -32.15 26.97
N PHE B 113 42.23 -32.14 26.97
CA PHE B 113 43.17 -32.08 28.10
CA PHE B 113 43.14 -32.11 28.11
C PHE B 113 43.86 -33.43 28.22
C PHE B 113 43.85 -33.45 28.19
N THR B 114 45.12 -33.49 27.80
CA THR B 114 45.92 -34.71 27.86
C THR B 114 46.59 -34.79 29.23
N ILE B 115 46.53 -35.98 29.84
CA ILE B 115 47.08 -36.20 31.17
C ILE B 115 48.48 -36.76 31.04
N SER B 116 49.41 -36.21 31.82
CA SER B 116 50.77 -36.72 31.88
C SER B 116 51.28 -36.59 33.31
N ALA B 117 52.29 -37.38 33.64
CA ALA B 117 52.91 -37.31 34.96
C ALA B 117 53.56 -35.94 35.15
N ARG B 118 53.28 -35.32 36.29
CA ARG B 118 53.76 -33.98 36.60
C ARG B 118 54.63 -34.01 37.85
N LYS B 119 55.29 -32.88 38.10
CA LYS B 119 56.15 -32.69 39.26
C LYS B 119 55.59 -31.48 40.02
N ALA B 120 54.67 -31.73 40.94
CA ALA B 120 53.97 -30.69 41.66
C ALA B 120 54.22 -30.81 43.16
N TYR B 121 54.49 -29.67 43.80
CA TYR B 121 54.66 -29.58 45.25
C TYR B 121 55.76 -30.51 45.74
N GLY B 122 56.88 -30.55 45.01
CA GLY B 122 58.02 -31.37 45.37
C GLY B 122 57.81 -32.86 45.23
N ARG B 123 56.67 -33.30 44.72
CA ARG B 123 56.37 -34.71 44.53
C ARG B 123 56.13 -35.01 43.07
N ASN B 124 56.01 -36.29 42.75
CA ASN B 124 55.72 -36.77 41.41
C ASN B 124 54.28 -37.29 41.40
N SER B 125 53.42 -36.61 40.66
CA SER B 125 52.02 -37.01 40.56
C SER B 125 51.85 -37.91 39.33
N ASP B 126 51.41 -39.14 39.56
CA ASP B 126 51.24 -40.13 38.50
C ASP B 126 49.80 -40.16 38.00
N GLY B 127 49.28 -39.00 37.61
CA GLY B 127 47.90 -38.88 37.20
C GLY B 127 47.15 -37.87 38.04
N MET B 128 45.82 -37.94 38.01
CA MET B 128 45.01 -37.00 38.77
C MET B 128 43.72 -37.68 39.21
N ILE B 129 43.21 -37.22 40.35
CA ILE B 129 41.87 -37.56 40.81
C ILE B 129 40.90 -36.52 40.27
N CYS B 130 39.82 -36.98 39.64
CA CYS B 130 39.00 -36.11 38.81
C CYS B 130 37.76 -35.62 39.53
N SER B 131 37.35 -34.40 39.20
CA SER B 131 36.07 -33.85 39.62
C SER B 131 35.01 -34.15 38.57
N ALA B 132 33.75 -34.02 38.98
CA ALA B 132 32.64 -34.25 38.05
C ALA B 132 32.73 -33.30 36.86
N ALA B 133 33.16 -32.05 37.09
CA ALA B 133 33.26 -31.08 36.01
C ALA B 133 34.36 -31.45 35.03
N GLU B 134 35.50 -31.93 35.53
CA GLU B 134 36.60 -32.34 34.66
C GLU B 134 36.24 -33.54 33.80
N LEU B 135 35.29 -34.36 34.24
CA LEU B 135 34.81 -35.50 33.48
C LEU B 135 33.64 -35.16 32.57
N ASN B 136 33.13 -33.92 32.65
CA ASN B 136 31.89 -33.53 31.99
C ASN B 136 30.76 -34.49 32.37
N LEU B 137 30.69 -34.83 33.66
CA LEU B 137 29.58 -35.58 34.23
C LEU B 137 28.58 -34.68 34.94
N GLY B 138 29.08 -33.65 35.62
CA GLY B 138 28.24 -32.68 36.29
C GLY B 138 28.99 -31.39 36.49
N ALA B 139 28.37 -30.48 37.24
CA ALA B 139 28.92 -29.15 37.41
C ALA B 139 29.86 -29.01 38.60
N ASP B 140 29.94 -30.00 39.48
CA ASP B 140 30.71 -29.87 40.70
C ASP B 140 32.20 -29.76 40.39
N HIS B 141 32.83 -28.69 40.88
CA HIS B 141 34.26 -28.48 40.74
C HIS B 141 34.95 -28.14 42.05
N SER B 142 34.21 -27.93 43.14
CA SER B 142 34.83 -27.58 44.41
C SER B 142 35.69 -28.72 44.93
N GLY B 143 35.13 -29.94 44.96
CA GLY B 143 35.90 -31.11 45.34
C GLY B 143 35.97 -32.10 44.19
N ILE B 144 36.55 -33.27 44.44
CA ILE B 144 36.59 -34.31 43.42
C ILE B 144 35.38 -35.21 43.58
N LEU B 145 35.19 -36.12 42.63
CA LEU B 145 34.03 -36.99 42.60
C LEU B 145 34.29 -38.23 43.46
N VAL B 146 33.41 -38.46 44.44
CA VAL B 146 33.47 -39.62 45.31
C VAL B 146 32.29 -40.52 44.98
N LEU B 147 32.58 -41.74 44.53
CA LEU B 147 31.53 -42.72 44.27
C LEU B 147 31.10 -43.39 45.58
N PRO B 148 29.81 -43.67 45.75
CA PRO B 148 29.37 -44.30 46.98
C PRO B 148 29.97 -45.68 47.12
N PRO B 149 30.14 -46.17 48.36
CA PRO B 149 30.73 -47.49 48.56
C PRO B 149 29.95 -48.58 47.85
N GLY B 150 30.69 -49.47 47.19
CA GLY B 150 30.09 -50.55 46.43
C GLY B 150 29.71 -50.21 45.01
N ALA B 151 29.99 -48.99 44.56
CA ALA B 151 29.65 -48.62 43.18
C ALA B 151 30.43 -49.43 42.16
N ALA B 152 31.68 -49.78 42.48
CA ALA B 152 32.54 -50.57 41.60
C ALA B 152 33.77 -50.97 42.38
N GLU B 153 34.58 -51.80 41.77
CA GLU B 153 35.86 -52.16 42.36
C GLU B 153 36.98 -51.34 41.74
N PRO B 154 38.09 -51.15 42.45
CA PRO B 154 39.26 -50.50 41.83
C PRO B 154 39.66 -51.24 40.56
N GLY B 155 39.95 -50.48 39.51
CA GLY B 155 40.28 -51.04 38.21
C GLY B 155 39.14 -51.08 37.23
N ALA B 156 37.91 -50.83 37.67
CA ALA B 156 36.78 -50.78 36.75
C ALA B 156 36.92 -49.59 35.81
N ASP B 157 36.51 -49.80 34.56
CA ASP B 157 36.61 -48.74 33.56
C ASP B 157 35.77 -47.54 33.99
N GLY B 158 36.40 -46.37 34.00
CA GLY B 158 35.72 -45.19 34.52
C GLY B 158 34.53 -44.76 33.70
N ALA B 159 34.71 -44.69 32.37
CA ALA B 159 33.63 -44.25 31.49
C ALA B 159 32.41 -45.17 31.61
N GLY B 160 32.64 -46.47 31.79
CA GLY B 160 31.53 -47.39 31.92
C GLY B 160 30.80 -47.25 33.25
N VAL B 161 31.56 -47.11 34.35
CA VAL B 161 30.93 -46.94 35.66
C VAL B 161 30.16 -45.64 35.72
N LEU B 162 30.72 -44.57 35.16
CA LEU B 162 30.07 -43.26 35.15
C LEU B 162 29.00 -43.14 34.07
N GLY B 163 28.96 -44.05 33.10
CA GLY B 163 28.03 -43.98 32.00
C GLY B 163 28.23 -42.73 31.14
N LEU B 164 29.47 -42.45 30.77
CA LEU B 164 29.78 -41.24 30.02
C LEU B 164 29.35 -41.30 28.56
N ASP B 165 28.78 -42.41 28.09
CA ASP B 165 28.18 -42.47 26.77
C ASP B 165 26.74 -41.98 26.77
N ASP B 166 26.24 -41.50 27.90
CA ASP B 166 24.87 -41.01 28.00
C ASP B 166 24.75 -39.62 27.38
N VAL B 167 23.51 -39.18 27.19
CA VAL B 167 23.20 -37.86 26.66
C VAL B 167 22.06 -37.28 27.48
N VAL B 168 22.22 -36.05 27.95
CA VAL B 168 21.21 -35.38 28.78
C VAL B 168 20.40 -34.45 27.90
N PHE B 169 19.08 -34.59 27.94
CA PHE B 169 18.16 -33.73 27.20
C PHE B 169 17.57 -32.69 28.14
N HIS B 170 17.69 -31.41 27.76
CA HIS B 170 17.08 -30.30 28.47
C HIS B 170 15.86 -29.85 27.68
N LEU B 171 14.68 -30.10 28.23
N LEU B 171 14.68 -30.08 28.23
CA LEU B 171 13.42 -29.76 27.57
CA LEU B 171 13.42 -29.76 27.57
C LEU B 171 12.72 -28.62 28.29
C LEU B 171 12.70 -28.64 28.29
N ALA B 172 11.93 -27.87 27.52
CA ALA B 172 11.06 -26.83 28.07
C ALA B 172 9.62 -27.28 27.81
N ILE B 173 8.93 -27.69 28.86
CA ILE B 173 7.61 -28.28 28.76
C ILE B 173 6.56 -27.18 28.85
N THR B 174 5.62 -27.17 27.89
CA THR B 174 4.57 -26.16 27.92
C THR B 174 3.60 -26.44 29.07
N PRO B 175 2.93 -25.40 29.60
CA PRO B 175 2.13 -25.56 30.81
C PRO B 175 0.87 -26.39 30.64
N ASP B 176 0.54 -26.82 29.43
CA ASP B 176 -0.60 -27.71 29.23
C ASP B 176 -0.22 -29.18 29.33
N ARG B 177 1.07 -29.49 29.50
CA ARG B 177 1.54 -30.87 29.50
C ARG B 177 2.35 -31.15 30.77
N GLY B 178 1.71 -30.93 31.93
CA GLY B 178 2.36 -31.25 33.19
C GLY B 178 2.74 -32.71 33.31
N TYR B 179 2.00 -33.59 32.62
CA TYR B 179 2.33 -35.02 32.63
C TYR B 179 3.67 -35.34 31.98
N CYS B 180 4.25 -34.40 31.24
CA CYS B 180 5.54 -34.62 30.60
C CYS B 180 6.72 -34.16 31.44
N MET B 181 6.49 -33.75 32.68
CA MET B 181 7.57 -33.46 33.62
C MET B 181 8.00 -34.69 34.39
N SER B 182 8.13 -35.81 33.67
CA SER B 182 8.53 -37.08 34.25
C SER B 182 9.02 -37.98 33.13
N VAL B 183 9.76 -39.02 33.51
CA VAL B 183 10.13 -40.04 32.53
C VAL B 183 8.89 -40.76 32.03
N ARG B 184 7.92 -40.98 32.91
CA ARG B 184 6.67 -41.64 32.54
C ARG B 184 6.00 -40.95 31.36
N GLY B 185 5.77 -39.64 31.46
CA GLY B 185 5.06 -38.93 30.41
C GLY B 185 5.84 -38.86 29.12
N LEU B 186 7.14 -38.56 29.19
CA LEU B 186 7.93 -38.43 27.98
C LEU B 186 8.09 -39.77 27.28
N ALA B 187 8.24 -40.86 28.05
CA ALA B 187 8.29 -42.18 27.45
C ALA B 187 6.97 -42.53 26.77
N ARG B 188 5.85 -42.18 27.40
CA ARG B 188 4.55 -42.41 26.77
C ARG B 188 4.43 -41.63 25.46
N GLU B 189 4.92 -40.38 25.46
CA GLU B 189 4.88 -39.57 24.25
C GLU B 189 5.69 -40.21 23.13
N LEU B 190 6.86 -40.77 23.45
CA LEU B 190 7.67 -41.42 22.42
C LEU B 190 7.02 -42.70 21.92
N ALA B 191 6.34 -43.43 22.81
CA ALA B 191 5.61 -44.61 22.36
C ALA B 191 4.51 -44.24 21.38
N CYS B 192 3.82 -43.12 21.62
CA CYS B 192 2.84 -42.62 20.66
C CYS B 192 3.50 -42.26 19.35
N ALA B 193 4.62 -41.54 19.40
CA ALA B 193 5.27 -41.06 18.18
C ALA B 193 5.82 -42.20 17.34
N TYR B 194 6.27 -43.28 17.97
CA TYR B 194 6.86 -44.41 17.25
C TYR B 194 5.92 -45.60 17.13
N ASP B 195 4.64 -45.43 17.50
CA ASP B 195 3.64 -46.49 17.40
C ASP B 195 4.10 -47.75 18.13
N LEU B 196 4.58 -47.56 19.35
CA LEU B 196 5.07 -48.66 20.18
C LEU B 196 4.04 -49.01 21.25
N ASP B 197 4.15 -50.24 21.75
N ASP B 197 4.13 -50.25 21.73
CA ASP B 197 3.38 -50.66 22.92
CA ASP B 197 3.40 -50.64 22.92
C ASP B 197 4.06 -50.09 24.17
C ASP B 197 4.06 -50.04 24.14
N PHE B 198 3.27 -49.44 25.02
CA PHE B 198 3.78 -48.75 26.20
C PHE B 198 3.42 -49.51 27.46
N VAL B 199 4.43 -49.78 28.29
CA VAL B 199 4.22 -50.35 29.62
C VAL B 199 4.38 -49.23 30.63
N ASP B 200 3.30 -48.87 31.31
CA ASP B 200 3.26 -47.73 32.20
C ASP B 200 4.05 -48.01 33.48
N PRO B 201 5.10 -47.25 33.77
CA PRO B 201 5.89 -47.50 35.00
C PRO B 201 5.10 -47.27 36.28
N ALA B 202 3.92 -46.66 36.21
CA ALA B 202 3.08 -46.48 37.38
C ALA B 202 1.99 -47.55 37.51
N SER B 203 1.92 -48.50 36.58
CA SER B 203 0.87 -49.50 36.63
C SER B 203 1.12 -50.53 37.73
N ASN B 204 0.07 -51.28 38.07
CA ASN B 204 0.19 -52.29 39.12
C ASN B 204 1.13 -53.41 38.73
N SER B 205 1.28 -53.69 37.43
CA SER B 205 2.23 -54.72 37.01
C SER B 205 3.67 -54.29 37.31
N ARG B 206 3.96 -52.99 37.17
CA ARG B 206 5.31 -52.51 37.44
C ARG B 206 5.51 -52.08 38.89
N VAL B 207 4.43 -51.68 39.57
CA VAL B 207 4.49 -51.37 41.00
C VAL B 207 3.43 -52.20 41.71
N PRO B 208 3.72 -53.46 42.05
CA PRO B 208 2.71 -54.31 42.67
C PRO B 208 2.29 -53.76 44.03
N PRO B 209 0.99 -53.76 44.32
CA PRO B 209 0.50 -53.10 45.53
C PRO B 209 1.04 -53.76 46.80
N LEU B 210 1.38 -52.93 47.77
CA LEU B 210 1.79 -53.39 49.09
C LEU B 210 0.57 -53.70 49.94
N PRO B 211 0.73 -54.47 51.02
CA PRO B 211 -0.43 -54.85 51.83
C PRO B 211 -1.13 -53.63 52.43
N ILE B 212 -2.42 -53.79 52.69
CA ILE B 212 -3.26 -52.75 53.30
C ILE B 212 -3.99 -53.42 54.46
N GLU B 213 -3.42 -53.34 55.66
CA GLU B 213 -3.98 -54.03 56.83
C GLU B 213 -4.59 -53.10 57.86
N GLY B 214 -4.43 -51.78 57.70
CA GLY B 214 -4.96 -50.83 58.64
C GLY B 214 -4.44 -49.43 58.37
N PRO B 215 -4.95 -48.44 59.10
CA PRO B 215 -4.50 -47.06 58.88
C PRO B 215 -3.06 -46.85 59.33
N ALA B 216 -2.38 -45.94 58.63
CA ALA B 216 -0.97 -45.65 58.90
C ALA B 216 -0.78 -44.53 59.92
N TRP B 217 -1.67 -43.53 59.93
CA TRP B 217 -1.57 -42.42 60.87
C TRP B 217 -2.90 -41.69 60.90
N PRO B 218 -3.35 -41.21 62.06
CA PRO B 218 -4.62 -40.46 62.09
C PRO B 218 -4.51 -39.16 61.32
N LEU B 219 -5.56 -38.85 60.56
CA LEU B 219 -5.54 -37.75 59.61
C LEU B 219 -6.92 -37.09 59.56
N THR B 220 -6.94 -35.76 59.59
CA THR B 220 -8.15 -34.98 59.34
C THR B 220 -7.90 -34.05 58.18
N VAL B 221 -8.86 -33.97 57.26
CA VAL B 221 -8.73 -33.20 56.03
C VAL B 221 -9.92 -32.28 55.90
N GLN B 222 -9.68 -30.97 55.81
CA GLN B 222 -10.71 -30.01 55.47
C GLN B 222 -10.85 -29.94 53.97
N PRO B 223 -11.94 -30.46 53.39
CA PRO B 223 -12.02 -30.58 51.92
C PRO B 223 -12.09 -29.25 51.20
N GLU B 224 -12.38 -28.14 51.89
CA GLU B 224 -12.40 -26.84 51.25
C GLU B 224 -11.02 -26.40 50.77
N THR B 225 -9.96 -27.05 51.23
CA THR B 225 -8.61 -26.71 50.76
C THR B 225 -8.37 -27.16 49.33
N GLY B 226 -9.27 -27.94 48.74
CA GLY B 226 -9.09 -28.40 47.38
C GLY B 226 -8.21 -29.62 47.23
N VAL B 227 -7.74 -30.21 48.33
N VAL B 227 -7.72 -30.21 48.33
CA VAL B 227 -6.95 -31.43 48.26
CA VAL B 227 -6.91 -31.41 48.23
C VAL B 227 -7.82 -32.55 47.69
C VAL B 227 -7.78 -32.56 47.72
N ARG B 228 -7.29 -33.26 46.70
CA ARG B 228 -8.04 -34.34 46.07
C ARG B 228 -7.69 -35.71 46.63
N ARG B 229 -6.47 -35.89 47.12
CA ARG B 229 -6.03 -37.19 47.62
C ARG B 229 -4.87 -36.97 48.58
N PHE B 230 -4.78 -37.83 49.60
CA PHE B 230 -3.74 -37.69 50.62
C PHE B 230 -3.47 -39.06 51.21
N ALA B 231 -2.31 -39.64 50.87
CA ALA B 231 -1.97 -41.00 51.27
C ALA B 231 -0.68 -41.02 52.09
N LEU B 232 -0.62 -41.97 53.02
CA LEU B 232 0.52 -42.13 53.93
C LEU B 232 0.81 -43.62 54.12
N ARG B 233 2.10 -43.97 54.16
CA ARG B 233 2.55 -45.33 54.45
C ARG B 233 3.91 -45.25 55.13
N PRO B 234 4.14 -46.04 56.19
CA PRO B 234 5.43 -45.98 56.90
C PRO B 234 6.45 -46.98 56.40
N VAL B 235 7.71 -46.61 56.61
CA VAL B 235 8.86 -47.51 56.47
C VAL B 235 9.63 -47.42 57.77
N ILE B 236 9.81 -48.55 58.45
CA ILE B 236 10.38 -48.54 59.79
C ILE B 236 11.77 -49.16 59.77
N GLY B 237 12.60 -48.72 60.72
CA GLY B 237 13.93 -49.29 60.90
C GLY B 237 14.88 -49.10 59.75
N ILE B 238 14.89 -47.92 59.13
CA ILE B 238 15.90 -47.66 58.10
C ILE B 238 17.25 -47.43 58.77
N ASP B 239 18.31 -47.73 58.03
CA ASP B 239 19.67 -47.66 58.55
C ASP B 239 20.22 -46.26 58.35
N PRO B 240 20.55 -45.52 59.42
CA PRO B 240 21.10 -44.17 59.24
C PRO B 240 22.41 -44.14 58.49
N ALA B 241 23.17 -45.23 58.48
CA ALA B 241 24.46 -45.28 57.81
C ALA B 241 24.35 -45.58 56.32
N ALA B 242 23.18 -45.99 55.85
CA ALA B 242 23.03 -46.37 54.44
C ALA B 242 23.10 -45.14 53.54
N VAL B 243 23.56 -45.35 52.32
CA VAL B 243 23.61 -44.31 51.29
C VAL B 243 23.02 -44.89 50.01
N SER B 244 22.45 -43.99 49.19
CA SER B 244 21.81 -44.44 47.96
C SER B 244 22.86 -45.05 47.02
N PRO B 245 22.50 -46.10 46.29
CA PRO B 245 23.46 -46.69 45.33
C PRO B 245 23.78 -45.71 44.21
N TRP B 246 24.89 -45.99 43.52
CA TRP B 246 25.39 -45.06 42.53
C TRP B 246 24.42 -44.88 41.36
N TRP B 247 23.75 -45.95 40.94
CA TRP B 247 22.82 -45.82 39.82
C TRP B 247 21.71 -44.82 40.14
N LEU B 248 21.32 -44.74 41.42
CA LEU B 248 20.27 -43.78 41.80
C LEU B 248 20.84 -42.38 41.94
N GLN B 249 21.98 -42.24 42.61
CA GLN B 249 22.59 -40.92 42.76
C GLN B 249 22.94 -40.33 41.40
N ARG B 250 23.37 -41.17 40.46
CA ARG B 250 23.75 -40.69 39.15
C ARG B 250 22.56 -40.13 38.38
N ARG B 251 21.43 -40.86 38.39
CA ARG B 251 20.25 -40.40 37.67
C ARG B 251 19.72 -39.09 38.27
N LEU B 252 19.74 -38.97 39.60
CA LEU B 252 19.39 -37.70 40.22
C LEU B 252 20.31 -36.58 39.74
N LEU B 253 21.61 -36.84 39.70
CA LEU B 253 22.57 -35.82 39.28
C LEU B 253 22.30 -35.35 37.86
N LEU B 254 22.08 -36.29 36.94
CA LEU B 254 21.85 -35.95 35.54
C LEU B 254 20.51 -35.25 35.34
N CYS B 255 19.56 -35.41 36.27
CA CYS B 255 18.31 -34.65 36.25
C CYS B 255 18.41 -33.33 37.01
N GLY B 256 19.59 -32.98 37.53
CA GLY B 256 19.77 -31.71 38.20
C GLY B 256 19.46 -31.70 39.68
N ILE B 257 19.46 -32.85 40.33
CA ILE B 257 19.11 -32.95 41.76
C ILE B 257 20.28 -33.59 42.50
N ARG B 258 20.71 -32.94 43.57
CA ARG B 258 21.80 -33.46 44.39
C ARG B 258 21.29 -34.53 45.34
N ALA B 259 22.09 -35.58 45.52
CA ALA B 259 21.75 -36.64 46.46
C ALA B 259 22.10 -36.22 47.88
N THR B 260 21.23 -36.58 48.83
CA THR B 260 21.45 -36.23 50.23
C THR B 260 21.40 -37.46 51.13
N CYS B 261 20.28 -38.18 51.13
CA CYS B 261 20.13 -39.37 51.96
C CYS B 261 19.09 -40.27 51.31
N PRO B 262 19.10 -41.57 51.63
CA PRO B 262 18.19 -42.50 50.93
C PRO B 262 16.72 -42.11 50.97
N ALA B 263 16.21 -41.63 52.11
CA ALA B 263 14.79 -41.30 52.18
C ALA B 263 14.44 -40.14 51.25
N VAL B 264 15.25 -39.10 51.21
CA VAL B 264 14.97 -37.96 50.35
C VAL B 264 15.27 -38.29 48.89
N ASP B 265 16.36 -39.03 48.64
CA ASP B 265 16.71 -39.42 47.28
C ASP B 265 15.59 -40.23 46.63
N VAL B 266 14.97 -41.13 47.37
CA VAL B 266 13.92 -41.98 46.80
C VAL B 266 12.71 -41.14 46.42
N THR B 267 12.31 -40.19 47.27
CA THR B 267 11.15 -39.37 46.94
C THR B 267 11.42 -38.51 45.72
N ASN B 268 12.65 -37.99 45.58
CA ASN B 268 13.00 -37.24 44.38
C ASN B 268 13.07 -38.14 43.16
N TYR B 269 13.63 -39.35 43.32
CA TYR B 269 13.75 -40.25 42.17
C TYR B 269 12.38 -40.66 41.65
N VAL B 270 11.45 -40.99 42.55
CA VAL B 270 10.13 -41.42 42.13
C VAL B 270 9.34 -40.24 41.54
N MET B 271 9.56 -39.04 42.08
CA MET B 271 8.95 -37.84 41.48
C MET B 271 9.37 -37.68 40.02
N LEU B 272 10.67 -37.85 39.75
CA LEU B 272 11.16 -37.77 38.37
C LEU B 272 10.63 -38.91 37.53
N GLU B 273 10.55 -40.11 38.10
CA GLU B 273 10.12 -41.28 37.33
C GLU B 273 8.66 -41.19 36.95
N LEU B 274 7.79 -40.92 37.92
CA LEU B 274 6.34 -41.02 37.73
C LEU B 274 5.61 -39.70 37.65
N GLY B 275 6.24 -38.59 38.05
CA GLY B 275 5.62 -37.29 37.99
C GLY B 275 4.83 -36.90 39.22
N HIS B 276 4.85 -37.73 40.26
CA HIS B 276 4.09 -37.47 41.47
C HIS B 276 5.05 -37.07 42.58
N PRO B 277 5.06 -35.81 43.02
CA PRO B 277 5.96 -35.43 44.11
C PRO B 277 5.69 -36.25 45.36
N MET B 278 6.76 -36.49 46.12
CA MET B 278 6.70 -37.32 47.32
C MET B 278 7.52 -36.65 48.42
N HIS B 279 7.11 -36.86 49.66
CA HIS B 279 7.84 -36.28 50.78
C HIS B 279 7.96 -37.28 51.91
N ALA B 280 9.15 -37.35 52.50
CA ALA B 280 9.43 -38.21 53.64
C ALA B 280 9.41 -37.40 54.92
N HIS B 281 8.63 -37.84 55.89
CA HIS B 281 8.59 -37.27 57.22
C HIS B 281 9.25 -38.23 58.20
N ASP B 282 10.01 -37.69 59.15
CA ASP B 282 10.44 -38.48 60.30
C ASP B 282 9.21 -38.69 61.18
N ARG B 283 8.71 -39.94 61.20
CA ARG B 283 7.49 -40.21 61.94
C ARG B 283 7.66 -39.97 63.43
N ASN B 284 8.87 -40.21 63.95
CA ASN B 284 9.13 -40.02 65.37
C ASN B 284 9.11 -38.56 65.79
N ARG B 285 9.06 -37.62 64.84
CA ARG B 285 8.94 -36.20 65.15
C ARG B 285 7.55 -35.65 64.87
N ILE B 286 6.60 -36.51 64.50
CA ILE B 286 5.20 -36.11 64.36
C ILE B 286 4.52 -36.27 65.72
N SER B 287 3.74 -35.26 66.11
CA SER B 287 3.06 -35.25 67.41
C SER B 287 1.56 -35.21 67.18
N GLY B 288 0.91 -36.37 67.30
CA GLY B 288 -0.54 -36.41 67.25
C GLY B 288 -1.08 -36.50 65.82
N THR B 289 -2.34 -36.09 65.70
CA THR B 289 -3.06 -36.21 64.43
C THR B 289 -2.49 -35.24 63.39
N LEU B 290 -2.34 -35.73 62.16
CA LEU B 290 -2.00 -34.87 61.04
C LEU B 290 -3.26 -34.20 60.51
N GLY B 291 -3.20 -32.89 60.33
CA GLY B 291 -4.34 -32.15 59.84
C GLY B 291 -3.98 -31.31 58.64
N VAL B 292 -4.87 -31.32 57.64
CA VAL B 292 -4.73 -30.48 56.45
C VAL B 292 -5.79 -29.39 56.53
N ARG B 293 -5.34 -28.14 56.59
CA ARG B 293 -6.23 -27.01 56.78
C ARG B 293 -5.60 -25.76 56.17
N PHE B 294 -6.44 -24.77 55.90
CA PHE B 294 -5.93 -23.45 55.54
C PHE B 294 -5.15 -22.85 56.71
N ALA B 295 -4.14 -22.06 56.39
CA ALA B 295 -3.45 -21.28 57.40
C ALA B 295 -4.36 -20.17 57.92
N ARG B 296 -4.12 -19.76 59.17
CA ARG B 296 -4.86 -18.66 59.75
C ARG B 296 -4.11 -17.34 59.57
N SER B 297 -4.82 -16.24 59.80
CA SER B 297 -4.23 -14.91 59.62
C SER B 297 -3.00 -14.75 60.51
N GLY B 298 -1.92 -14.24 59.93
CA GLY B 298 -0.69 -14.02 60.67
C GLY B 298 0.04 -15.26 61.09
N GLU B 299 -0.35 -16.45 60.61
CA GLU B 299 0.36 -17.67 60.93
C GLU B 299 1.66 -17.73 60.13
N THR B 300 2.68 -18.35 60.73
CA THR B 300 3.97 -18.53 60.08
C THR B 300 4.40 -19.99 60.20
N ALA B 301 5.41 -20.35 59.42
CA ALA B 301 5.98 -21.69 59.46
C ALA B 301 7.41 -21.65 58.95
N VAL B 302 8.28 -22.45 59.55
CA VAL B 302 9.67 -22.55 59.14
C VAL B 302 9.78 -23.77 58.23
N THR B 303 10.11 -23.53 56.95
CA THR B 303 10.30 -24.63 56.03
C THR B 303 11.64 -25.33 56.30
N LEU B 304 11.82 -26.49 55.67
CA LEU B 304 13.00 -27.31 55.96
C LEU B 304 14.30 -26.66 55.51
N ASP B 305 14.25 -25.51 54.83
CA ASP B 305 15.43 -24.72 54.54
C ASP B 305 15.77 -23.77 55.68
N GLY B 306 15.07 -23.87 56.82
CA GLY B 306 15.33 -23.03 57.97
C GLY B 306 14.81 -21.62 57.89
N ILE B 307 14.00 -21.30 56.88
CA ILE B 307 13.53 -19.93 56.65
C ILE B 307 12.08 -19.83 57.13
N GLU B 308 11.78 -18.77 57.88
CA GLU B 308 10.43 -18.55 58.36
C GLU B 308 9.57 -17.94 57.25
N ARG B 309 8.36 -18.46 57.07
CA ARG B 309 7.48 -18.08 55.98
C ARG B 309 6.22 -17.45 56.55
N LYS B 310 5.90 -16.25 56.07
CA LYS B 310 4.64 -15.60 56.43
C LYS B 310 3.53 -16.15 55.56
N LEU B 311 2.50 -16.73 56.18
CA LEU B 311 1.49 -17.48 55.48
C LEU B 311 0.25 -16.62 55.23
N ASP B 312 -0.56 -17.08 54.26
CA ASP B 312 -1.81 -16.44 53.88
C ASP B 312 -2.96 -17.38 54.20
N THR B 313 -4.16 -16.81 54.40
CA THR B 313 -5.31 -17.64 54.70
C THR B 313 -5.74 -18.52 53.52
N ALA B 314 -5.17 -18.31 52.34
CA ALA B 314 -5.41 -19.18 51.20
C ALA B 314 -4.31 -20.22 51.02
N ASP B 315 -3.33 -20.28 51.93
CA ASP B 315 -2.28 -21.29 51.90
C ASP B 315 -2.77 -22.55 52.59
N VAL B 316 -2.55 -23.70 51.95
CA VAL B 316 -2.92 -24.99 52.52
C VAL B 316 -1.73 -25.54 53.29
N LEU B 317 -1.98 -26.04 54.49
CA LEU B 317 -0.93 -26.54 55.38
C LEU B 317 -1.19 -27.99 55.75
N ILE B 318 -0.12 -28.67 56.17
CA ILE B 318 -0.19 -29.90 56.95
C ILE B 318 0.33 -29.57 58.34
N VAL B 319 -0.44 -29.92 59.36
CA VAL B 319 -0.05 -29.64 60.74
C VAL B 319 -0.27 -30.88 61.60
N ASP B 320 0.44 -30.94 62.72
CA ASP B 320 0.14 -31.87 63.78
C ASP B 320 -0.23 -31.08 65.04
N ASP B 321 -0.30 -31.77 66.18
CA ASP B 321 -0.70 -31.09 67.41
C ASP B 321 0.30 -30.05 67.86
N ALA B 322 1.57 -30.16 67.44
CA ALA B 322 2.63 -29.31 67.96
C ALA B 322 3.05 -28.19 67.01
N ALA B 323 3.07 -28.43 65.70
CA ALA B 323 3.59 -27.44 64.77
C ALA B 323 3.13 -27.78 63.35
N THR B 324 3.46 -26.90 62.42
CA THR B 324 3.19 -27.12 61.01
C THR B 324 4.19 -28.11 60.43
N ALA B 325 3.69 -29.06 59.64
CA ALA B 325 4.54 -30.09 59.05
C ALA B 325 4.92 -29.81 57.60
N ALA B 326 4.16 -28.97 56.90
CA ALA B 326 4.46 -28.68 55.51
C ALA B 326 3.58 -27.55 55.02
N ILE B 327 4.11 -26.79 54.06
CA ILE B 327 3.31 -25.94 53.19
C ILE B 327 2.89 -26.83 52.03
N GLY B 328 1.62 -27.25 52.04
CA GLY B 328 1.12 -28.27 51.14
C GLY B 328 1.44 -28.09 49.67
N GLY B 329 2.19 -29.03 49.10
CA GLY B 329 2.54 -28.98 47.70
C GLY B 329 3.64 -28.00 47.35
N VAL B 330 4.29 -27.39 48.34
CA VAL B 330 5.35 -26.42 48.08
C VAL B 330 6.65 -26.90 48.71
N MET B 331 6.66 -27.07 50.03
CA MET B 331 7.86 -27.54 50.72
C MET B 331 7.49 -27.98 52.13
N GLY B 332 8.15 -29.05 52.60
CA GLY B 332 7.95 -29.53 53.95
C GLY B 332 8.58 -28.62 54.98
N ALA B 333 8.19 -28.85 56.23
CA ALA B 333 8.68 -28.04 57.34
C ALA B 333 9.88 -28.70 58.00
N ALA B 334 10.64 -27.89 58.75
CA ALA B 334 11.81 -28.40 59.45
C ALA B 334 11.43 -29.30 60.62
N SER B 335 10.20 -29.19 61.14
N SER B 335 10.20 -29.19 61.14
CA SER B 335 9.82 -29.94 62.34
CA SER B 335 9.82 -29.94 62.34
C SER B 335 9.83 -31.43 62.08
C SER B 335 9.82 -31.44 62.09
N THR B 336 9.31 -31.87 60.94
CA THR B 336 9.22 -33.29 60.61
C THR B 336 10.26 -33.73 59.57
N GLU B 337 11.23 -32.88 59.28
CA GLU B 337 12.21 -33.18 58.23
C GLU B 337 13.03 -34.42 58.57
N VAL B 338 13.36 -35.20 57.54
CA VAL B 338 14.23 -36.35 57.72
C VAL B 338 15.64 -35.86 58.03
N ARG B 339 16.23 -36.39 59.09
CA ARG B 339 17.56 -36.01 59.55
C ARG B 339 18.49 -37.21 59.44
N ALA B 340 19.75 -37.00 59.80
CA ALA B 340 20.76 -38.04 59.65
C ALA B 340 20.50 -39.24 60.58
N ASP B 341 19.83 -39.02 61.70
CA ASP B 341 19.56 -40.10 62.65
C ASP B 341 18.15 -40.65 62.52
N SER B 342 17.39 -40.23 61.51
CA SER B 342 16.02 -40.70 61.34
C SER B 342 16.00 -42.21 61.08
N THR B 343 15.08 -42.91 61.76
CA THR B 343 14.98 -44.36 61.63
C THR B 343 13.61 -44.85 61.21
N ASP B 344 12.56 -44.05 61.37
CA ASP B 344 11.22 -44.45 60.97
C ASP B 344 10.59 -43.30 60.19
N VAL B 345 10.08 -43.60 59.00
CA VAL B 345 9.66 -42.60 58.04
C VAL B 345 8.19 -42.79 57.70
N LEU B 346 7.45 -41.69 57.63
CA LEU B 346 6.10 -41.67 57.10
C LEU B 346 6.13 -40.96 55.76
N LEU B 347 5.82 -41.71 54.69
CA LEU B 347 5.87 -41.17 53.34
C LEU B 347 4.53 -40.54 52.97
N GLU B 348 4.59 -39.37 52.34
CA GLU B 348 3.42 -38.55 52.04
C GLU B 348 3.23 -38.48 50.53
N ALA B 349 2.06 -38.93 50.06
CA ALA B 349 1.67 -38.84 48.65
C ALA B 349 0.35 -38.09 48.57
N ALA B 350 0.42 -36.80 48.23
CA ALA B 350 -0.76 -35.94 48.24
C ALA B 350 -0.97 -35.29 46.87
N ILE B 351 -2.23 -34.94 46.59
CA ILE B 351 -2.62 -34.20 45.39
C ILE B 351 -3.26 -32.90 45.83
N TRP B 352 -2.62 -31.78 45.50
CA TRP B 352 -3.07 -30.46 45.95
C TRP B 352 -3.80 -29.74 44.84
N ASP B 353 -4.52 -28.69 45.22
CA ASP B 353 -5.20 -27.86 44.25
C ASP B 353 -4.17 -27.08 43.44
N PRO B 354 -4.19 -27.15 42.11
CA PRO B 354 -3.14 -26.48 41.32
C PRO B 354 -3.13 -24.97 41.48
N ALA B 355 -4.30 -24.35 41.54
CA ALA B 355 -4.35 -22.89 41.67
C ALA B 355 -3.85 -22.44 43.03
N ALA B 356 -4.22 -23.17 44.10
CA ALA B 356 -3.75 -22.81 45.43
C ALA B 356 -2.23 -22.87 45.52
N VAL B 357 -1.62 -23.91 44.94
CA VAL B 357 -0.17 -24.03 44.98
C VAL B 357 0.48 -22.92 44.16
N SER B 358 -0.06 -22.63 42.98
CA SER B 358 0.49 -21.56 42.15
C SER B 358 0.51 -20.23 42.91
N ARG B 359 -0.62 -19.87 43.52
CA ARG B 359 -0.68 -18.63 44.30
C ARG B 359 0.33 -18.65 45.43
N THR B 360 0.40 -19.76 46.17
CA THR B 360 1.25 -19.81 47.35
C THR B 360 2.74 -19.76 46.98
N GLN B 361 3.14 -20.56 45.99
CA GLN B 361 4.57 -20.60 45.66
C GLN B 361 5.06 -19.29 45.05
N ARG B 362 4.20 -18.59 44.32
CA ARG B 362 4.61 -17.31 43.75
C ARG B 362 4.70 -16.24 44.81
N ARG B 363 3.79 -16.26 45.80
N ARG B 363 3.78 -16.25 45.79
CA ARG B 363 3.84 -15.27 46.87
CA ARG B 363 3.84 -15.28 46.88
C ARG B 363 5.07 -15.46 47.75
C ARG B 363 5.11 -15.46 47.70
N LEU B 364 5.51 -16.71 47.94
CA LEU B 364 6.68 -17.01 48.76
C LEU B 364 7.96 -17.17 47.96
N HIS B 365 7.88 -17.08 46.62
CA HIS B 365 9.03 -17.26 45.74
C HIS B 365 9.70 -18.62 45.96
N LEU B 366 8.89 -19.67 45.93
CA LEU B 366 9.36 -21.05 46.13
C LEU B 366 8.91 -21.93 44.98
N PRO B 367 9.53 -21.80 43.79
CA PRO B 367 9.18 -22.67 42.66
C PRO B 367 9.91 -24.01 42.73
N SER B 368 9.56 -24.80 43.74
CA SER B 368 10.22 -26.07 43.97
C SER B 368 9.84 -27.09 42.89
N GLU B 369 10.59 -28.19 42.86
CA GLU B 369 10.26 -29.28 41.94
C GLU B 369 8.83 -29.77 42.16
N ALA B 370 8.41 -29.85 43.43
CA ALA B 370 7.05 -30.27 43.72
C ALA B 370 6.03 -29.24 43.25
N ALA B 371 6.27 -27.96 43.59
CA ALA B 371 5.28 -26.92 43.32
C ALA B 371 5.02 -26.77 41.83
N ARG B 372 6.08 -26.73 41.02
CA ARG B 372 5.87 -26.52 39.59
C ARG B 372 5.22 -27.72 38.92
N ARG B 373 5.25 -28.89 39.56
CA ARG B 373 4.47 -30.02 39.05
C ARG B 373 3.01 -29.92 39.50
N TYR B 374 2.78 -29.61 40.78
CA TYR B 374 1.42 -29.54 41.29
C TYR B 374 0.61 -28.45 40.59
N GLU B 375 1.24 -27.29 40.33
CA GLU B 375 0.50 -26.22 39.68
C GLU B 375 0.13 -26.55 38.23
N ARG B 376 0.76 -27.55 37.64
CA ARG B 376 0.41 -28.03 36.30
C ARG B 376 -0.44 -29.29 36.33
N THR B 377 -0.98 -29.64 37.52
CA THR B 377 -1.81 -30.83 37.79
C THR B 377 -1.00 -32.12 37.77
N VAL B 378 -1.11 -32.88 38.86
CA VAL B 378 -0.50 -34.20 38.99
C VAL B 378 -1.60 -35.25 38.93
N ASP B 379 -1.32 -36.36 38.27
CA ASP B 379 -2.26 -37.46 38.09
C ASP B 379 -2.69 -38.02 39.44
N PRO B 380 -3.96 -37.81 39.85
CA PRO B 380 -4.39 -38.29 41.17
C PRO B 380 -4.55 -39.80 41.25
N ALA B 381 -4.55 -40.52 40.12
CA ALA B 381 -4.75 -41.96 40.15
C ALA B 381 -3.53 -42.75 40.58
N ILE B 382 -2.34 -42.15 40.59
CA ILE B 382 -1.11 -42.88 40.86
C ILE B 382 -0.52 -42.58 42.23
N SER B 383 -1.30 -41.93 43.12
CA SER B 383 -0.75 -41.54 44.41
C SER B 383 -0.26 -42.74 45.21
N VAL B 384 -1.08 -43.80 45.30
CA VAL B 384 -0.68 -44.96 46.08
C VAL B 384 0.40 -45.76 45.36
N ALA B 385 0.37 -45.78 44.02
CA ALA B 385 1.44 -46.43 43.27
C ALA B 385 2.79 -45.76 43.55
N ALA B 386 2.84 -44.43 43.45
CA ALA B 386 4.07 -43.71 43.75
C ALA B 386 4.48 -43.94 45.20
N LEU B 387 3.50 -43.98 46.11
CA LEU B 387 3.79 -44.24 47.52
C LEU B 387 4.41 -45.62 47.71
N ASP B 388 3.76 -46.66 47.15
CA ASP B 388 4.29 -48.01 47.27
C ASP B 388 5.66 -48.14 46.60
N ARG B 389 5.84 -47.49 45.44
CA ARG B 389 7.14 -47.45 44.79
C ARG B 389 8.20 -46.90 45.73
N CYS B 390 7.90 -45.77 46.38
N CYS B 390 7.87 -45.81 46.42
CA CYS B 390 8.85 -45.17 47.32
CA CYS B 390 8.82 -45.13 47.32
C CYS B 390 9.15 -46.12 48.47
C CYS B 390 9.12 -45.99 48.55
N ALA B 391 8.10 -46.65 49.11
CA ALA B 391 8.29 -47.46 50.31
C ALA B 391 9.16 -48.69 50.02
N ARG B 392 8.85 -49.40 48.93
CA ARG B 392 9.60 -50.60 48.59
C ARG B 392 11.06 -50.26 48.26
N LEU B 393 11.29 -49.16 47.53
CA LEU B 393 12.66 -48.80 47.18
C LEU B 393 13.45 -48.32 48.40
N LEU B 394 12.82 -47.53 49.27
CA LEU B 394 13.51 -47.06 50.47
C LEU B 394 13.87 -48.23 51.39
N ALA B 395 12.92 -49.14 51.62
CA ALA B 395 13.18 -50.29 52.49
C ALA B 395 14.33 -51.13 51.96
N ASP B 396 14.41 -51.29 50.64
CA ASP B 396 15.46 -52.09 50.02
C ASP B 396 16.83 -51.46 50.20
N ILE B 397 16.96 -50.18 49.82
N ILE B 397 16.97 -50.18 49.85
CA ILE B 397 18.27 -49.52 49.85
CA ILE B 397 18.31 -49.57 49.83
C ILE B 397 18.77 -49.35 51.27
C ILE B 397 18.78 -49.09 51.20
N ALA B 398 17.87 -48.94 52.18
CA ALA B 398 18.27 -48.53 53.52
C ALA B 398 18.06 -49.61 54.57
N GLY B 399 17.80 -50.86 54.16
CA GLY B 399 17.69 -51.95 55.10
C GLY B 399 16.50 -51.85 56.04
N GLY B 400 15.40 -51.24 55.60
CA GLY B 400 14.23 -51.07 56.41
C GLY B 400 13.15 -52.09 56.08
N GLU B 401 11.97 -51.87 56.67
CA GLU B 401 10.83 -52.75 56.49
C GLU B 401 9.60 -51.90 56.19
N VAL B 402 8.86 -52.29 55.16
CA VAL B 402 7.62 -51.60 54.81
C VAL B 402 6.52 -52.04 55.78
N SER B 403 5.86 -51.07 56.40
N SER B 403 5.86 -51.07 56.40
CA SER B 403 4.73 -51.37 57.26
CA SER B 403 4.74 -51.41 57.27
C SER B 403 3.48 -51.64 56.42
C SER B 403 3.49 -51.66 56.42
N PRO B 404 2.69 -52.66 56.77
CA PRO B 404 1.52 -53.00 55.95
C PRO B 404 0.32 -52.10 56.19
N THR B 405 0.53 -50.89 56.72
CA THR B 405 -0.55 -49.97 56.98
C THR B 405 -0.59 -48.88 55.92
N LEU B 406 -1.79 -48.37 55.66
CA LEU B 406 -1.98 -47.36 54.63
C LEU B 406 -3.16 -46.47 55.01
N THR B 407 -2.94 -45.16 54.97
CA THR B 407 -4.01 -44.18 55.00
C THR B 407 -4.14 -43.60 53.59
N ASP B 408 -5.36 -43.50 53.09
CA ASP B 408 -5.59 -43.03 51.71
C ASP B 408 -6.92 -42.27 51.69
N TRP B 409 -6.86 -40.99 52.04
CA TRP B 409 -8.02 -40.12 51.95
C TRP B 409 -8.23 -39.72 50.50
N ARG B 410 -9.45 -39.95 50.00
CA ARG B 410 -9.77 -39.72 48.59
C ARG B 410 -11.03 -38.86 48.43
N GLY B 411 -11.33 -38.03 49.42
CA GLY B 411 -12.51 -37.19 49.39
C GLY B 411 -13.68 -37.81 50.14
N ASP B 412 -14.68 -36.98 50.40
CA ASP B 412 -15.93 -37.41 51.02
C ASP B 412 -17.09 -37.09 50.10
N PRO B 413 -17.72 -38.07 49.45
CA PRO B 413 -17.42 -39.51 49.52
C PRO B 413 -16.11 -39.89 48.81
N PRO B 414 -15.56 -41.05 49.12
CA PRO B 414 -14.30 -41.46 48.49
C PRO B 414 -14.44 -41.61 46.99
N CYS B 415 -13.50 -41.06 46.26
CA CYS B 415 -13.46 -41.16 44.80
C CYS B 415 -12.70 -42.41 44.40
N ASP B 416 -13.38 -43.34 43.73
CA ASP B 416 -12.77 -44.57 43.25
C ASP B 416 -12.60 -44.59 41.73
N ASP B 417 -12.80 -43.45 41.07
CA ASP B 417 -12.64 -43.36 39.62
C ASP B 417 -12.32 -41.92 39.27
N TRP B 418 -11.10 -41.67 38.80
CA TRP B 418 -10.62 -40.33 38.50
C TRP B 418 -10.81 -39.95 37.03
N SER B 419 -11.76 -40.58 36.34
CA SER B 419 -11.95 -40.31 34.93
C SER B 419 -12.56 -38.93 34.72
N PRO B 420 -12.00 -38.10 33.85
CA PRO B 420 -12.62 -36.81 33.50
C PRO B 420 -13.93 -37.02 32.76
N PRO B 421 -14.71 -35.96 32.54
CA PRO B 421 -15.97 -36.11 31.82
C PRO B 421 -15.73 -36.52 30.37
N PRO B 422 -16.61 -37.33 29.79
CA PRO B 422 -16.44 -37.72 28.39
C PRO B 422 -16.68 -36.54 27.45
N ILE B 423 -16.15 -36.69 26.24
CA ILE B 423 -16.19 -35.65 25.21
C ILE B 423 -16.74 -36.28 23.93
N ARG B 424 -17.78 -35.67 23.37
CA ARG B 424 -18.34 -36.11 22.10
C ARG B 424 -17.74 -35.28 20.97
N MET B 425 -17.32 -35.96 19.91
CA MET B 425 -16.72 -35.28 18.77
C MET B 425 -16.96 -36.09 17.50
N GLY B 426 -17.27 -35.40 16.41
CA GLY B 426 -17.42 -36.07 15.14
C GLY B 426 -16.11 -36.70 14.70
N VAL B 427 -16.21 -37.87 14.06
CA VAL B 427 -15.01 -38.63 13.70
C VAL B 427 -14.16 -37.88 12.68
N ASP B 428 -14.77 -36.99 11.89
CA ASP B 428 -14.05 -36.28 10.86
C ASP B 428 -13.66 -34.86 11.27
N VAL B 429 -13.89 -34.49 12.53
CA VAL B 429 -13.55 -33.14 12.98
C VAL B 429 -12.07 -32.83 12.81
N PRO B 430 -11.13 -33.69 13.26
CA PRO B 430 -9.71 -33.38 13.00
C PRO B 430 -9.39 -33.25 11.52
N ASP B 431 -10.01 -34.07 10.68
CA ASP B 431 -9.78 -33.96 9.24
C ASP B 431 -10.18 -32.58 8.71
N ARG B 432 -11.32 -32.06 9.17
CA ARG B 432 -11.79 -30.77 8.71
C ARG B 432 -10.86 -29.65 9.15
N ILE B 433 -10.43 -29.67 10.41
CA ILE B 433 -9.59 -28.59 10.93
C ILE B 433 -8.20 -28.65 10.30
N ALA B 434 -7.69 -29.85 10.05
CA ALA B 434 -6.38 -29.99 9.42
C ALA B 434 -6.42 -29.74 7.91
N GLY B 435 -7.58 -29.89 7.28
CA GLY B 435 -7.62 -29.87 5.82
C GLY B 435 -6.96 -31.08 5.20
N VAL B 436 -6.94 -32.21 5.92
CA VAL B 436 -6.31 -33.44 5.47
C VAL B 436 -7.32 -34.56 5.68
N ALA B 437 -7.48 -35.42 4.67
CA ALA B 437 -8.31 -36.61 4.80
C ALA B 437 -7.44 -37.73 5.36
N TYR B 438 -7.44 -37.85 6.68
CA TYR B 438 -6.66 -38.90 7.32
C TYR B 438 -7.24 -40.27 6.99
N PRO B 439 -6.41 -41.32 6.97
CA PRO B 439 -6.91 -42.67 6.74
C PRO B 439 -7.97 -43.05 7.78
N GLN B 440 -8.79 -44.02 7.40
CA GLN B 440 -9.87 -44.49 8.27
C GLN B 440 -9.32 -44.97 9.61
N GLY B 441 -9.97 -44.55 10.69
CA GLY B 441 -9.60 -44.95 12.03
C GLY B 441 -8.44 -44.20 12.65
N THR B 442 -7.92 -43.17 11.96
CA THR B 442 -6.76 -42.44 12.48
C THR B 442 -7.08 -41.76 13.80
N THR B 443 -8.19 -41.03 13.85
CA THR B 443 -8.54 -40.27 15.05
C THR B 443 -8.74 -41.20 16.25
N ALA B 444 -9.46 -42.30 16.06
CA ALA B 444 -9.70 -43.22 17.17
C ALA B 444 -8.39 -43.87 17.63
N ARG B 445 -7.50 -44.19 16.69
CA ARG B 445 -6.24 -44.83 17.07
C ARG B 445 -5.35 -43.88 17.85
N ARG B 446 -5.26 -42.62 17.41
CA ARG B 446 -4.39 -41.66 18.09
C ARG B 446 -4.91 -41.32 19.48
N LEU B 447 -6.23 -41.16 19.61
CA LEU B 447 -6.80 -40.81 20.91
C LEU B 447 -6.68 -41.98 21.90
N ALA B 448 -6.76 -43.22 21.41
CA ALA B 448 -6.51 -44.36 22.28
C ALA B 448 -5.03 -44.45 22.67
N GLN B 449 -4.14 -44.05 21.76
CA GLN B 449 -2.71 -44.06 22.06
C GLN B 449 -2.38 -43.19 23.27
N ILE B 450 -2.96 -41.99 23.34
CA ILE B 450 -2.65 -41.08 24.44
C ILE B 450 -3.38 -41.44 25.72
N GLY B 451 -4.17 -42.51 25.72
CA GLY B 451 -4.74 -43.05 26.92
C GLY B 451 -6.23 -42.88 27.10
N ALA B 452 -6.94 -42.33 26.12
CA ALA B 452 -8.36 -42.11 26.26
C ALA B 452 -9.15 -43.38 25.93
N VAL B 453 -10.35 -43.46 26.49
CA VAL B 453 -11.31 -44.50 26.13
C VAL B 453 -12.20 -43.95 25.03
N VAL B 454 -12.29 -44.70 23.93
CA VAL B 454 -12.98 -44.25 22.73
C VAL B 454 -14.09 -45.24 22.39
N THR B 455 -15.32 -44.74 22.26
CA THR B 455 -16.45 -45.52 21.78
C THR B 455 -17.07 -44.83 20.56
N HIS B 456 -17.62 -45.65 19.67
CA HIS B 456 -18.20 -45.17 18.42
C HIS B 456 -19.72 -45.21 18.51
N ASP B 457 -20.35 -44.09 18.17
CA ASP B 457 -21.81 -43.99 18.10
C ASP B 457 -22.18 -43.48 16.71
N GLY B 458 -22.06 -44.36 15.72
CA GLY B 458 -22.29 -43.97 14.34
C GLY B 458 -21.15 -43.15 13.78
N ASP B 459 -21.39 -41.85 13.59
CA ASP B 459 -20.36 -40.93 13.13
C ASP B 459 -19.77 -40.09 14.26
N THR B 460 -20.25 -40.28 15.50
CA THR B 460 -19.82 -39.50 16.64
C THR B 460 -18.98 -40.36 17.58
N LEU B 461 -17.85 -39.82 18.01
CA LEU B 461 -17.02 -40.47 19.01
C LEU B 461 -17.35 -39.93 20.39
N THR B 462 -17.27 -40.82 21.38
CA THR B 462 -17.34 -40.44 22.79
C THR B 462 -15.97 -40.75 23.38
N VAL B 463 -15.26 -39.72 23.81
CA VAL B 463 -13.86 -39.83 24.21
C VAL B 463 -13.75 -39.43 25.67
N THR B 464 -13.24 -40.34 26.50
CA THR B 464 -12.98 -40.06 27.91
C THR B 464 -11.48 -40.00 28.13
N PRO B 465 -10.89 -38.83 28.33
CA PRO B 465 -9.43 -38.73 28.46
C PRO B 465 -8.94 -39.42 29.71
N PRO B 466 -7.66 -39.78 29.76
CA PRO B 466 -7.11 -40.39 30.97
C PRO B 466 -6.92 -39.35 32.07
N SER B 467 -6.72 -39.85 33.29
CA SER B 467 -6.66 -38.97 34.44
C SER B 467 -5.43 -38.06 34.45
N TRP B 468 -4.38 -38.40 33.68
CA TRP B 468 -3.19 -37.55 33.62
C TRP B 468 -3.28 -36.49 32.52
N ARG B 469 -4.43 -36.37 31.85
CA ARG B 469 -4.63 -35.38 30.79
C ARG B 469 -5.81 -34.45 31.08
N PRO B 470 -5.75 -33.68 32.18
CA PRO B 470 -6.83 -32.72 32.43
C PRO B 470 -6.89 -31.58 31.42
N ASP B 471 -5.88 -31.44 30.56
CA ASP B 471 -5.92 -30.43 29.51
C ASP B 471 -6.90 -30.77 28.40
N LEU B 472 -7.37 -32.02 28.33
CA LEU B 472 -8.29 -32.46 27.28
C LEU B 472 -9.71 -32.27 27.79
N ARG B 473 -10.35 -31.17 27.40
CA ARG B 473 -11.70 -30.85 27.83
C ARG B 473 -12.69 -30.63 26.68
N GLN B 474 -12.22 -30.22 25.52
CA GLN B 474 -13.07 -29.87 24.40
C GLN B 474 -12.61 -30.60 23.14
N PRO B 475 -13.47 -30.70 22.13
CA PRO B 475 -13.04 -31.33 20.86
C PRO B 475 -11.77 -30.74 20.27
N ALA B 476 -11.57 -29.42 20.38
CA ALA B 476 -10.36 -28.81 19.86
C ALA B 476 -9.12 -29.38 20.53
N ASP B 477 -9.19 -29.66 21.83
CA ASP B 477 -8.08 -30.29 22.54
C ASP B 477 -7.75 -31.65 21.93
N LEU B 478 -8.77 -32.41 21.56
CA LEU B 478 -8.55 -33.72 20.95
C LEU B 478 -8.01 -33.58 19.53
N VAL B 479 -8.45 -32.55 18.81
CA VAL B 479 -7.93 -32.29 17.46
C VAL B 479 -6.42 -32.09 17.51
N GLU B 480 -5.93 -31.33 18.50
CA GLU B 480 -4.49 -31.09 18.58
C GLU B 480 -3.72 -32.38 18.78
N GLU B 481 -4.27 -33.32 19.56
CA GLU B 481 -3.60 -34.59 19.79
C GLU B 481 -3.43 -35.37 18.49
N VAL B 482 -4.48 -35.44 17.68
CA VAL B 482 -4.40 -36.18 16.43
C VAL B 482 -3.44 -35.50 15.46
N LEU B 483 -3.55 -34.17 15.33
CA LEU B 483 -2.76 -33.46 14.33
C LEU B 483 -1.27 -33.48 14.67
N ARG B 484 -0.92 -33.34 15.94
CA ARG B 484 0.50 -33.31 16.30
C ARG B 484 1.13 -34.68 16.15
N LEU B 485 0.38 -35.76 16.40
CA LEU B 485 0.94 -37.10 16.26
C LEU B 485 1.02 -37.54 14.80
N GLU B 486 0.06 -37.14 13.97
CA GLU B 486 0.19 -37.39 12.54
C GLU B 486 1.27 -36.52 11.90
N GLY B 487 1.64 -35.41 12.53
CA GLY B 487 2.66 -34.53 12.00
C GLY B 487 2.06 -33.37 11.22
N LEU B 488 2.41 -32.14 11.62
CA LEU B 488 1.85 -30.97 10.96
C LEU B 488 2.37 -30.80 9.54
N GLU B 489 3.46 -31.49 9.19
CA GLU B 489 4.01 -31.39 7.84
C GLU B 489 3.07 -31.94 6.78
N VAL B 490 2.10 -32.78 7.15
CA VAL B 490 1.16 -33.30 6.15
C VAL B 490 0.06 -32.31 5.81
N ILE B 491 -0.06 -31.22 6.55
CA ILE B 491 -1.10 -30.22 6.30
C ILE B 491 -0.71 -29.41 5.06
N PRO B 492 -1.58 -29.33 4.05
CA PRO B 492 -1.22 -28.62 2.82
C PRO B 492 -1.26 -27.11 3.01
N SER B 493 -0.84 -26.38 1.97
CA SER B 493 -0.78 -24.92 2.00
C SER B 493 -1.73 -24.39 0.94
N VAL B 494 -2.88 -23.85 1.37
CA VAL B 494 -3.87 -23.30 0.47
C VAL B 494 -4.28 -21.92 0.97
N LEU B 495 -4.47 -20.99 0.06
CA LEU B 495 -4.81 -19.62 0.44
C LEU B 495 -6.29 -19.51 0.75
N PRO B 496 -6.66 -18.74 1.78
CA PRO B 496 -8.06 -18.62 2.15
C PRO B 496 -8.83 -17.76 1.17
N PRO B 497 -10.17 -17.81 1.19
CA PRO B 497 -10.96 -16.93 0.31
C PRO B 497 -11.31 -15.61 0.97
N ALA B 498 -10.33 -14.71 1.01
CA ALA B 498 -10.52 -13.41 1.64
C ALA B 498 -11.41 -12.53 0.76
N PRO B 499 -12.30 -11.74 1.35
CA PRO B 499 -13.16 -10.86 0.58
C PRO B 499 -12.39 -9.63 0.09
N ALA B 500 -13.06 -8.83 -0.72
CA ALA B 500 -12.48 -7.59 -1.23
C ALA B 500 -12.41 -6.56 -0.10
N GLY B 501 -11.20 -6.13 0.24
CA GLY B 501 -11.03 -5.18 1.33
C GLY B 501 -11.06 -3.74 0.88
N ARG B 502 -11.05 -2.84 1.86
CA ARG B 502 -11.10 -1.40 1.62
C ARG B 502 -9.73 -0.74 1.67
N GLY B 503 -8.67 -1.51 1.90
CA GLY B 503 -7.32 -0.94 1.94
C GLY B 503 -7.07 -0.13 3.20
N LEU B 504 -6.14 0.82 3.06
CA LEU B 504 -5.74 1.65 4.19
C LEU B 504 -6.80 2.71 4.48
N THR B 505 -7.02 2.98 5.76
CA THR B 505 -7.86 4.10 6.15
C THR B 505 -7.18 5.42 5.82
N ALA B 506 -7.96 6.50 5.87
CA ALA B 506 -7.41 7.83 5.61
C ALA B 506 -6.36 8.21 6.65
N GLY B 507 -6.55 7.79 7.90
CA GLY B 507 -5.56 8.08 8.92
C GLY B 507 -4.28 7.29 8.75
N GLN B 508 -4.40 6.00 8.44
CA GLN B 508 -3.22 5.19 8.15
C GLN B 508 -2.47 5.75 6.95
N GLN B 509 -3.19 6.22 5.93
CA GLN B 509 -2.56 6.82 4.77
C GLN B 509 -1.86 8.13 5.13
N ARG B 510 -2.50 8.96 5.96
CA ARG B 510 -1.91 10.25 6.33
C ARG B 510 -0.60 10.05 7.08
N ARG B 511 -0.54 9.05 7.94
CA ARG B 511 0.68 8.79 8.72
C ARG B 511 1.86 8.44 7.81
N ARG B 512 1.60 7.69 6.74
CA ARG B 512 2.65 7.40 5.77
C ARG B 512 3.13 8.67 5.09
N THR B 513 2.19 9.49 4.64
CA THR B 513 2.55 10.70 3.89
C THR B 513 3.33 11.68 4.76
N ILE B 514 2.95 11.82 6.03
CA ILE B 514 3.68 12.69 6.94
C ILE B 514 5.11 12.17 7.12
N GLY B 515 5.27 10.85 7.30
CA GLY B 515 6.59 10.29 7.50
C GLY B 515 7.48 10.43 6.28
N ARG B 516 6.91 10.24 5.09
CA ARG B 516 7.67 10.41 3.85
C ARG B 516 8.15 11.84 3.70
N SER B 517 7.26 12.81 3.96
CA SER B 517 7.60 14.21 3.76
C SER B 517 8.68 14.68 4.72
N LEU B 518 8.57 14.32 6.00
CA LEU B 518 9.59 14.72 6.96
C LEU B 518 10.94 14.09 6.63
N ALA B 519 10.96 12.80 6.27
CA ALA B 519 12.21 12.14 5.89
C ALA B 519 12.83 12.82 4.68
N LEU B 520 12.02 13.12 3.66
CA LEU B 520 12.55 13.80 2.48
C LEU B 520 13.02 15.22 2.79
N SER B 521 12.53 15.83 3.87
CA SER B 521 12.97 17.15 4.29
C SER B 521 14.18 17.10 5.23
N GLY B 522 14.75 15.92 5.46
CA GLY B 522 15.96 15.79 6.22
C GLY B 522 15.82 15.27 7.64
N TYR B 523 14.64 14.81 8.03
CA TYR B 523 14.43 14.32 9.39
C TYR B 523 14.64 12.79 9.43
N VAL B 524 15.18 12.33 10.56
CA VAL B 524 15.45 10.91 10.78
C VAL B 524 14.47 10.40 11.82
N GLU B 525 13.72 9.35 11.47
CA GLU B 525 12.72 8.81 12.37
C GLU B 525 13.35 7.96 13.46
N ILE B 526 12.81 8.07 14.67
CA ILE B 526 13.19 7.21 15.78
C ILE B 526 11.95 6.51 16.32
N LEU B 527 12.19 5.43 17.07
CA LEU B 527 11.13 4.75 17.82
C LEU B 527 11.16 5.26 19.25
N PRO B 528 10.16 6.01 19.70
CA PRO B 528 10.23 6.61 21.04
C PRO B 528 9.84 5.64 22.15
N THR B 529 10.60 5.67 23.25
CA THR B 529 10.26 4.84 24.39
C THR B 529 9.07 5.44 25.14
N PRO B 530 8.15 4.62 25.64
CA PRO B 530 6.98 5.14 26.35
C PRO B 530 7.24 5.50 27.81
N PHE B 531 8.39 5.14 28.36
CA PHE B 531 8.71 5.43 29.75
C PHE B 531 9.48 6.75 29.83
N LEU B 532 9.00 7.65 30.68
CA LEU B 532 9.57 8.99 30.80
C LEU B 532 10.88 8.96 31.58
N PRO B 533 11.86 9.77 31.18
CA PRO B 533 13.07 9.91 32.00
C PRO B 533 12.73 10.49 33.37
N ALA B 534 13.54 10.12 34.35
CA ALA B 534 13.24 10.51 35.73
C ALA B 534 13.32 12.03 35.90
N GLY B 535 12.26 12.62 36.42
CA GLY B 535 12.24 14.03 36.75
C GLY B 535 12.36 14.95 35.55
N VAL B 536 11.90 14.52 34.37
CA VAL B 536 12.04 15.36 33.19
C VAL B 536 11.17 16.60 33.30
N PHE B 537 9.99 16.48 33.91
CA PHE B 537 9.12 17.64 34.05
C PHE B 537 9.66 18.65 35.04
N ASP B 538 10.47 18.19 36.00
CA ASP B 538 11.19 19.13 36.86
C ASP B 538 12.29 19.85 36.11
N LEU B 539 12.95 19.16 35.17
CA LEU B 539 13.92 19.82 34.31
C LEU B 539 13.24 20.87 33.44
N TRP B 540 12.04 20.58 32.96
CA TRP B 540 11.27 21.55 32.16
C TRP B 540 10.71 22.67 33.00
N GLY B 541 10.68 22.54 34.33
CA GLY B 541 10.09 23.57 35.16
C GLY B 541 8.59 23.68 35.06
N LEU B 542 7.90 22.59 34.76
CA LEU B 542 6.45 22.63 34.64
C LEU B 542 5.82 22.86 36.00
N GLU B 543 4.66 23.51 35.99
CA GLU B 543 3.92 23.72 37.22
C GLU B 543 3.41 22.40 37.76
N ALA B 544 3.12 22.38 39.07
CA ALA B 544 2.68 21.15 39.71
C ALA B 544 1.37 20.65 39.14
N ASP B 545 0.54 21.55 38.58
CA ASP B 545 -0.75 21.18 38.05
C ASP B 545 -0.77 21.08 36.52
N ASP B 546 0.40 21.09 35.88
CA ASP B 546 0.45 20.93 34.43
C ASP B 546 -0.07 19.56 34.04
N SER B 547 -0.98 19.54 33.06
CA SER B 547 -1.68 18.30 32.70
C SER B 547 -0.72 17.20 32.26
N ARG B 548 0.45 17.57 31.76
CA ARG B 548 1.44 16.57 31.36
C ARG B 548 1.99 15.79 32.53
N ARG B 549 1.91 16.34 33.75
CA ARG B 549 2.37 15.60 34.93
C ARG B 549 1.41 14.50 35.35
N MET B 550 0.15 14.55 34.91
CA MET B 550 -0.84 13.54 35.27
C MET B 550 -0.59 12.31 34.40
N THR B 551 0.25 11.40 34.90
CA THR B 551 0.73 10.27 34.13
C THR B 551 0.17 8.96 34.67
N THR B 552 0.09 7.97 33.78
CA THR B 552 -0.13 6.58 34.16
C THR B 552 1.20 5.95 34.50
N ARG B 553 1.21 5.17 35.58
CA ARG B 553 2.45 4.60 36.12
C ARG B 553 2.42 3.09 36.07
N VAL B 554 3.56 2.49 35.73
CA VAL B 554 3.72 1.05 35.65
C VAL B 554 4.18 0.54 37.01
N LEU B 555 3.60 -0.59 37.44
CA LEU B 555 3.91 -1.14 38.74
C LEU B 555 5.32 -1.73 38.78
N ASN B 556 5.73 -2.41 37.73
CA ASN B 556 6.99 -3.16 37.70
C ASN B 556 7.82 -2.78 36.49
N PRO B 557 8.32 -1.54 36.43
CA PRO B 557 9.16 -1.13 35.30
C PRO B 557 10.53 -1.78 35.38
N LEU B 558 11.20 -1.84 34.22
CA LEU B 558 12.57 -2.34 34.18
C LEU B 558 13.55 -1.38 34.86
N GLU B 559 13.18 -0.11 34.99
CA GLU B 559 13.95 0.88 35.73
C GLU B 559 13.03 1.53 36.74
N ALA B 560 13.28 1.30 38.03
CA ALA B 560 12.37 1.77 39.07
C ALA B 560 12.20 3.28 39.08
N ASP B 561 13.17 4.02 38.56
CA ASP B 561 13.09 5.48 38.51
C ASP B 561 12.36 5.99 37.27
N ARG B 562 11.89 5.09 36.39
CA ARG B 562 11.16 5.47 35.18
C ARG B 562 9.85 4.68 35.09
N PRO B 563 8.90 4.93 36.00
CA PRO B 563 7.66 4.14 35.97
C PRO B 563 6.55 4.79 35.14
N GLN B 564 6.63 6.11 34.95
CA GLN B 564 5.54 6.85 34.33
C GLN B 564 5.54 6.71 32.82
N LEU B 565 4.35 6.68 32.23
CA LEU B 565 4.20 6.61 30.79
C LEU B 565 4.07 8.01 30.19
N ALA B 566 4.52 8.14 28.94
CA ALA B 566 4.73 9.45 28.34
C ALA B 566 3.41 10.12 27.97
N THR B 567 3.22 11.35 28.47
CA THR B 567 2.15 12.23 28.02
C THR B 567 2.57 13.09 26.83
N THR B 568 3.85 13.07 26.47
CA THR B 568 4.38 13.85 25.36
C THR B 568 5.56 13.07 24.77
N LEU B 569 5.72 13.19 23.45
CA LEU B 569 6.80 12.50 22.77
C LEU B 569 8.14 13.20 22.88
N LEU B 570 8.17 14.45 23.34
CA LEU B 570 9.41 15.22 23.36
C LEU B 570 10.49 14.64 24.28
N PRO B 571 10.20 14.10 25.46
CA PRO B 571 11.29 13.55 26.28
C PRO B 571 12.05 12.42 25.59
N ALA B 572 11.34 11.52 24.91
CA ALA B 572 12.02 10.42 24.22
C ALA B 572 12.84 10.94 23.03
N LEU B 573 12.32 11.94 22.33
CA LEU B 573 13.07 12.51 21.20
C LEU B 573 14.31 13.25 21.68
N LEU B 574 14.19 13.99 22.79
CA LEU B 574 15.35 14.72 23.31
C LEU B 574 16.42 13.78 23.84
N GLU B 575 16.01 12.63 24.38
CA GLU B 575 16.98 11.64 24.84
C GLU B 575 17.75 11.04 23.67
N ALA B 576 17.06 10.81 22.54
CA ALA B 576 17.76 10.32 21.35
C ALA B 576 18.63 11.40 20.74
N LEU B 577 18.20 12.66 20.80
N LEU B 577 18.19 12.66 20.81
CA LEU B 577 19.04 13.75 20.31
CA LEU B 577 19.01 13.78 20.32
C LEU B 577 20.34 13.85 21.10
C LEU B 577 20.32 13.87 21.09
N VAL B 578 20.26 13.69 22.42
CA VAL B 578 21.47 13.73 23.24
C VAL B 578 22.38 12.55 22.91
N ARG B 579 21.80 11.37 22.67
CA ARG B 579 22.62 10.22 22.31
C ARG B 579 23.41 10.50 21.03
N ASN B 580 22.77 11.08 20.02
CA ASN B 580 23.46 11.39 18.77
C ASN B 580 24.53 12.45 18.99
N VAL B 581 24.16 13.58 19.59
CA VAL B 581 25.11 14.68 19.77
C VAL B 581 26.30 14.23 20.60
N SER B 582 26.05 13.47 21.68
CA SER B 582 27.13 13.07 22.56
C SER B 582 28.11 12.10 21.91
N ARG B 583 27.76 11.51 20.77
CA ARG B 583 28.63 10.57 20.08
C ARG B 583 29.19 11.14 18.78
N GLY B 584 29.19 12.46 18.63
CA GLY B 584 29.86 13.11 17.53
C GLY B 584 28.98 13.46 16.34
N LEU B 585 27.68 13.23 16.42
CA LEU B 585 26.75 13.61 15.36
C LEU B 585 25.95 14.82 15.87
N VAL B 586 26.54 16.01 15.69
CA VAL B 586 26.02 17.20 16.35
C VAL B 586 24.97 17.94 15.54
N ASP B 587 24.84 17.65 14.24
CA ASP B 587 23.84 18.28 13.38
C ASP B 587 22.77 17.22 13.10
N VAL B 588 21.64 17.32 13.79
CA VAL B 588 20.65 16.26 13.75
C VAL B 588 19.24 16.84 13.77
N ALA B 589 18.33 16.14 13.09
CA ALA B 589 16.91 16.45 13.09
C ALA B 589 16.17 15.12 13.18
N LEU B 590 15.41 14.94 14.25
CA LEU B 590 14.73 13.69 14.52
C LEU B 590 13.22 13.91 14.54
N PHE B 591 12.47 12.86 14.23
CA PHE B 591 11.01 12.93 14.35
C PHE B 591 10.48 11.57 14.78
N ALA B 592 9.25 11.57 15.27
CA ALA B 592 8.59 10.35 15.73
C ALA B 592 7.09 10.50 15.60
N ILE B 593 6.42 9.37 15.36
CA ILE B 593 4.97 9.30 15.32
C ILE B 593 4.56 8.14 16.21
N ALA B 594 3.86 8.43 17.31
CA ALA B 594 3.45 7.41 18.26
C ALA B 594 2.30 7.97 19.10
N GLN B 595 1.71 7.10 19.91
CA GLN B 595 0.65 7.50 20.83
C GLN B 595 1.24 7.94 22.15
N VAL B 596 0.53 8.83 22.83
CA VAL B 596 0.85 9.21 24.20
C VAL B 596 -0.23 8.64 25.11
N VAL B 597 0.01 8.71 26.41
CA VAL B 597 -0.90 8.15 27.42
C VAL B 597 -1.28 9.28 28.37
N GLN B 598 -2.54 9.73 28.29
CA GLN B 598 -3.01 10.88 29.07
C GLN B 598 -4.26 10.49 29.84
N PRO B 599 -4.12 10.07 31.10
CA PRO B 599 -5.29 9.71 31.90
C PRO B 599 -6.12 10.92 32.29
N THR B 600 -7.40 10.67 32.51
CA THR B 600 -8.34 11.69 32.98
C THR B 600 -8.83 11.41 34.39
N GLU B 601 -8.34 10.35 35.04
CA GLU B 601 -8.74 10.02 36.40
C GLU B 601 -7.69 9.09 36.98
N GLN B 602 -7.85 8.78 38.27
CA GLN B 602 -7.00 7.79 38.91
C GLN B 602 -7.26 6.41 38.30
N THR B 603 -6.22 5.58 38.29
CA THR B 603 -6.30 4.26 37.68
C THR B 603 -7.45 3.45 38.27
N ARG B 604 -8.44 3.15 37.43
CA ARG B 604 -9.66 2.46 37.86
C ARG B 604 -9.87 1.24 37.00
N GLY B 605 -9.99 0.07 37.65
CA GLY B 605 -10.20 -1.16 36.92
C GLY B 605 -11.68 -1.53 36.81
N VAL B 606 -11.95 -2.50 35.94
CA VAL B 606 -13.29 -3.03 35.72
C VAL B 606 -13.27 -4.52 36.04
N GLY B 607 -14.24 -4.96 36.82
CA GLY B 607 -14.31 -6.35 37.23
C GLY B 607 -14.45 -7.30 36.04
N LEU B 608 -14.19 -8.58 36.33
CA LEU B 608 -14.19 -9.60 35.29
C LEU B 608 -15.58 -9.79 34.71
N ILE B 609 -15.67 -9.70 33.38
CA ILE B 609 -16.89 -9.97 32.64
C ILE B 609 -16.88 -11.45 32.25
N PRO B 610 -17.97 -12.19 32.47
CA PRO B 610 -17.96 -13.62 32.15
C PRO B 610 -17.65 -13.87 30.68
N VAL B 611 -16.68 -14.75 30.43
CA VAL B 611 -16.22 -15.02 29.07
C VAL B 611 -17.03 -16.09 28.37
N ASP B 612 -18.09 -16.61 28.99
CA ASP B 612 -18.98 -17.55 28.34
C ASP B 612 -19.93 -16.89 27.35
N ARG B 613 -19.89 -15.56 27.24
CA ARG B 613 -20.77 -14.82 26.36
C ARG B 613 -20.02 -13.62 25.80
N ARG B 614 -20.68 -12.93 24.87
CA ARG B 614 -20.16 -11.68 24.36
C ARG B 614 -20.44 -10.54 25.33
N PRO B 615 -19.48 -9.67 25.58
CA PRO B 615 -19.77 -8.47 26.37
C PRO B 615 -20.75 -7.56 25.64
N THR B 616 -21.69 -6.99 26.39
CA THR B 616 -22.63 -6.06 25.80
C THR B 616 -21.93 -4.79 25.34
N ASP B 617 -22.62 -4.01 24.51
CA ASP B 617 -22.04 -2.76 24.03
C ASP B 617 -21.83 -1.77 25.18
N ASP B 618 -22.68 -1.85 26.22
CA ASP B 618 -22.47 -1.00 27.39
C ASP B 618 -21.22 -1.42 28.16
N GLU B 619 -21.01 -2.74 28.31
CA GLU B 619 -19.80 -3.21 28.96
C GLU B 619 -18.55 -2.87 28.16
N ILE B 620 -18.68 -2.80 26.83
CA ILE B 620 -17.54 -2.42 25.99
C ILE B 620 -17.21 -0.95 26.17
N ALA B 621 -18.23 -0.10 26.17
CA ALA B 621 -18.00 1.34 26.38
C ALA B 621 -17.47 1.62 27.78
N MET B 622 -17.84 0.78 28.75
CA MET B 622 -17.33 0.95 30.11
C MET B 622 -15.85 0.59 30.19
N LEU B 623 -15.45 -0.49 29.49
CA LEU B 623 -14.03 -0.85 29.44
C LEU B 623 -13.22 0.23 28.74
N ASP B 624 -13.78 0.84 27.69
CA ASP B 624 -13.07 1.91 26.99
C ASP B 624 -12.96 3.16 27.86
N ALA B 625 -14.06 3.52 28.54
CA ALA B 625 -14.05 4.70 29.39
C ALA B 625 -13.13 4.54 30.60
N SER B 626 -12.77 3.31 30.96
CA SER B 626 -11.87 3.09 32.09
C SER B 626 -10.40 3.23 31.72
N LEU B 627 -10.08 3.36 30.40
CA LEU B 627 -8.72 3.49 29.92
C LEU B 627 -8.34 4.96 29.73
N PRO B 628 -7.07 5.31 29.93
CA PRO B 628 -6.63 6.68 29.64
C PRO B 628 -6.72 6.98 28.16
N ARG B 629 -6.86 8.27 27.84
CA ARG B 629 -6.88 8.70 26.45
C ARG B 629 -5.50 8.51 25.82
N GLN B 630 -5.48 8.03 24.59
CA GLN B 630 -4.24 7.62 23.92
C GLN B 630 -4.22 8.10 22.47
N PRO B 631 -4.13 9.42 22.25
CA PRO B 631 -4.14 9.95 20.89
C PRO B 631 -2.77 9.85 20.22
N GLN B 632 -2.81 9.93 18.89
CA GLN B 632 -1.59 9.88 18.08
C GLN B 632 -0.95 11.26 18.00
N HIS B 633 0.36 11.32 18.20
CA HIS B 633 1.12 12.56 18.10
C HIS B 633 2.22 12.42 17.06
N VAL B 634 2.62 13.56 16.49
CA VAL B 634 3.83 13.67 15.68
C VAL B 634 4.70 14.77 16.29
N ALA B 635 5.99 14.51 16.41
CA ALA B 635 6.89 15.44 17.07
C ALA B 635 8.26 15.38 16.42
N ALA B 636 9.05 16.44 16.62
CA ALA B 636 10.38 16.52 16.04
C ALA B 636 11.25 17.42 16.90
N VAL B 637 12.57 17.19 16.81
CA VAL B 637 13.56 18.00 17.51
C VAL B 637 14.73 18.25 16.56
N LEU B 638 15.39 19.41 16.74
CA LEU B 638 16.47 19.83 15.87
C LEU B 638 17.56 20.53 16.67
N ALA B 639 18.81 20.33 16.25
CA ALA B 639 19.94 21.03 16.85
C ALA B 639 21.09 21.04 15.87
N GLY B 640 22.04 21.95 16.10
CA GLY B 640 23.20 22.06 15.23
C GLY B 640 22.86 22.75 13.92
N LEU B 641 23.58 22.36 12.87
CA LEU B 641 23.35 22.91 11.55
C LEU B 641 22.09 22.31 10.94
N ARG B 642 21.20 23.17 10.46
CA ARG B 642 20.05 22.69 9.71
C ARG B 642 20.44 22.39 8.27
N GLU B 643 21.29 23.23 7.68
CA GLU B 643 21.84 23.00 6.37
C GLU B 643 23.34 22.82 6.49
N PRO B 644 23.91 21.75 5.93
CA PRO B 644 25.34 21.51 6.11
C PRO B 644 26.19 22.48 5.28
N ARG B 645 27.43 22.66 5.74
CA ARG B 645 28.39 23.40 4.93
C ARG B 645 28.77 22.59 3.70
N GLY B 646 29.20 23.29 2.66
CA GLY B 646 29.64 22.68 1.43
C GLY B 646 30.34 23.69 0.57
N PRO B 647 30.53 23.38 -0.72
CA PRO B 647 31.12 24.38 -1.64
C PRO B 647 30.25 25.59 -1.87
N TRP B 648 29.05 25.64 -1.29
CA TRP B 648 28.17 26.80 -1.38
C TRP B 648 28.42 27.80 -0.26
N GLY B 649 28.91 27.35 0.88
CA GLY B 649 29.09 28.20 2.03
C GLY B 649 29.12 27.41 3.33
N PRO B 650 29.14 28.12 4.47
CA PRO B 650 29.29 27.45 5.76
C PRO B 650 28.02 26.82 6.32
N GLY B 651 26.93 26.80 5.56
CA GLY B 651 25.70 26.22 6.09
C GLY B 651 24.96 27.17 7.01
N ARG B 652 23.88 26.64 7.61
CA ARG B 652 22.99 27.48 8.40
C ARG B 652 22.55 26.79 9.69
N PRO B 653 22.79 27.42 10.85
CA PRO B 653 22.36 26.81 12.12
C PRO B 653 20.84 26.71 12.23
N VAL B 654 20.39 25.71 12.99
CA VAL B 654 18.97 25.55 13.29
C VAL B 654 18.44 26.80 13.99
N GLU B 655 17.27 27.24 13.57
CA GLU B 655 16.57 28.35 14.23
C GLU B 655 15.10 27.98 14.38
N ALA B 656 14.38 28.81 15.14
CA ALA B 656 12.96 28.53 15.41
C ALA B 656 12.14 28.41 14.13
N ALA B 657 12.50 29.18 13.09
CA ALA B 657 11.77 29.10 11.83
C ALA B 657 11.83 27.71 11.20
N ASP B 658 12.87 26.93 11.49
CA ASP B 658 12.93 25.56 10.98
C ASP B 658 11.89 24.67 11.66
N ALA B 659 11.59 24.93 12.93
CA ALA B 659 10.52 24.20 13.60
C ALA B 659 9.15 24.62 13.06
N PHE B 660 8.97 25.91 12.77
CA PHE B 660 7.74 26.37 12.15
C PHE B 660 7.57 25.77 10.77
N GLU B 661 8.67 25.60 10.03
CA GLU B 661 8.58 24.96 8.72
C GLU B 661 8.21 23.48 8.85
N ALA B 662 8.67 22.81 9.92
CA ALA B 662 8.25 21.44 10.15
C ALA B 662 6.74 21.35 10.32
N VAL B 663 6.13 22.32 11.00
CA VAL B 663 4.68 22.35 11.11
C VAL B 663 4.04 22.44 9.74
N ARG B 664 4.57 23.29 8.87
CA ARG B 664 3.97 23.47 7.55
C ARG B 664 4.20 22.27 6.66
N ILE B 665 5.29 21.52 6.86
CA ILE B 665 5.49 20.27 6.14
C ILE B 665 4.42 19.27 6.55
N ILE B 666 4.18 19.15 7.86
CA ILE B 666 3.17 18.23 8.35
C ILE B 666 1.78 18.66 7.89
N ALA B 667 1.55 19.97 7.85
CA ALA B 667 0.23 20.47 7.44
C ALA B 667 -0.02 20.21 5.96
N ARG B 668 0.97 20.49 5.11
CA ARG B 668 0.83 20.19 3.69
C ARG B 668 0.63 18.70 3.45
N ALA B 669 1.32 17.87 4.24
CA ALA B 669 1.14 16.42 4.12
C ALA B 669 -0.25 15.98 4.56
N SER B 670 -0.84 16.69 5.52
CA SER B 670 -2.19 16.40 5.98
C SER B 670 -3.26 17.09 5.15
N ARG B 671 -2.86 17.94 4.20
CA ARG B 671 -3.78 18.70 3.36
C ARG B 671 -4.75 19.52 4.21
N VAL B 672 -4.20 20.21 5.21
CA VAL B 672 -4.96 21.12 6.05
C VAL B 672 -4.20 22.44 6.14
N ASP B 673 -4.96 23.51 6.40
CA ASP B 673 -4.38 24.83 6.61
C ASP B 673 -4.21 25.05 8.11
N VAL B 674 -3.06 25.57 8.51
CA VAL B 674 -2.80 25.89 9.90
C VAL B 674 -2.49 27.37 10.01
N THR B 675 -2.68 27.89 11.22
CA THR B 675 -2.22 29.22 11.58
C THR B 675 -1.31 29.09 12.80
N LEU B 676 -0.37 30.03 12.92
CA LEU B 676 0.60 30.03 14.00
C LEU B 676 0.43 31.33 14.78
N ARG B 677 0.37 31.21 16.10
CA ARG B 677 0.12 32.36 16.96
C ARG B 677 1.14 32.38 18.08
N PRO B 678 1.65 33.55 18.45
CA PRO B 678 2.59 33.63 19.56
C PRO B 678 1.97 33.08 20.84
N ALA B 679 2.76 32.30 21.57
CA ALA B 679 2.27 31.70 22.80
C ALA B 679 3.41 31.56 23.79
N GLN B 680 3.05 31.34 25.04
CA GLN B 680 3.98 30.96 26.10
C GLN B 680 3.59 29.58 26.58
N TYR B 681 4.53 28.66 26.55
CA TYR B 681 4.24 27.26 26.86
C TYR B 681 5.53 26.49 27.04
N LEU B 682 5.89 26.17 28.28
CA LEU B 682 7.08 25.38 28.53
C LEU B 682 6.95 24.01 27.86
N PRO B 683 8.06 23.42 27.41
CA PRO B 683 9.44 23.87 27.59
C PRO B 683 9.96 24.84 26.53
N TRP B 684 9.07 25.48 25.77
CA TRP B 684 9.51 26.36 24.70
C TRP B 684 9.94 27.72 25.22
N HIS B 685 10.78 28.38 24.42
CA HIS B 685 11.18 29.77 24.63
C HIS B 685 9.97 30.68 24.48
N PRO B 686 9.62 31.47 25.50
CA PRO B 686 8.37 32.26 25.42
C PRO B 686 8.34 33.30 24.32
N GLY B 687 9.50 33.78 23.86
CA GLY B 687 9.56 34.69 22.75
C GLY B 687 9.74 34.05 21.39
N ARG B 688 9.91 32.73 21.34
CA ARG B 688 10.11 32.01 20.09
C ARG B 688 9.25 30.76 20.06
N CYS B 689 8.00 30.89 20.50
CA CYS B 689 7.06 29.78 20.60
C CYS B 689 5.79 30.15 19.86
N ALA B 690 5.36 29.27 18.96
CA ALA B 690 4.09 29.40 18.28
C ALA B 690 3.15 28.29 18.73
N GLN B 691 1.89 28.65 18.96
CA GLN B 691 0.83 27.67 19.11
C GLN B 691 0.20 27.46 17.74
N VAL B 692 -0.06 26.19 17.41
CA VAL B 692 -0.53 25.81 16.08
C VAL B 692 -2.03 25.55 16.15
N PHE B 693 -2.78 26.13 15.21
CA PHE B 693 -4.23 26.01 15.17
C PHE B 693 -4.68 25.47 13.81
N VAL B 694 -5.68 24.61 13.84
CA VAL B 694 -6.45 24.23 12.66
C VAL B 694 -7.86 24.78 12.87
N GLY B 695 -8.24 25.78 12.09
CA GLY B 695 -9.46 26.50 12.39
C GLY B 695 -9.26 27.26 13.70
N GLU B 696 -10.10 26.97 14.68
CA GLU B 696 -9.96 27.57 16.01
C GLU B 696 -9.57 26.53 17.06
N SER B 697 -9.23 25.32 16.66
CA SER B 697 -8.81 24.25 17.57
C SER B 697 -7.30 24.20 17.63
N SER B 698 -6.75 24.19 18.84
CA SER B 698 -5.31 24.10 19.04
C SER B 698 -4.84 22.67 18.86
N VAL B 699 -3.77 22.48 18.08
CA VAL B 699 -3.25 21.15 17.80
C VAL B 699 -1.81 20.96 18.26
N GLY B 700 -1.12 21.98 18.74
CA GLY B 700 0.21 21.78 19.29
C GLY B 700 1.01 23.07 19.34
N HIS B 701 2.33 22.91 19.42
CA HIS B 701 3.27 24.02 19.57
C HIS B 701 4.56 23.70 18.81
N ALA B 702 5.33 24.76 18.53
CA ALA B 702 6.62 24.63 17.86
C ALA B 702 7.47 25.85 18.16
N GLY B 703 8.78 25.69 18.01
CA GLY B 703 9.71 26.79 18.14
C GLY B 703 10.99 26.36 18.83
N GLN B 704 11.71 27.35 19.35
CA GLN B 704 12.94 27.12 20.08
C GLN B 704 12.65 26.81 21.54
N LEU B 705 13.46 25.95 22.14
CA LEU B 705 13.29 25.57 23.54
C LEU B 705 13.84 26.65 24.47
N HIS B 706 13.27 26.72 25.66
CA HIS B 706 13.67 27.71 26.66
C HIS B 706 15.14 27.52 27.03
N PRO B 707 15.94 28.59 27.09
CA PRO B 707 17.36 28.43 27.40
C PRO B 707 17.63 27.80 28.76
N ALA B 708 16.77 28.04 29.75
CA ALA B 708 16.96 27.41 31.05
C ALA B 708 16.69 25.91 30.99
N VAL B 709 15.66 25.50 30.24
CA VAL B 709 15.41 24.07 30.06
C VAL B 709 16.59 23.41 29.36
N ILE B 710 17.16 24.10 28.37
CA ILE B 710 18.32 23.58 27.66
C ILE B 710 19.49 23.37 28.62
N GLU B 711 19.74 24.34 29.50
CA GLU B 711 20.84 24.24 30.46
C GLU B 711 20.63 23.07 31.43
N ARG B 712 19.45 23.01 32.04
CA ARG B 712 19.20 21.97 33.05
C ARG B 712 19.19 20.57 32.44
N SER B 713 18.83 20.45 31.17
CA SER B 713 18.70 19.15 30.52
C SER B 713 19.96 18.71 29.78
N GLY B 714 21.00 19.55 29.75
CA GLY B 714 22.20 19.20 29.01
C GLY B 714 22.00 19.11 27.51
N LEU B 715 21.10 19.92 26.96
CA LEU B 715 20.78 19.92 25.55
C LEU B 715 21.70 20.89 24.80
N PRO B 716 21.85 20.73 23.49
CA PRO B 716 22.61 21.71 22.72
C PRO B 716 21.90 23.05 22.71
N LYS B 717 22.68 24.12 22.77
CA LYS B 717 22.12 25.46 22.70
C LYS B 717 21.35 25.64 21.39
N GLY B 718 20.23 26.35 21.46
CA GLY B 718 19.41 26.58 20.29
C GLY B 718 18.54 25.42 19.86
N THR B 719 18.47 24.34 20.64
CA THR B 719 17.62 23.21 20.30
C THR B 719 16.18 23.67 20.08
N CYS B 720 15.58 23.20 18.98
CA CYS B 720 14.22 23.52 18.62
C CYS B 720 13.36 22.25 18.61
N ALA B 721 12.04 22.43 18.72
CA ALA B 721 11.15 21.29 18.87
C ALA B 721 9.77 21.64 18.35
N VAL B 722 8.99 20.58 18.04
CA VAL B 722 7.61 20.69 17.61
C VAL B 722 6.86 19.45 18.08
N GLU B 723 5.61 19.63 18.50
CA GLU B 723 4.74 18.50 18.82
C GLU B 723 3.31 18.86 18.45
N LEU B 724 2.67 18.02 17.65
CA LEU B 724 1.28 18.20 17.23
C LEU B 724 0.47 16.96 17.56
N ASN B 725 -0.81 17.17 17.85
CA ASN B 725 -1.76 16.08 18.13
C ASN B 725 -2.48 15.75 16.82
N LEU B 726 -2.09 14.64 16.19
CA LEU B 726 -2.70 14.26 14.92
C LEU B 726 -4.20 13.98 15.07
N ASP B 727 -4.63 13.48 16.23
CA ASP B 727 -6.05 13.22 16.44
C ASP B 727 -6.87 14.50 16.40
N ALA B 728 -6.27 15.64 16.73
CA ALA B 728 -6.98 16.92 16.68
C ALA B 728 -6.98 17.54 15.29
N ILE B 729 -6.25 16.96 14.34
CA ILE B 729 -6.23 17.43 12.96
C ILE B 729 -7.22 16.59 12.17
N PRO B 730 -8.33 17.16 11.70
CA PRO B 730 -9.33 16.34 11.01
C PRO B 730 -8.83 15.87 9.65
N CYS B 731 -9.20 14.65 9.30
CA CYS B 731 -8.86 14.11 7.98
C CYS B 731 -9.70 14.82 6.91
N SER B 732 -9.03 15.45 5.96
CA SER B 732 -9.68 16.22 4.92
C SER B 732 -9.59 15.50 3.58
N ALA B 733 -10.53 15.82 2.71
CA ALA B 733 -10.56 15.29 1.35
C ALA B 733 -11.01 16.42 0.42
N PRO B 734 -10.11 17.34 0.10
CA PRO B 734 -10.50 18.48 -0.75
C PRO B 734 -10.70 18.04 -2.20
N LEU B 735 -11.55 18.78 -2.90
CA LEU B 735 -11.83 18.56 -4.32
C LEU B 735 -11.72 19.91 -5.02
N PRO B 736 -10.51 20.34 -5.35
CA PRO B 736 -10.35 21.65 -5.99
C PRO B 736 -10.89 21.66 -7.41
N ALA B 737 -11.31 22.84 -7.85
CA ALA B 737 -11.75 23.06 -9.23
C ALA B 737 -11.16 24.36 -9.73
N PRO B 738 -9.84 24.37 -9.98
CA PRO B 738 -9.20 25.62 -10.41
C PRO B 738 -9.68 26.05 -11.78
N ARG B 739 -9.76 27.36 -11.97
CA ARG B 739 -10.11 27.96 -13.25
C ARG B 739 -8.96 28.86 -13.69
N VAL B 740 -8.19 28.40 -14.67
CA VAL B 740 -7.00 29.11 -15.11
C VAL B 740 -7.43 30.26 -16.01
N SER B 741 -7.10 31.49 -15.60
CA SER B 741 -7.46 32.66 -16.38
C SER B 741 -6.46 32.90 -17.50
N PRO B 742 -6.89 33.07 -18.74
CA PRO B 742 -5.96 33.30 -19.84
C PRO B 742 -5.52 34.74 -20.00
N TYR B 743 -5.97 35.65 -19.13
CA TYR B 743 -5.64 37.06 -19.25
C TYR B 743 -4.39 37.39 -18.46
N PRO B 744 -3.67 38.45 -18.83
CA PRO B 744 -2.42 38.77 -18.14
C PRO B 744 -2.66 39.28 -16.74
N ALA B 745 -1.60 39.28 -15.95
CA ALA B 745 -1.63 39.74 -14.57
C ALA B 745 -1.06 41.14 -14.45
N VAL B 746 -1.24 41.74 -13.28
CA VAL B 746 -0.62 43.02 -12.95
C VAL B 746 0.21 42.81 -11.68
N PHE B 747 1.45 43.30 -11.71
CA PHE B 747 2.38 43.17 -10.59
C PHE B 747 2.54 44.52 -9.90
N GLN B 748 2.29 44.54 -8.59
CA GLN B 748 2.51 45.72 -7.77
C GLN B 748 3.05 45.28 -6.41
N ASP B 749 3.89 46.14 -5.82
CA ASP B 749 4.38 45.95 -4.47
C ASP B 749 3.79 47.02 -3.56
N VAL B 750 3.58 46.66 -2.30
CA VAL B 750 3.02 47.59 -1.31
C VAL B 750 3.85 47.49 -0.04
N SER B 751 4.28 48.64 0.47
N SER B 751 4.24 48.63 0.50
CA SER B 751 5.07 48.72 1.70
CA SER B 751 5.07 48.72 1.70
C SER B 751 4.20 49.32 2.80
C SER B 751 4.26 49.35 2.81
N LEU B 752 4.08 48.61 3.91
CA LEU B 752 3.25 49.03 5.04
C LEU B 752 4.07 49.05 6.32
N VAL B 753 3.91 50.11 7.11
CA VAL B 753 4.59 50.24 8.40
C VAL B 753 3.60 49.92 9.50
N VAL B 754 4.00 49.04 10.42
CA VAL B 754 3.17 48.61 11.54
C VAL B 754 4.02 48.58 12.80
N ALA B 755 3.34 48.46 13.94
CA ALA B 755 4.04 48.22 15.19
C ALA B 755 4.76 46.87 15.16
N ALA B 756 5.88 46.80 15.87
CA ALA B 756 6.73 45.61 15.79
C ALA B 756 6.02 44.36 16.27
N ASP B 757 5.07 44.49 17.19
CA ASP B 757 4.36 43.32 17.71
C ASP B 757 3.31 42.77 16.76
N ILE B 758 2.97 43.50 15.70
CA ILE B 758 1.96 43.00 14.75
C ILE B 758 2.56 41.82 13.98
N PRO B 759 1.89 40.66 13.95
CA PRO B 759 2.41 39.55 13.16
C PRO B 759 2.27 39.81 11.67
N ALA B 760 3.29 39.39 10.91
CA ALA B 760 3.28 39.62 9.46
C ALA B 760 2.09 38.95 8.79
N GLN B 761 1.67 37.79 9.30
CA GLN B 761 0.53 37.10 8.69
C GLN B 761 -0.76 37.89 8.88
N ALA B 762 -0.89 38.63 9.98
CA ALA B 762 -2.07 39.47 10.18
C ALA B 762 -2.12 40.59 9.15
N VAL B 763 -0.97 41.12 8.76
CA VAL B 763 -0.93 42.15 7.73
C VAL B 763 -1.32 41.56 6.38
N ALA B 764 -0.75 40.40 6.05
CA ALA B 764 -1.11 39.72 4.80
C ALA B 764 -2.60 39.38 4.76
N ASP B 765 -3.15 38.93 5.89
CA ASP B 765 -4.57 38.61 5.95
C ASP B 765 -5.43 39.84 5.69
N ALA B 766 -5.05 40.98 6.30
CA ALA B 766 -5.82 42.20 6.09
C ALA B 766 -5.70 42.69 4.66
N VAL B 767 -4.50 42.60 4.07
CA VAL B 767 -4.32 42.97 2.67
C VAL B 767 -5.20 42.10 1.77
N ARG B 768 -5.22 40.79 2.03
CA ARG B 768 -6.04 39.90 1.23
C ARG B 768 -7.52 40.21 1.38
N ALA B 769 -7.96 40.53 2.60
CA ALA B 769 -9.37 40.80 2.83
C ALA B 769 -9.84 42.05 2.08
N GLY B 770 -8.98 43.08 2.01
CA GLY B 770 -9.36 44.30 1.34
C GLY B 770 -9.18 44.27 -0.16
N ALA B 771 -8.24 43.46 -0.66
CA ALA B 771 -7.95 43.44 -2.08
C ALA B 771 -9.06 42.78 -2.89
N GLY B 772 -9.73 41.78 -2.33
CA GLY B 772 -10.81 41.12 -3.02
C GLY B 772 -10.33 39.99 -3.92
N ASP B 773 -11.23 39.59 -4.83
CA ASP B 773 -10.97 38.41 -5.65
C ASP B 773 -9.96 38.66 -6.75
N LEU B 774 -9.62 39.91 -7.06
CA LEU B 774 -8.61 40.17 -8.06
C LEU B 774 -7.21 39.79 -7.58
N LEU B 775 -7.00 39.67 -6.28
CA LEU B 775 -5.69 39.30 -5.76
C LEU B 775 -5.46 37.82 -5.98
N GLU B 776 -4.50 37.49 -6.85
CA GLU B 776 -4.17 36.11 -7.13
C GLU B 776 -3.08 35.56 -6.23
N ASP B 777 -2.14 36.40 -5.80
CA ASP B 777 -1.01 35.93 -5.00
C ASP B 777 -0.44 37.10 -4.20
N ILE B 778 0.02 36.80 -2.99
CA ILE B 778 0.70 37.77 -2.13
C ILE B 778 1.89 37.07 -1.47
N ALA B 779 3.03 37.76 -1.45
CA ALA B 779 4.24 37.21 -0.88
C ALA B 779 5.05 38.31 -0.21
N LEU B 780 5.39 38.09 1.06
CA LEU B 780 6.27 39.00 1.79
C LEU B 780 7.71 38.79 1.34
N PHE B 781 8.42 39.87 1.00
CA PHE B 781 9.82 39.75 0.62
C PHE B 781 10.74 40.75 1.31
N ASP B 782 10.24 41.55 2.25
CA ASP B 782 11.11 42.51 2.93
C ASP B 782 10.52 42.89 4.27
N VAL B 783 11.36 42.86 5.31
CA VAL B 783 11.03 43.33 6.65
C VAL B 783 12.14 44.29 7.05
N PHE B 784 11.83 45.57 7.17
CA PHE B 784 12.82 46.61 7.36
C PHE B 784 12.58 47.36 8.66
N THR B 785 13.60 47.41 9.52
CA THR B 785 13.55 48.10 10.80
C THR B 785 14.64 49.17 10.89
N GLY B 786 14.91 49.85 9.77
CA GLY B 786 15.94 50.85 9.75
C GLY B 786 15.59 52.07 10.60
N PRO B 787 16.48 53.07 10.57
CA PRO B 787 16.28 54.24 11.44
C PRO B 787 15.14 55.14 10.97
N GLN B 788 14.81 55.15 9.68
CA GLN B 788 13.72 56.00 9.20
C GLN B 788 12.35 55.48 9.59
N ILE B 789 12.26 54.31 10.21
CA ILE B 789 10.96 53.71 10.50
C ILE B 789 10.43 54.13 11.86
N GLY B 790 11.30 54.29 12.84
CA GLY B 790 10.83 54.62 14.18
C GLY B 790 10.93 53.41 15.09
N GLU B 791 11.18 53.69 16.38
CA GLU B 791 11.38 52.61 17.35
C GLU B 791 10.11 51.79 17.52
N HIS B 792 10.29 50.48 17.70
CA HIS B 792 9.19 49.54 17.94
C HIS B 792 8.21 49.49 16.77
N ARG B 793 8.72 49.75 15.57
CA ARG B 793 7.92 49.68 14.36
C ARG B 793 8.73 48.98 13.27
N LYS B 794 8.03 48.53 12.23
CA LYS B 794 8.69 47.81 11.15
C LYS B 794 7.93 48.04 9.85
N SER B 795 8.67 48.06 8.75
CA SER B 795 8.10 48.18 7.42
C SER B 795 8.10 46.81 6.75
N LEU B 796 6.96 46.43 6.17
CA LEU B 796 6.81 45.17 5.47
C LEU B 796 6.42 45.48 4.02
N THR B 797 7.08 44.81 3.07
CA THR B 797 6.79 45.00 1.66
C THR B 797 6.35 43.67 1.06
N PHE B 798 5.17 43.67 0.45
CA PHE B 798 4.57 42.49 -0.14
C PHE B 798 4.52 42.62 -1.66
N ALA B 799 4.78 41.52 -2.35
CA ALA B 799 4.59 41.45 -3.79
C ALA B 799 3.18 40.94 -4.08
N LEU B 800 2.45 41.69 -4.89
CA LEU B 800 1.05 41.40 -5.19
C LEU B 800 0.89 41.05 -6.65
N ARG B 801 0.08 40.04 -6.94
CA ARG B 801 -0.24 39.61 -8.30
C ARG B 801 -1.74 39.69 -8.47
N PHE B 802 -2.21 40.60 -9.32
CA PHE B 802 -3.63 40.77 -9.61
C PHE B 802 -3.94 40.18 -10.98
N ARG B 803 -5.07 39.46 -11.07
CA ARG B 803 -5.51 38.93 -12.35
C ARG B 803 -7.02 38.77 -12.32
N ALA B 804 -7.69 39.27 -13.39
CA ALA B 804 -9.12 39.13 -13.57
C ALA B 804 -9.44 37.85 -14.34
N PRO B 805 -10.59 37.22 -14.07
CA PRO B 805 -10.93 35.98 -14.78
C PRO B 805 -11.53 36.19 -16.15
N ASP B 806 -11.88 37.42 -16.53
CA ASP B 806 -12.62 37.62 -17.77
C ASP B 806 -12.19 38.87 -18.53
N ARG B 807 -11.07 39.51 -18.17
CA ARG B 807 -10.69 40.75 -18.82
C ARG B 807 -9.24 41.08 -18.48
N THR B 808 -8.68 41.98 -19.27
CA THR B 808 -7.39 42.58 -18.96
C THR B 808 -7.61 43.81 -18.09
N LEU B 809 -6.78 43.95 -17.06
CA LEU B 809 -6.92 45.04 -16.11
C LEU B 809 -6.07 46.24 -16.54
N THR B 810 -6.49 47.42 -16.10
CA THR B 810 -5.64 48.59 -16.16
C THR B 810 -4.89 48.74 -14.84
N GLU B 811 -3.85 49.58 -14.86
CA GLU B 811 -3.13 49.85 -13.63
C GLU B 811 -4.03 50.49 -12.58
N ASP B 812 -5.02 51.28 -13.01
CA ASP B 812 -5.95 51.89 -12.08
C ASP B 812 -6.83 50.85 -11.41
N ASP B 813 -7.29 49.85 -12.18
CA ASP B 813 -8.07 48.76 -11.58
C ASP B 813 -7.29 48.06 -10.49
N ALA B 814 -6.01 47.77 -10.74
CA ALA B 814 -5.18 47.11 -9.73
C ALA B 814 -4.92 48.03 -8.56
N SER B 815 -4.58 49.30 -8.83
CA SER B 815 -4.34 50.25 -7.76
C SER B 815 -5.56 50.45 -6.88
N ALA B 816 -6.76 50.34 -7.47
CA ALA B 816 -7.97 50.44 -6.67
C ALA B 816 -8.09 49.28 -5.68
N ALA B 817 -7.74 48.07 -6.12
CA ALA B 817 -7.75 46.93 -5.21
C ALA B 817 -6.64 47.05 -4.18
N ARG B 818 -5.49 47.57 -4.59
CA ARG B 818 -4.39 47.79 -3.65
C ARG B 818 -4.77 48.82 -2.59
N ASP B 819 -5.43 49.90 -3.01
CA ASP B 819 -5.82 50.95 -2.06
C ASP B 819 -6.83 50.44 -1.05
N ALA B 820 -7.75 49.58 -1.49
CA ALA B 820 -8.69 48.96 -0.55
C ALA B 820 -7.98 48.01 0.39
N ALA B 821 -6.92 47.35 -0.08
CA ALA B 821 -6.11 46.52 0.81
C ALA B 821 -5.36 47.36 1.82
N VAL B 822 -4.90 48.55 1.40
CA VAL B 822 -4.22 49.46 2.32
C VAL B 822 -5.17 49.93 3.41
N GLN B 823 -6.40 50.29 3.04
CA GLN B 823 -7.38 50.72 4.04
C GLN B 823 -7.76 49.58 4.98
N SER B 824 -7.89 48.37 4.44
CA SER B 824 -8.14 47.21 5.28
C SER B 824 -7.04 47.03 6.31
N ALA B 825 -5.79 47.18 5.90
CA ALA B 825 -4.67 47.01 6.83
C ALA B 825 -4.63 48.13 7.86
N ALA B 826 -4.98 49.36 7.45
CA ALA B 826 -5.04 50.46 8.41
C ALA B 826 -6.08 50.17 9.50
N GLU B 827 -7.23 49.60 9.11
CA GLU B 827 -8.32 49.36 10.06
C GLU B 827 -8.05 48.17 10.97
N ARG B 828 -7.34 47.15 10.49
CA ARG B 828 -7.21 45.91 11.24
C ARG B 828 -5.92 45.82 12.05
N VAL B 829 -4.82 46.36 11.55
CA VAL B 829 -3.54 46.23 12.25
C VAL B 829 -2.86 47.60 12.42
N GLY B 830 -3.58 48.66 12.07
CA GLY B 830 -3.02 50.00 12.23
C GLY B 830 -1.94 50.36 11.25
N ALA B 831 -1.91 49.71 10.09
CA ALA B 831 -0.83 49.92 9.14
C ALA B 831 -0.88 51.33 8.55
N VAL B 832 0.30 51.89 8.29
CA VAL B 832 0.46 53.17 7.62
C VAL B 832 1.24 52.93 6.33
N LEU B 833 0.72 53.44 5.22
CA LEU B 833 1.42 53.34 3.95
C LEU B 833 2.80 53.98 4.05
N ARG B 834 3.82 53.26 3.61
CA ARG B 834 5.20 53.74 3.73
C ARG B 834 5.37 55.07 3.00
N GLY B 835 6.02 56.01 3.66
CA GLY B 835 6.27 57.32 3.07
C GLY B 835 7.21 58.18 3.88
N ALA D 1 50.62 30.43 57.10
CA ALA D 1 50.07 31.75 57.39
C ALA D 1 48.84 32.01 56.53
N MET D 2 48.77 31.33 55.38
CA MET D 2 47.63 31.49 54.49
C MET D 2 46.35 30.94 55.08
N LEU D 3 46.43 30.15 56.15
CA LEU D 3 45.26 29.61 56.82
C LEU D 3 44.79 30.49 57.97
N SER D 4 45.32 31.70 58.09
CA SER D 4 44.93 32.61 59.16
C SER D 4 43.48 33.05 58.96
N PRO D 5 42.75 33.33 60.05
CA PRO D 5 41.38 33.85 59.89
C PRO D 5 41.31 35.13 59.09
N GLU D 6 42.31 36.01 59.22
CA GLU D 6 42.33 37.23 58.42
C GLU D 6 42.74 36.95 56.99
N ALA D 7 43.63 35.97 56.78
CA ALA D 7 44.01 35.60 55.42
C ALA D 7 42.85 34.95 54.68
N LEU D 8 42.10 34.08 55.36
CA LEU D 8 40.92 33.47 54.74
C LEU D 8 39.82 34.51 54.50
N THR D 9 39.70 35.50 55.38
CA THR D 9 38.73 36.56 55.18
C THR D 9 39.05 37.40 53.95
N THR D 10 40.34 37.56 53.64
CA THR D 10 40.72 38.31 52.44
C THR D 10 40.22 37.61 51.18
N ALA D 11 40.34 36.28 51.14
CA ALA D 11 39.87 35.53 49.98
C ALA D 11 38.34 35.59 49.87
N VAL D 12 37.65 35.59 51.01
CA VAL D 12 36.19 35.68 51.00
C VAL D 12 35.75 37.04 50.46
N ASP D 13 36.40 38.11 50.90
CA ASP D 13 36.06 39.44 50.41
C ASP D 13 36.38 39.56 48.92
N ALA D 14 37.50 39.00 48.48
CA ALA D 14 37.81 39.00 47.05
C ALA D 14 36.81 38.17 46.26
N ALA D 15 36.18 37.17 46.90
CA ALA D 15 35.19 36.36 46.23
C ALA D 15 33.81 37.03 46.23
N GLN D 16 33.38 37.50 47.39
CA GLN D 16 32.03 38.05 47.51
C GLN D 16 31.88 39.35 46.73
N GLN D 17 32.92 40.20 46.74
CA GLN D 17 32.84 41.43 45.95
C GLN D 17 32.75 41.12 44.47
N ALA D 18 33.52 40.14 43.99
CA ALA D 18 33.45 39.77 42.59
C ALA D 18 32.12 39.11 42.27
N ILE D 19 31.56 38.34 43.20
CA ILE D 19 30.28 37.69 42.98
C ILE D 19 29.16 38.72 42.90
N ALA D 20 29.17 39.71 43.79
CA ALA D 20 28.11 40.71 43.81
C ALA D 20 28.17 41.63 42.60
N LEU D 21 29.34 41.82 42.01
CA LEU D 21 29.49 42.71 40.87
C LEU D 21 29.34 42.02 39.53
N ALA D 22 29.30 40.69 39.51
CA ALA D 22 29.03 39.97 38.27
C ALA D 22 27.57 40.13 37.89
N ASP D 23 27.31 40.67 36.70
CA ASP D 23 25.95 40.97 36.29
C ASP D 23 25.46 40.11 35.13
N THR D 24 26.28 39.18 34.64
CA THR D 24 25.86 38.22 33.64
C THR D 24 26.28 36.82 34.07
N LEU D 25 25.63 35.81 33.49
CA LEU D 25 25.96 34.43 33.83
C LEU D 25 27.34 34.03 33.30
N ASP D 26 27.75 34.60 32.16
CA ASP D 26 29.08 34.30 31.64
C ASP D 26 30.17 34.90 32.53
N VAL D 27 29.93 36.10 33.07
CA VAL D 27 30.90 36.71 33.97
C VAL D 27 30.94 35.98 35.30
N LEU D 28 29.78 35.57 35.81
CA LEU D 28 29.76 34.81 37.06
C LEU D 28 30.49 33.49 36.93
N ALA D 29 30.45 32.87 35.74
CA ALA D 29 31.21 31.65 35.52
C ALA D 29 32.71 31.90 35.63
N ARG D 30 33.18 33.07 35.22
CA ARG D 30 34.59 33.40 35.40
C ARG D 30 34.92 33.62 36.87
N VAL D 31 34.03 34.31 37.60
CA VAL D 31 34.24 34.50 39.04
C VAL D 31 34.30 33.16 39.75
N LYS D 32 33.48 32.19 39.31
CA LYS D 32 33.49 30.87 39.94
C LYS D 32 34.80 30.16 39.71
N THR D 33 35.37 30.27 38.50
CA THR D 33 36.60 29.56 38.18
C THR D 33 37.78 30.07 39.01
N GLU D 34 37.89 31.39 39.17
CA GLU D 34 39.06 31.98 39.80
C GLU D 34 38.89 32.24 41.30
N HIS D 35 37.67 32.13 41.83
CA HIS D 35 37.45 32.30 43.26
C HIS D 35 36.90 31.06 43.95
N LEU D 36 36.46 30.05 43.20
CA LEU D 36 36.00 28.80 43.79
C LEU D 36 36.52 27.57 43.05
N GLY D 37 37.27 27.74 41.97
CA GLY D 37 37.77 26.62 41.20
C GLY D 37 39.01 25.99 41.81
N ASP D 38 39.50 24.94 41.15
CA ASP D 38 40.60 24.14 41.67
C ASP D 38 41.89 24.93 41.82
N ARG D 39 41.99 26.13 41.25
CA ARG D 39 43.20 26.94 41.34
C ARG D 39 42.98 28.22 42.15
N SER D 40 41.83 28.36 42.80
CA SER D 40 41.50 29.55 43.57
C SER D 40 42.21 29.54 44.91
N PRO D 41 42.31 30.69 45.57
CA PRO D 41 42.92 30.70 46.93
C PRO D 41 42.18 29.84 47.93
N LEU D 42 40.85 29.95 48.00
CA LEU D 42 40.09 29.15 48.95
C LEU D 42 40.25 27.65 48.69
N ALA D 43 40.50 27.26 47.44
CA ALA D 43 40.76 25.86 47.14
C ALA D 43 42.17 25.46 47.55
N LEU D 44 43.16 26.32 47.28
CA LEU D 44 44.52 26.02 47.71
C LEU D 44 44.63 25.99 49.23
N ALA D 45 43.78 26.74 49.93
CA ALA D 45 43.78 26.69 51.39
C ALA D 45 43.36 25.31 51.89
N ARG D 46 42.39 24.68 51.21
CA ARG D 46 41.98 23.34 51.60
C ARG D 46 43.03 22.31 51.21
N GLN D 47 43.78 22.55 50.13
CA GLN D 47 44.84 21.63 49.74
C GLN D 47 46.00 21.66 50.72
N ALA D 48 46.26 22.81 51.34
CA ALA D 48 47.35 22.94 52.30
C ALA D 48 47.06 22.23 53.61
N LEU D 49 45.81 21.85 53.87
CA LEU D 49 45.48 21.12 55.09
C LEU D 49 46.13 19.74 55.12
N ALA D 50 46.46 19.17 53.96
CA ALA D 50 47.07 17.85 53.94
C ALA D 50 48.50 17.87 54.49
N VAL D 51 49.29 18.88 54.10
CA VAL D 51 50.66 18.97 54.59
C VAL D 51 50.77 19.52 56.00
N LEU D 52 49.67 20.05 56.54
CA LEU D 52 49.70 20.55 57.90
C LEU D 52 49.83 19.40 58.90
N PRO D 53 50.47 19.64 60.04
CA PRO D 53 50.55 18.58 61.06
C PRO D 53 49.18 18.12 61.51
N LYS D 54 49.10 16.84 61.91
CA LYS D 54 47.83 16.25 62.27
C LYS D 54 47.14 16.99 63.42
N GLU D 55 47.94 17.53 64.35
CA GLU D 55 47.38 18.24 65.49
C GLU D 55 46.70 19.54 65.10
N GLN D 56 47.06 20.13 63.95
CA GLN D 56 46.54 21.41 63.54
C GLN D 56 45.44 21.32 62.49
N ARG D 57 45.16 20.12 61.96
CA ARG D 57 44.20 20.00 60.87
C ARG D 57 42.78 20.29 61.33
N ALA D 58 42.43 19.92 62.57
CA ALA D 58 41.07 20.09 63.05
C ALA D 58 40.71 21.57 63.19
N GLU D 59 41.61 22.35 63.80
CA GLU D 59 41.34 23.77 64.01
C GLU D 59 41.36 24.54 62.69
N ALA D 60 42.39 24.32 61.88
CA ALA D 60 42.52 25.05 60.62
C ALA D 60 41.43 24.65 59.63
N GLY D 61 41.15 23.34 59.53
CA GLY D 61 40.12 22.89 58.61
C GLY D 61 38.75 23.44 58.93
N LYS D 62 38.48 23.69 60.22
CA LYS D 62 37.19 24.27 60.60
C LYS D 62 37.07 25.71 60.13
N ARG D 63 38.17 26.47 60.17
CA ARG D 63 38.14 27.85 59.70
C ARG D 63 38.07 27.92 58.18
N VAL D 64 38.66 26.94 57.49
CA VAL D 64 38.62 26.93 56.03
C VAL D 64 37.20 26.67 55.55
N ASN D 65 36.50 25.71 56.16
CA ASN D 65 35.16 25.36 55.70
C ASN D 65 34.17 26.49 55.95
N ALA D 66 34.33 27.22 57.05
CA ALA D 66 33.43 28.34 57.32
C ALA D 66 33.60 29.44 56.28
N ALA D 67 34.85 29.76 55.93
CA ALA D 67 35.09 30.72 54.86
C ALA D 67 34.63 30.17 53.52
N ARG D 68 34.88 28.88 53.27
CA ARG D 68 34.48 28.28 52.01
C ARG D 68 32.97 28.26 51.85
N ASN D 69 32.24 27.95 52.93
CA ASN D 69 30.79 27.93 52.86
C ASN D 69 30.22 29.34 52.70
N ALA D 70 30.88 30.35 53.27
CA ALA D 70 30.42 31.72 53.10
C ALA D 70 30.52 32.15 51.64
N ALA D 71 31.61 31.77 50.96
CA ALA D 71 31.74 32.08 49.55
C ALA D 71 30.76 31.27 48.71
N GLN D 72 30.60 29.99 49.03
CA GLN D 72 29.67 29.14 48.27
C GLN D 72 28.23 29.63 48.46
N ARG D 73 27.90 30.11 49.66
CA ARG D 73 26.55 30.61 49.91
C ARG D 73 26.26 31.84 49.06
N SER D 74 27.20 32.78 49.00
CA SER D 74 27.01 33.97 48.20
C SER D 74 26.89 33.64 46.72
N TYR D 75 27.66 32.65 46.26
CA TYR D 75 27.61 32.28 44.85
C TYR D 75 26.26 31.67 44.48
N ASP D 76 25.72 30.79 45.33
CA ASP D 76 24.50 30.08 45.00
C ASP D 76 23.33 31.05 44.82
N GLU D 77 23.19 32.01 45.72
CA GLU D 77 22.07 32.95 45.61
C GLU D 77 22.28 33.94 44.48
N ARG D 78 23.53 34.28 44.17
CA ARG D 78 23.79 35.18 43.03
C ARG D 78 23.49 34.47 41.72
N LEU D 79 23.84 33.19 41.62
CA LEU D 79 23.47 32.41 40.43
C LEU D 79 21.96 32.35 40.26
N ALA D 80 21.23 32.12 41.36
CA ALA D 80 19.78 32.09 41.29
C ALA D 80 19.21 33.44 40.88
N THR D 81 19.78 34.52 41.43
CA THR D 81 19.33 35.86 41.07
C THR D 81 19.56 36.15 39.60
N LEU D 82 20.74 35.80 39.09
CA LEU D 82 21.05 36.06 37.68
C LEU D 82 20.24 35.16 36.76
N ARG D 83 19.95 33.92 37.18
CA ARG D 83 19.09 33.06 36.38
C ARG D 83 17.66 33.60 36.35
N ALA D 84 17.17 34.09 37.48
CA ALA D 84 15.83 34.67 37.52
C ALA D 84 15.73 35.89 36.62
N GLU D 85 16.77 36.72 36.59
CA GLU D 85 16.77 37.88 35.70
C GLU D 85 16.79 37.44 34.23
N ARG D 86 17.58 36.43 33.91
CA ARG D 86 17.60 35.91 32.54
C ARG D 86 16.23 35.38 32.15
N ASP D 87 15.60 34.60 33.02
CA ASP D 87 14.27 34.06 32.72
C ASP D 87 13.24 35.18 32.60
N ALA D 88 13.37 36.23 33.40
CA ALA D 88 12.42 37.34 33.31
C ALA D 88 12.61 38.14 32.02
N ALA D 89 13.84 38.21 31.53
N ALA D 89 13.83 38.21 31.51
CA ALA D 89 14.12 38.99 30.32
CA ALA D 89 14.13 39.04 30.35
C ALA D 89 13.47 38.35 29.09
C ALA D 89 14.14 38.27 29.03
N VAL D 90 13.62 37.03 28.94
N VAL D 90 13.84 36.96 29.06
CA VAL D 90 13.03 36.36 27.79
CA VAL D 90 14.00 36.15 27.86
C VAL D 90 11.51 36.40 27.83
C VAL D 90 12.88 36.42 26.85
N LEU D 91 10.92 36.65 29.01
N LEU D 91 11.67 36.71 27.33
CA LEU D 91 9.47 36.82 29.09
CA LEU D 91 10.53 36.89 26.43
C LEU D 91 9.03 38.18 28.56
C LEU D 91 10.75 38.06 25.48
N VAL D 92 9.75 39.24 28.91
N VAL D 92 11.17 39.20 26.02
CA VAL D 92 9.33 40.59 28.55
CA VAL D 92 11.27 40.42 25.21
C VAL D 92 9.98 41.13 27.28
C VAL D 92 12.59 40.48 24.47
N ALA D 93 11.14 40.59 26.88
N ALA D 93 13.69 40.14 25.14
CA ALA D 93 11.79 41.08 25.69
CA ALA D 93 15.01 40.32 24.54
C ALA D 93 11.03 40.66 24.43
C ALA D 93 15.24 39.43 23.33
N GLU D 94 11.12 41.49 23.40
N GLU D 94 14.54 38.31 23.23
CA GLU D 94 10.48 41.19 22.12
CA GLU D 94 14.74 37.37 22.14
C GLU D 94 11.22 40.04 21.45
C GLU D 94 13.44 37.01 21.44
N GLY D 95 10.57 38.88 21.37
N GLY D 95 12.47 37.92 21.44
CA GLY D 95 11.19 37.71 20.78
CA GLY D 95 11.21 37.66 20.78
C GLY D 95 11.29 37.77 19.28
C GLY D 95 11.31 37.74 19.28
N ILE D 96 10.43 37.00 18.60
CA ILE D 96 10.39 36.97 17.14
C ILE D 96 8.95 36.95 16.68
N ASP D 97 8.75 37.24 15.39
CA ASP D 97 7.45 37.12 14.73
C ASP D 97 7.30 35.68 14.26
N VAL D 98 6.55 34.88 15.02
CA VAL D 98 6.44 33.45 14.71
C VAL D 98 5.59 33.17 13.48
N THR D 99 4.97 34.19 12.89
CA THR D 99 4.13 34.01 11.71
C THR D 99 4.86 34.31 10.41
N LEU D 100 6.14 34.65 10.47
CA LEU D 100 6.88 34.90 9.24
C LEU D 100 6.85 33.64 8.37
N PRO D 101 6.75 33.80 7.05
CA PRO D 101 6.83 32.63 6.16
C PRO D 101 8.19 31.96 6.29
N SER D 102 8.18 30.62 6.26
CA SER D 102 9.39 29.85 6.51
C SER D 102 9.74 28.87 5.39
N THR D 103 8.90 28.76 4.37
CA THR D 103 9.11 27.76 3.32
C THR D 103 10.07 28.32 2.28
N ARG D 104 11.34 27.92 2.39
CA ARG D 104 12.36 28.39 1.45
C ARG D 104 12.31 27.64 0.13
N VAL D 105 11.82 26.41 0.13
CA VAL D 105 11.64 25.63 -1.09
C VAL D 105 10.16 25.25 -1.18
N PRO D 106 9.33 26.07 -1.81
CA PRO D 106 7.89 25.77 -1.83
C PRO D 106 7.58 24.50 -2.60
N ALA D 107 6.66 23.72 -2.03
CA ALA D 107 6.35 22.40 -2.56
C ALA D 107 5.78 22.49 -3.97
N GLY D 108 5.91 21.40 -4.71
CA GLY D 108 5.36 21.25 -6.05
C GLY D 108 4.03 20.54 -6.02
N ALA D 109 3.79 19.73 -7.05
CA ALA D 109 2.53 19.00 -7.13
C ALA D 109 2.63 17.89 -8.16
N ARG D 110 2.26 16.68 -7.78
CA ARG D 110 1.96 15.65 -8.76
C ARG D 110 0.66 15.99 -9.46
N HIS D 111 0.51 15.51 -10.69
CA HIS D 111 -0.65 15.89 -11.48
C HIS D 111 -1.92 15.23 -10.93
N PRO D 112 -3.05 15.95 -10.95
CA PRO D 112 -4.29 15.37 -10.40
C PRO D 112 -4.74 14.09 -11.11
N ILE D 113 -4.45 13.95 -12.40
CA ILE D 113 -4.82 12.74 -13.11
C ILE D 113 -3.96 11.56 -12.65
N ILE D 114 -2.67 11.81 -12.41
CA ILE D 114 -1.80 10.77 -11.88
C ILE D 114 -2.22 10.37 -10.48
N MET D 115 -2.64 11.36 -9.67
CA MET D 115 -3.05 11.06 -8.30
C MET D 115 -4.36 10.29 -8.29
N LEU D 116 -5.29 10.64 -9.17
CA LEU D 116 -6.52 9.87 -9.30
C LEU D 116 -6.22 8.44 -9.75
N ALA D 117 -5.32 8.29 -10.72
CA ALA D 117 -4.94 6.96 -11.18
C ALA D 117 -4.33 6.14 -10.05
N GLU D 118 -3.54 6.79 -9.18
CA GLU D 118 -2.96 6.09 -8.05
C GLU D 118 -4.03 5.64 -7.07
N HIS D 119 -5.01 6.51 -6.79
CA HIS D 119 -6.09 6.15 -5.88
C HIS D 119 -6.92 5.00 -6.44
N VAL D 120 -7.16 5.01 -7.76
CA VAL D 120 -7.91 3.93 -8.40
C VAL D 120 -7.13 2.62 -8.33
N ALA D 121 -5.82 2.67 -8.58
CA ALA D 121 -4.99 1.47 -8.49
C ALA D 121 -5.00 0.91 -7.07
N ASP D 122 -4.83 1.78 -6.07
CA ASP D 122 -4.87 1.32 -4.68
C ASP D 122 -6.19 0.67 -4.34
N THR D 123 -7.30 1.19 -4.89
CA THR D 123 -8.61 0.61 -4.64
C THR D 123 -8.67 -0.83 -5.11
N PHE D 124 -8.14 -1.11 -6.30
CA PHE D 124 -8.23 -2.45 -6.85
C PHE D 124 -7.16 -3.39 -6.30
N ILE D 125 -5.98 -2.87 -5.96
CA ILE D 125 -4.99 -3.68 -5.26
C ILE D 125 -5.58 -4.23 -3.98
N ALA D 126 -6.27 -3.38 -3.22
CA ALA D 126 -6.89 -3.80 -1.96
C ALA D 126 -7.95 -4.87 -2.15
N MET D 127 -8.45 -5.06 -3.38
CA MET D 127 -9.36 -6.16 -3.69
C MET D 127 -8.64 -7.33 -4.35
N GLY D 128 -7.31 -7.32 -4.37
CA GLY D 128 -6.55 -8.43 -4.88
C GLY D 128 -6.14 -8.34 -6.33
N TRP D 129 -6.51 -7.28 -7.03
CA TRP D 129 -6.14 -7.11 -8.43
C TRP D 129 -4.68 -6.63 -8.53
N GLU D 130 -4.13 -6.68 -9.74
CA GLU D 130 -2.79 -6.19 -10.01
C GLU D 130 -2.83 -5.24 -11.20
N LEU D 131 -1.74 -4.50 -11.40
CA LEU D 131 -1.62 -3.50 -12.46
C LEU D 131 -0.70 -3.99 -13.56
N ALA D 132 -1.12 -3.79 -14.81
CA ALA D 132 -0.34 -4.16 -15.98
C ALA D 132 -0.19 -2.94 -16.89
N GLU D 133 0.84 -2.98 -17.74
CA GLU D 133 1.16 -1.89 -18.65
C GLU D 133 1.51 -2.44 -20.02
N GLY D 134 1.40 -1.58 -21.03
CA GLY D 134 1.72 -1.94 -22.39
C GLY D 134 2.08 -0.74 -23.24
N PRO D 135 2.56 -1.00 -24.46
CA PRO D 135 3.00 0.10 -25.32
C PRO D 135 1.84 0.94 -25.85
N GLU D 136 2.10 2.23 -26.03
CA GLU D 136 1.10 3.14 -26.57
C GLU D 136 1.01 3.01 -28.09
N VAL D 137 2.14 2.84 -28.77
CA VAL D 137 2.15 2.45 -30.18
C VAL D 137 1.95 0.94 -30.23
N GLU D 138 0.80 0.51 -30.73
CA GLU D 138 0.36 -0.87 -30.62
C GLU D 138 0.03 -1.43 -32.00
N THR D 139 0.13 -2.75 -32.13
CA THR D 139 -0.27 -3.42 -33.36
C THR D 139 -1.78 -3.44 -33.49
N GLU D 140 -2.25 -3.46 -34.74
CA GLU D 140 -3.68 -3.59 -34.98
C GLU D 140 -4.20 -4.95 -34.52
N GLN D 141 -3.33 -5.95 -34.45
CA GLN D 141 -3.75 -7.29 -34.00
C GLN D 141 -4.30 -7.23 -32.58
N PHE D 142 -3.58 -6.57 -31.68
CA PHE D 142 -3.99 -6.51 -30.27
C PHE D 142 -5.01 -5.42 -29.99
N ASN D 143 -5.04 -4.36 -30.80
CA ASN D 143 -5.95 -3.26 -30.55
C ASN D 143 -7.33 -3.50 -31.15
N PHE D 144 -7.44 -4.29 -32.21
CA PHE D 144 -8.71 -4.47 -32.89
C PHE D 144 -9.02 -5.95 -33.14
N ASP D 145 -8.09 -6.68 -33.75
CA ASP D 145 -8.38 -8.04 -34.19
C ASP D 145 -8.67 -8.96 -33.02
N ALA D 146 -7.79 -8.97 -32.02
CA ALA D 146 -8.01 -9.82 -30.85
C ALA D 146 -9.21 -9.39 -30.01
N LEU D 147 -9.76 -8.20 -30.26
CA LEU D 147 -10.89 -7.69 -29.50
C LEU D 147 -12.20 -7.79 -30.29
N ASN D 148 -12.29 -8.72 -31.24
CA ASN D 148 -13.51 -9.03 -31.98
C ASN D 148 -14.02 -7.84 -32.79
N PHE D 149 -13.13 -6.92 -33.18
CA PHE D 149 -13.52 -5.87 -34.11
C PHE D 149 -13.63 -6.43 -35.52
N PRO D 150 -14.74 -6.20 -36.21
CA PRO D 150 -14.85 -6.68 -37.60
C PRO D 150 -13.82 -6.01 -38.50
N ALA D 151 -13.63 -6.61 -39.68
CA ALA D 151 -12.62 -6.13 -40.60
C ALA D 151 -12.93 -4.73 -41.12
N ASP D 152 -14.18 -4.48 -41.49
CA ASP D 152 -14.60 -3.19 -42.02
C ASP D 152 -15.26 -2.32 -40.95
N HIS D 153 -14.77 -2.37 -39.72
CA HIS D 153 -15.34 -1.57 -38.66
C HIS D 153 -14.98 -0.10 -38.87
N PRO D 154 -15.91 0.83 -38.62
CA PRO D 154 -15.62 2.26 -38.84
C PRO D 154 -14.52 2.80 -37.94
N ALA D 155 -14.24 2.15 -36.80
CA ALA D 155 -13.16 2.61 -35.93
C ALA D 155 -11.79 2.27 -36.49
N ARG D 156 -11.70 1.32 -37.42
CA ARG D 156 -10.43 0.98 -38.05
C ARG D 156 -10.03 1.96 -39.15
N GLY D 157 -10.89 2.93 -39.46
CA GLY D 157 -10.59 3.90 -40.50
C GLY D 157 -9.67 5.00 -40.01
N GLU D 158 -9.34 5.90 -40.93
CA GLU D 158 -8.50 7.05 -40.63
C GLU D 158 -9.27 8.18 -39.95
N GLN D 159 -10.55 7.98 -39.66
CA GLN D 159 -11.37 9.04 -39.08
C GLN D 159 -11.22 9.14 -37.58
N ASP D 160 -11.24 8.00 -36.88
CA ASP D 160 -11.26 7.99 -35.42
C ASP D 160 -9.97 7.51 -34.78
N THR D 161 -9.12 6.79 -35.51
CA THR D 161 -7.91 6.19 -34.96
C THR D 161 -6.68 6.83 -35.58
N PHE D 162 -5.72 7.21 -34.72
CA PHE D 162 -4.42 7.67 -35.19
C PHE D 162 -3.62 6.48 -35.71
N TYR D 163 -3.36 6.45 -37.01
CA TYR D 163 -2.57 5.39 -37.62
C TYR D 163 -1.14 5.85 -37.88
N ILE D 164 -0.22 4.90 -37.90
CA ILE D 164 1.18 5.17 -38.13
C ILE D 164 1.46 5.09 -39.63
N ALA D 165 2.08 6.14 -40.18
CA ALA D 165 2.43 6.14 -41.58
C ALA D 165 3.48 5.06 -41.86
N PRO D 166 3.48 4.48 -43.08
CA PRO D 166 2.58 4.77 -44.19
C PRO D 166 1.23 4.06 -44.06
N GLU D 167 0.38 4.21 -45.08
CA GLU D 167 -0.96 3.64 -45.02
C GLU D 167 -0.90 2.12 -44.98
N ASP D 168 -1.87 1.54 -44.27
CA ASP D 168 -2.03 0.08 -44.16
C ASP D 168 -0.83 -0.56 -43.48
N SER D 169 -0.28 0.12 -42.47
CA SER D 169 0.86 -0.38 -41.71
C SER D 169 0.46 -1.29 -40.56
N ARG D 170 -0.83 -1.40 -40.25
CA ARG D 170 -1.33 -2.21 -39.13
C ARG D 170 -0.63 -1.85 -37.82
N GLN D 171 -0.25 -0.58 -37.70
CA GLN D 171 0.38 -0.05 -36.51
C GLN D 171 -0.27 1.29 -36.18
N LEU D 172 -0.57 1.52 -34.91
CA LEU D 172 -1.37 2.68 -34.54
C LEU D 172 -1.09 3.05 -33.09
N LEU D 173 -1.52 4.27 -32.74
CA LEU D 173 -1.64 4.65 -31.34
C LEU D 173 -2.92 4.04 -30.78
N ARG D 174 -2.80 3.34 -29.66
CA ARG D 174 -3.93 2.57 -29.14
C ARG D 174 -5.11 3.48 -28.83
N THR D 175 -6.31 3.00 -29.18
CA THR D 175 -7.55 3.70 -28.89
C THR D 175 -8.16 3.31 -27.55
N HIS D 176 -7.49 2.44 -26.80
CA HIS D 176 -7.88 2.02 -25.47
C HIS D 176 -6.75 1.19 -24.90
N THR D 177 -6.81 0.93 -23.59
CA THR D 177 -5.82 0.07 -22.95
C THR D 177 -6.19 -1.40 -23.02
N SER D 178 -7.29 -1.74 -23.69
CA SER D 178 -7.68 -3.14 -23.87
C SER D 178 -6.57 -4.04 -24.42
N PRO D 179 -5.75 -3.63 -25.38
CA PRO D 179 -4.64 -4.51 -25.81
C PRO D 179 -3.68 -4.88 -24.69
N VAL D 180 -3.57 -4.06 -23.64
CA VAL D 180 -2.72 -4.43 -22.51
C VAL D 180 -3.28 -5.65 -21.80
N GLN D 181 -4.61 -5.76 -21.73
CA GLN D 181 -5.21 -6.91 -21.07
C GLN D 181 -5.12 -8.15 -21.95
N ILE D 182 -5.18 -7.98 -23.26
CA ILE D 182 -4.95 -9.11 -24.18
C ILE D 182 -3.56 -9.67 -23.97
N ARG D 183 -2.55 -8.78 -23.89
CA ARG D 183 -1.19 -9.22 -23.64
C ARG D 183 -1.08 -9.96 -22.31
N THR D 184 -1.77 -9.47 -21.28
CA THR D 184 -1.72 -10.14 -19.98
C THR D 184 -2.40 -11.51 -20.05
N LEU D 185 -3.53 -11.59 -20.75
CA LEU D 185 -4.21 -12.87 -20.92
C LEU D 185 -3.32 -13.89 -21.62
N LEU D 186 -2.45 -13.44 -22.51
CA LEU D 186 -1.54 -14.34 -23.20
C LEU D 186 -0.34 -14.72 -22.36
N ALA D 187 0.11 -13.81 -21.48
CA ALA D 187 1.34 -14.02 -20.74
C ALA D 187 1.13 -14.69 -19.39
N ARG D 188 -0.01 -14.46 -18.74
CA ARG D 188 -0.23 -14.95 -17.39
C ARG D 188 -1.15 -16.16 -17.38
N GLU D 189 -1.01 -16.98 -16.34
CA GLU D 189 -1.90 -18.11 -16.11
C GLU D 189 -3.20 -17.63 -15.47
N LEU D 190 -4.25 -18.40 -15.67
CA LEU D 190 -5.53 -18.09 -15.08
C LEU D 190 -5.54 -18.50 -13.60
N PRO D 191 -6.34 -17.83 -12.76
CA PRO D 191 -7.23 -16.70 -13.07
C PRO D 191 -6.47 -15.37 -13.19
N VAL D 192 -7.09 -14.39 -13.85
CA VAL D 192 -6.48 -13.09 -14.10
C VAL D 192 -7.42 -12.01 -13.58
N TYR D 193 -6.88 -11.10 -12.76
CA TYR D 193 -7.61 -9.93 -12.27
C TYR D 193 -6.63 -8.76 -12.40
N ILE D 194 -6.76 -7.99 -13.48
CA ILE D 194 -5.77 -6.97 -13.78
C ILE D 194 -6.44 -5.66 -14.17
N ILE D 195 -5.84 -4.55 -13.75
N ILE D 195 -5.83 -4.55 -13.74
CA ILE D 195 -6.29 -3.23 -14.18
CA ILE D 195 -6.21 -3.20 -14.12
C ILE D 195 -5.17 -2.57 -14.99
C ILE D 195 -5.13 -2.65 -15.04
N SER D 196 -5.54 -1.91 -16.06
CA SER D 196 -4.61 -1.23 -16.96
C SER D 196 -4.96 0.25 -16.98
N ILE D 197 -4.05 1.09 -16.51
CA ILE D 197 -4.23 2.54 -16.50
C ILE D 197 -3.14 3.11 -17.40
N GLY D 198 -3.55 3.72 -18.50
CA GLY D 198 -2.56 4.24 -19.42
C GLY D 198 -3.13 5.30 -20.34
N ARG D 199 -2.22 5.91 -21.09
CA ARG D 199 -2.59 6.96 -22.03
C ARG D 199 -3.29 6.37 -23.25
N THR D 200 -4.36 7.04 -23.68
CA THR D 200 -5.20 6.58 -24.78
C THR D 200 -5.41 7.74 -25.74
N PHE D 201 -5.54 7.42 -27.03
CA PHE D 201 -5.51 8.42 -28.09
C PHE D 201 -6.76 8.31 -28.94
N ARG D 202 -7.51 9.41 -29.04
CA ARG D 202 -8.70 9.50 -29.85
C ARG D 202 -8.63 10.76 -30.72
N THR D 203 -9.48 10.81 -31.73
CA THR D 203 -9.43 11.85 -32.75
C THR D 203 -10.19 13.11 -32.39
N ASP D 204 -10.88 13.14 -31.24
CA ASP D 204 -11.66 14.31 -30.87
C ASP D 204 -10.75 15.50 -30.59
N GLU D 205 -11.19 16.69 -31.03
CA GLU D 205 -10.40 17.89 -30.82
C GLU D 205 -10.42 18.30 -29.35
N LEU D 206 -9.52 19.22 -29.00
CA LEU D 206 -9.32 19.65 -27.62
C LEU D 206 -10.16 20.89 -27.37
N ASP D 207 -11.15 20.77 -26.49
CA ASP D 207 -11.97 21.91 -26.07
C ASP D 207 -12.28 21.76 -24.59
N ALA D 208 -13.35 22.41 -24.13
CA ALA D 208 -13.65 22.45 -22.70
C ALA D 208 -14.12 21.11 -22.16
N THR D 209 -14.53 20.18 -23.02
CA THR D 209 -15.03 18.90 -22.54
C THR D 209 -14.50 17.70 -23.32
N HIS D 210 -13.51 17.89 -24.19
CA HIS D 210 -12.92 16.78 -24.95
C HIS D 210 -11.43 17.00 -25.08
N THR D 211 -10.68 15.90 -25.13
CA THR D 211 -9.25 15.93 -25.35
C THR D 211 -8.85 14.75 -26.23
N PRO D 212 -7.99 14.97 -27.23
CA PRO D 212 -7.54 13.85 -28.06
C PRO D 212 -6.67 12.86 -27.31
N ILE D 213 -5.87 13.36 -26.36
CA ILE D 213 -5.01 12.53 -25.52
C ILE D 213 -5.63 12.48 -24.15
N PHE D 214 -6.05 11.29 -23.72
CA PHE D 214 -6.66 11.13 -22.41
C PHE D 214 -6.15 9.84 -21.78
N HIS D 215 -6.46 9.67 -20.51
CA HIS D 215 -6.09 8.49 -19.75
C HIS D 215 -7.35 7.77 -19.32
N GLN D 216 -7.35 6.45 -19.42
CA GLN D 216 -8.48 5.66 -18.97
C GLN D 216 -7.99 4.50 -18.12
N VAL D 217 -8.88 4.04 -17.23
CA VAL D 217 -8.66 2.84 -16.44
C VAL D 217 -9.53 1.74 -17.03
N GLU D 218 -8.94 0.57 -17.26
CA GLU D 218 -9.65 -0.60 -17.72
C GLU D 218 -9.41 -1.75 -16.76
N GLY D 219 -10.44 -2.56 -16.54
CA GLY D 219 -10.34 -3.73 -15.71
C GLY D 219 -10.72 -4.97 -16.50
N LEU D 220 -10.10 -6.10 -16.15
CA LEU D 220 -10.34 -7.37 -16.81
C LEU D 220 -10.19 -8.48 -15.80
N ALA D 221 -11.24 -9.25 -15.58
CA ALA D 221 -11.22 -10.38 -14.65
C ALA D 221 -11.72 -11.61 -15.39
N VAL D 222 -10.90 -12.66 -15.40
CA VAL D 222 -11.25 -13.92 -16.05
C VAL D 222 -11.00 -15.05 -15.06
N ASP D 223 -12.06 -15.78 -14.72
CA ASP D 223 -11.98 -16.85 -13.73
C ASP D 223 -13.15 -17.79 -13.97
N ARG D 224 -13.20 -18.87 -13.18
CA ARG D 224 -14.29 -19.83 -13.27
C ARG D 224 -15.51 -19.28 -12.53
N GLY D 225 -16.64 -19.16 -13.23
CA GLY D 225 -17.88 -18.80 -12.59
C GLY D 225 -18.12 -17.32 -12.36
N LEU D 226 -17.36 -16.45 -13.01
CA LEU D 226 -17.62 -15.02 -12.89
C LEU D 226 -18.91 -14.67 -13.63
N SER D 227 -19.71 -13.80 -13.01
CA SER D 227 -21.03 -13.45 -13.51
C SER D 227 -21.19 -11.94 -13.56
N MET D 228 -22.35 -11.49 -14.07
CA MET D 228 -22.64 -10.06 -14.10
C MET D 228 -22.82 -9.48 -12.71
N ALA D 229 -23.24 -10.31 -11.74
CA ALA D 229 -23.32 -9.84 -10.36
C ALA D 229 -21.94 -9.46 -9.84
N HIS D 230 -20.91 -10.21 -10.24
CA HIS D 230 -19.55 -9.88 -9.83
C HIS D 230 -19.08 -8.60 -10.50
N LEU D 231 -19.46 -8.39 -11.77
CA LEU D 231 -19.16 -7.13 -12.44
C LEU D 231 -19.79 -5.96 -11.71
N ARG D 232 -21.07 -6.07 -11.36
CA ARG D 232 -21.76 -4.96 -10.71
C ARG D 232 -21.23 -4.71 -9.31
N GLY D 233 -20.85 -5.77 -8.59
CA GLY D 233 -20.25 -5.58 -7.28
C GLY D 233 -18.93 -4.84 -7.37
N THR D 234 -18.11 -5.17 -8.35
CA THR D 234 -16.84 -4.47 -8.54
C THR D 234 -17.07 -3.01 -8.93
N LEU D 235 -18.07 -2.75 -9.78
CA LEU D 235 -18.36 -1.38 -10.19
C LEU D 235 -18.82 -0.53 -9.02
N ASP D 236 -19.66 -1.10 -8.14
CA ASP D 236 -20.15 -0.33 -7.00
C ASP D 236 -19.04 -0.05 -6.00
N ALA D 237 -18.15 -1.02 -5.77
CA ALA D 237 -16.99 -0.78 -4.91
C ALA D 237 -16.10 0.31 -5.49
N PHE D 238 -15.86 0.26 -6.80
CA PHE D 238 -15.12 1.33 -7.47
C PHE D 238 -15.81 2.67 -7.27
N ALA D 239 -17.13 2.71 -7.39
CA ALA D 239 -17.87 3.96 -7.28
C ALA D 239 -17.79 4.54 -5.88
N ARG D 240 -17.98 3.70 -4.85
CA ARG D 240 -17.92 4.20 -3.48
C ARG D 240 -16.53 4.74 -3.16
N ALA D 241 -15.48 4.10 -3.67
CA ALA D 241 -14.13 4.54 -3.38
C ALA D 241 -13.84 5.92 -3.96
N GLU D 242 -14.48 6.26 -5.08
CA GLU D 242 -14.18 7.52 -5.76
C GLU D 242 -15.22 8.61 -5.59
N PHE D 243 -16.45 8.27 -5.18
CA PHE D 243 -17.52 9.25 -5.10
C PHE D 243 -18.17 9.34 -3.73
N GLY D 244 -17.79 8.49 -2.78
CA GLY D 244 -18.33 8.57 -1.44
C GLY D 244 -19.14 7.35 -1.05
N PRO D 245 -19.49 7.26 0.24
CA PRO D 245 -20.21 6.07 0.71
C PRO D 245 -21.60 5.89 0.12
N SER D 246 -22.23 6.97 -0.34
CA SER D 246 -23.58 6.90 -0.90
C SER D 246 -23.57 6.72 -2.41
N ALA D 247 -22.45 6.28 -2.98
CA ALA D 247 -22.34 6.13 -4.43
C ALA D 247 -22.86 4.77 -4.86
N ARG D 248 -23.56 4.75 -6.00
CA ARG D 248 -24.11 3.52 -6.57
C ARG D 248 -24.09 3.65 -8.09
N THR D 249 -23.91 2.52 -8.77
CA THR D 249 -23.90 2.50 -10.22
C THR D 249 -25.21 1.92 -10.76
N ARG D 250 -25.47 2.23 -12.04
CA ARG D 250 -26.58 1.69 -12.80
C ARG D 250 -26.06 1.28 -14.16
N ILE D 251 -26.51 0.13 -14.66
CA ILE D 251 -26.08 -0.40 -15.95
C ILE D 251 -27.29 -0.51 -16.86
N ARG D 252 -27.09 -0.17 -18.13
CA ARG D 252 -28.08 -0.27 -19.18
C ARG D 252 -27.47 -0.99 -20.37
N PRO D 253 -28.26 -1.77 -21.12
CA PRO D 253 -27.69 -2.53 -22.24
C PRO D 253 -27.14 -1.61 -23.32
N HIS D 254 -26.03 -2.04 -23.91
CA HIS D 254 -25.39 -1.29 -24.99
C HIS D 254 -24.69 -2.32 -25.90
N PHE D 255 -23.69 -1.88 -26.65
CA PHE D 255 -22.95 -2.76 -27.53
C PHE D 255 -21.48 -2.36 -27.55
N PHE D 256 -20.60 -3.37 -27.47
CA PHE D 256 -19.18 -3.23 -27.71
C PHE D 256 -18.72 -4.51 -28.39
N PRO D 257 -17.77 -4.43 -29.32
CA PRO D 257 -17.38 -5.64 -30.07
C PRO D 257 -16.76 -6.72 -29.21
N PHE D 258 -16.10 -6.37 -28.11
CA PHE D 258 -15.33 -7.33 -27.31
C PHE D 258 -16.09 -7.82 -26.08
N THR D 259 -17.36 -7.47 -25.94
CA THR D 259 -18.16 -7.91 -24.81
C THR D 259 -19.53 -8.38 -25.30
N GLU D 260 -20.10 -9.37 -24.61
CA GLU D 260 -21.43 -9.88 -24.87
C GLU D 260 -21.92 -10.68 -23.67
N PRO D 261 -22.92 -10.20 -22.90
CA PRO D 261 -23.63 -8.92 -23.08
C PRO D 261 -22.78 -7.68 -22.77
N SER D 262 -23.22 -6.54 -23.27
CA SER D 262 -22.52 -5.27 -23.13
C SER D 262 -23.42 -4.28 -22.40
N ALA D 263 -22.80 -3.31 -21.73
CA ALA D 263 -23.57 -2.35 -20.96
C ALA D 263 -22.77 -1.07 -20.75
N GLU D 264 -23.50 0.03 -20.57
CA GLU D 264 -22.94 1.30 -20.16
C GLU D 264 -23.23 1.52 -18.68
N VAL D 265 -22.30 2.19 -18.00
CA VAL D 265 -22.38 2.40 -16.56
C VAL D 265 -22.66 3.87 -16.27
N ASP D 266 -23.65 4.12 -15.42
CA ASP D 266 -23.93 5.43 -14.88
C ASP D 266 -23.63 5.42 -13.38
N VAL D 267 -23.27 6.58 -12.84
CA VAL D 267 -22.91 6.68 -11.43
C VAL D 267 -23.80 7.72 -10.76
N TRP D 268 -24.18 7.45 -9.51
CA TRP D 268 -24.94 8.38 -8.68
C TRP D 268 -24.05 8.78 -7.51
N PHE D 269 -23.68 10.05 -7.44
CA PHE D 269 -22.92 10.58 -6.32
C PHE D 269 -23.72 11.69 -5.67
N ALA D 270 -23.92 11.57 -4.35
CA ALA D 270 -24.79 12.50 -3.62
C ALA D 270 -24.04 13.75 -3.18
N ASN D 271 -23.12 14.22 -4.02
CA ASN D 271 -22.34 15.43 -3.73
C ASN D 271 -22.31 16.36 -4.93
N LYS D 272 -23.30 16.27 -5.81
CA LYS D 272 -23.33 17.11 -7.00
C LYS D 272 -23.55 18.57 -6.60
N ILE D 273 -22.93 19.47 -7.36
CA ILE D 273 -22.95 20.89 -7.04
C ILE D 273 -24.37 21.45 -7.16
N ALA D 277 -27.65 13.60 -9.33
CA ALA D 277 -28.32 12.76 -10.31
C ALA D 277 -27.36 11.74 -10.92
N TRP D 278 -27.85 11.01 -11.93
CA TRP D 278 -27.02 10.02 -12.61
C TRP D 278 -26.14 10.68 -13.65
N VAL D 279 -24.89 10.22 -13.73
CA VAL D 279 -23.92 10.71 -14.69
C VAL D 279 -23.36 9.52 -15.46
N GLU D 280 -23.25 9.65 -16.77
CA GLU D 280 -22.62 8.62 -17.59
C GLU D 280 -21.14 8.50 -17.22
N TRP D 281 -20.71 7.29 -16.88
CA TRP D 281 -19.37 7.05 -16.36
C TRP D 281 -18.49 6.25 -17.32
N GLY D 282 -18.95 5.09 -17.76
CA GLY D 282 -18.17 4.29 -18.67
C GLY D 282 -18.94 3.12 -19.23
N GLY D 283 -18.20 2.12 -19.71
CA GLY D 283 -18.81 0.94 -20.29
C GLY D 283 -18.28 -0.32 -19.65
N CYS D 284 -19.01 -1.41 -19.87
CA CYS D 284 -18.66 -2.69 -19.26
C CYS D 284 -19.35 -3.82 -20.02
N GLY D 285 -19.09 -5.05 -19.60
CA GLY D 285 -19.74 -6.21 -20.17
C GLY D 285 -18.98 -7.47 -19.82
N MET D 286 -19.58 -8.60 -20.18
CA MET D 286 -18.91 -9.89 -20.05
C MET D 286 -18.01 -10.12 -21.25
N VAL D 287 -16.80 -10.64 -20.98
CA VAL D 287 -15.81 -10.83 -22.03
C VAL D 287 -16.37 -11.73 -23.11
N HIS D 288 -16.32 -11.25 -24.35
CA HIS D 288 -16.86 -12.00 -25.48
C HIS D 288 -16.11 -13.31 -25.64
N PRO D 289 -16.80 -14.42 -25.90
CA PRO D 289 -16.10 -15.71 -26.07
C PRO D 289 -15.11 -15.73 -27.22
N ASN D 290 -15.29 -14.88 -28.23
CA ASN D 290 -14.30 -14.79 -29.31
C ASN D 290 -12.97 -14.24 -28.78
N VAL D 291 -13.04 -13.32 -27.82
CA VAL D 291 -11.81 -12.79 -27.21
C VAL D 291 -11.10 -13.89 -26.43
N LEU D 292 -11.86 -14.73 -25.74
CA LEU D 292 -11.25 -15.83 -24.98
C LEU D 292 -10.64 -16.86 -25.91
N ARG D 293 -11.32 -17.19 -27.01
CA ARG D 293 -10.74 -18.13 -27.97
C ARG D 293 -9.52 -17.55 -28.66
N ALA D 294 -9.48 -16.23 -28.86
CA ALA D 294 -8.32 -15.58 -29.45
C ALA D 294 -7.13 -15.57 -28.50
N THR D 295 -7.32 -15.90 -27.23
CA THR D 295 -6.23 -15.96 -26.27
C THR D 295 -5.98 -17.38 -25.75
N GLY D 296 -6.63 -18.38 -26.34
CA GLY D 296 -6.41 -19.76 -25.93
C GLY D 296 -7.13 -20.18 -24.66
N ILE D 297 -8.25 -19.54 -24.34
CA ILE D 297 -9.01 -19.82 -23.13
C ILE D 297 -10.34 -20.43 -23.53
N ASP D 298 -10.73 -21.49 -22.82
CA ASP D 298 -11.97 -22.21 -23.08
C ASP D 298 -13.17 -21.45 -22.54
N PRO D 299 -14.05 -20.94 -23.41
CA PRO D 299 -15.21 -20.18 -22.92
C PRO D 299 -16.22 -21.03 -22.16
N ASP D 300 -16.13 -22.36 -22.24
CA ASP D 300 -17.03 -23.22 -21.47
C ASP D 300 -16.56 -23.42 -20.04
N LEU D 301 -15.29 -23.15 -19.75
CA LEU D 301 -14.75 -23.30 -18.41
C LEU D 301 -14.50 -21.97 -17.70
N TYR D 302 -14.23 -20.91 -18.44
CA TYR D 302 -13.93 -19.61 -17.87
C TYR D 302 -14.87 -18.55 -18.43
N SER D 303 -15.35 -17.68 -17.56
CA SER D 303 -16.09 -16.48 -17.93
C SER D 303 -15.36 -15.27 -17.37
N GLY D 304 -15.77 -14.09 -17.84
CA GLY D 304 -15.05 -12.90 -17.41
C GLY D 304 -15.84 -11.63 -17.68
N PHE D 305 -15.40 -10.55 -17.06
CA PHE D 305 -16.01 -9.25 -17.26
C PHE D 305 -14.92 -8.18 -17.41
N ALA D 306 -15.34 -7.02 -17.89
CA ALA D 306 -14.43 -5.92 -18.16
C ALA D 306 -15.18 -4.61 -18.06
N PHE D 307 -14.44 -3.53 -17.86
CA PHE D 307 -15.01 -2.20 -17.72
C PHE D 307 -13.96 -1.17 -18.09
N GLY D 308 -14.41 0.05 -18.37
CA GLY D 308 -13.51 1.11 -18.75
C GLY D 308 -14.07 2.50 -18.53
N MET D 309 -13.32 3.35 -17.83
CA MET D 309 -13.72 4.72 -17.56
C MET D 309 -12.56 5.66 -17.90
N GLY D 310 -12.91 6.87 -18.35
CA GLY D 310 -11.90 7.89 -18.60
C GLY D 310 -11.59 8.64 -17.31
N LEU D 311 -10.29 8.86 -17.07
CA LEU D 311 -9.87 9.56 -15.86
C LEU D 311 -10.20 11.04 -15.94
N GLU D 312 -9.88 11.67 -17.08
CA GLU D 312 -10.20 13.09 -17.25
C GLU D 312 -11.69 13.34 -17.10
N ARG D 313 -12.52 12.45 -17.67
CA ARG D 313 -13.96 12.56 -17.51
C ARG D 313 -14.36 12.44 -16.05
N THR D 314 -13.84 11.42 -15.36
CA THR D 314 -14.15 11.23 -13.95
C THR D 314 -13.79 12.47 -13.12
N LEU D 315 -12.62 13.06 -13.39
CA LEU D 315 -12.18 14.22 -12.62
C LEU D 315 -13.03 15.45 -12.94
N GLN D 316 -13.53 15.55 -14.18
CA GLN D 316 -14.23 16.78 -14.58
C GLN D 316 -15.55 16.94 -13.84
N PHE D 317 -16.41 15.92 -13.87
CA PHE D 317 -17.73 16.11 -13.26
C PHE D 317 -17.73 15.90 -11.76
N ARG D 318 -16.74 15.19 -11.21
CA ARG D 318 -16.67 15.04 -9.76
C ARG D 318 -16.26 16.36 -9.10
N ASN D 319 -15.11 16.90 -9.48
CA ASN D 319 -14.64 18.15 -8.91
C ASN D 319 -15.33 19.37 -9.51
N GLY D 320 -15.99 19.21 -10.65
CA GLY D 320 -16.62 20.34 -11.29
C GLY D 320 -15.65 21.24 -12.04
N ILE D 321 -14.68 20.66 -12.74
CA ILE D 321 -13.67 21.43 -13.45
C ILE D 321 -14.27 21.91 -14.77
N PRO D 322 -14.29 23.22 -15.02
CA PRO D 322 -15.04 23.71 -16.20
C PRO D 322 -14.33 23.46 -17.52
N ASP D 323 -13.02 23.67 -17.57
CA ASP D 323 -12.27 23.62 -18.83
C ASP D 323 -11.27 22.47 -18.75
N MET D 324 -11.50 21.42 -19.53
CA MET D 324 -10.60 20.27 -19.52
C MET D 324 -9.27 20.59 -20.17
N ARG D 325 -9.18 21.68 -20.94
CA ARG D 325 -7.90 22.12 -21.49
C ARG D 325 -6.92 22.48 -20.40
N ASP D 326 -7.40 22.85 -19.20
CA ASP D 326 -6.50 23.09 -18.08
C ASP D 326 -5.89 21.80 -17.55
N MET D 327 -6.55 20.66 -17.76
CA MET D 327 -6.01 19.39 -17.27
C MET D 327 -4.77 18.95 -18.03
N VAL D 328 -4.63 19.36 -19.29
CA VAL D 328 -3.61 18.80 -20.18
C VAL D 328 -2.55 19.82 -20.60
N GLU D 329 -2.78 21.11 -20.39
CA GLU D 329 -1.85 22.11 -20.91
C GLU D 329 -0.67 22.38 -19.98
N GLY D 330 -0.68 21.84 -18.77
CA GLY D 330 0.48 21.93 -17.91
C GLY D 330 0.71 23.29 -17.27
N ASP D 331 -0.34 24.08 -17.10
CA ASP D 331 -0.20 25.33 -16.36
C ASP D 331 -0.07 25.03 -14.88
N VAL D 332 0.90 25.69 -14.23
CA VAL D 332 1.15 25.45 -12.81
C VAL D 332 -0.07 25.81 -11.97
N ARG D 333 -0.88 26.78 -12.42
CA ARG D 333 -2.04 27.22 -11.65
C ARG D 333 -3.11 26.13 -11.52
N PHE D 334 -3.12 25.14 -12.42
CA PHE D 334 -4.12 24.08 -12.29
C PHE D 334 -3.69 23.01 -11.30
N SER D 335 -2.39 22.74 -11.17
CA SER D 335 -1.90 21.62 -10.38
C SER D 335 -1.67 21.98 -8.92
N LEU D 336 -1.08 23.14 -8.65
CA LEU D 336 -0.70 23.49 -7.29
C LEU D 336 -1.85 23.43 -6.29
N PRO D 337 -3.08 23.87 -6.60
CA PRO D 337 -4.16 23.75 -5.60
C PRO D 337 -4.42 22.33 -5.12
N PHE D 338 -4.06 21.31 -5.90
CA PHE D 338 -4.28 19.93 -5.48
C PHE D 338 -3.25 19.44 -4.47
N GLY D 339 -2.28 20.27 -4.09
CA GLY D 339 -1.30 19.89 -3.10
C GLY D 339 -0.17 19.06 -3.69
N VAL D 340 0.79 18.76 -2.82
CA VAL D 340 1.98 18.01 -3.25
C VAL D 340 1.59 16.62 -3.72
N GLY D 341 0.70 15.95 -2.98
CA GLY D 341 0.28 14.61 -3.33
C GLY D 341 1.29 13.55 -2.94
N ALA D 342 0.81 12.35 -2.66
CA ALA D 342 1.67 11.22 -2.32
C ALA D 342 0.95 9.90 -2.55
N SER E 2 -24.18 6.61 -40.45
CA SER E 2 -24.92 7.18 -39.33
C SER E 2 -25.83 6.15 -38.68
N ASN E 3 -25.88 6.18 -37.35
CA ASN E 3 -26.72 5.27 -36.58
C ASN E 3 -28.07 5.89 -36.21
N ALA E 4 -28.44 7.00 -36.84
CA ALA E 4 -29.64 7.73 -36.46
C ALA E 4 -30.89 7.03 -36.99
N MET E 5 -31.96 7.06 -36.20
CA MET E 5 -33.25 6.52 -36.59
C MET E 5 -34.33 7.39 -35.95
N ARG E 6 -35.16 8.01 -36.78
CA ARG E 6 -36.20 8.92 -36.32
C ARG E 6 -37.57 8.38 -36.75
N LEU E 7 -38.53 8.46 -35.83
CA LEU E 7 -39.91 8.10 -36.15
C LEU E 7 -40.84 8.79 -35.17
N PRO E 8 -42.06 9.11 -35.57
CA PRO E 8 -43.02 9.69 -34.63
C PRO E 8 -43.67 8.61 -33.76
N TYR E 9 -44.07 9.04 -32.56
CA TYR E 9 -44.68 8.11 -31.61
C TYR E 9 -46.01 7.58 -32.12
N SER E 10 -46.78 8.41 -32.84
CA SER E 10 -48.08 7.97 -33.33
C SER E 10 -47.95 6.74 -34.24
N TRP E 11 -46.97 6.77 -35.15
CA TRP E 11 -46.76 5.61 -36.02
C TRP E 11 -46.31 4.40 -35.23
N LEU E 12 -45.38 4.58 -34.29
CA LEU E 12 -44.90 3.47 -33.49
C LEU E 12 -46.03 2.88 -32.65
N ARG E 13 -46.85 3.74 -32.05
CA ARG E 13 -47.99 3.25 -31.26
C ARG E 13 -49.00 2.51 -32.14
N GLU E 14 -49.14 2.94 -33.39
CA GLU E 14 -50.11 2.32 -34.29
C GLU E 14 -49.77 0.86 -34.54
N VAL E 15 -48.50 0.57 -34.85
CA VAL E 15 -48.10 -0.80 -35.14
C VAL E 15 -48.21 -1.67 -33.90
N VAL E 16 -47.87 -1.11 -32.73
CA VAL E 16 -47.95 -1.89 -31.50
C VAL E 16 -49.41 -2.12 -31.11
N ALA E 17 -50.30 -1.16 -31.39
CA ALA E 17 -51.68 -1.28 -30.97
C ALA E 17 -52.49 -2.27 -31.80
N VAL E 18 -51.97 -2.74 -32.94
CA VAL E 18 -52.69 -3.71 -33.75
C VAL E 18 -52.85 -5.01 -32.97
N GLY E 19 -51.75 -5.52 -32.41
CA GLY E 19 -51.83 -6.72 -31.60
C GLY E 19 -52.23 -6.50 -30.16
N ALA E 20 -52.07 -5.28 -29.65
CA ALA E 20 -52.41 -4.93 -28.26
C ALA E 20 -53.27 -3.68 -28.29
N SER E 21 -54.58 -3.87 -28.44
CA SER E 21 -55.50 -2.75 -28.58
C SER E 21 -55.47 -1.86 -27.34
N GLY E 22 -55.47 -0.55 -27.56
CA GLY E 22 -55.50 0.40 -26.47
C GLY E 22 -54.15 0.70 -25.84
N TRP E 23 -53.06 0.23 -26.43
CA TRP E 23 -51.75 0.48 -25.85
C TRP E 23 -51.36 1.94 -26.06
N ASP E 24 -50.97 2.60 -24.97
CA ASP E 24 -50.58 4.01 -25.00
C ASP E 24 -49.82 4.32 -23.73
N VAL E 25 -48.64 4.92 -23.86
CA VAL E 25 -47.80 5.25 -22.72
C VAL E 25 -47.28 6.68 -22.86
N THR E 26 -46.89 7.24 -21.73
CA THR E 26 -46.25 8.56 -21.71
C THR E 26 -44.95 8.51 -22.50
N PRO E 27 -44.61 9.56 -23.26
CA PRO E 27 -43.31 9.59 -23.93
C PRO E 27 -42.14 9.46 -22.97
N GLY E 28 -42.30 9.89 -21.71
CA GLY E 28 -41.26 9.65 -20.73
C GLY E 28 -41.13 8.19 -20.36
N GLU E 29 -42.27 7.48 -20.25
CA GLU E 29 -42.23 6.07 -19.94
C GLU E 29 -41.64 5.27 -21.09
N LEU E 30 -42.01 5.61 -22.33
CA LEU E 30 -41.46 4.90 -23.48
C LEU E 30 -39.96 5.16 -23.62
N GLU E 31 -39.52 6.37 -23.29
CA GLU E 31 -38.09 6.67 -23.31
C GLU E 31 -37.34 5.80 -22.30
N GLN E 32 -37.90 5.63 -21.10
CA GLN E 32 -37.25 4.79 -20.10
C GLN E 32 -37.24 3.33 -20.53
N THR E 33 -38.32 2.86 -21.15
CA THR E 33 -38.38 1.47 -21.60
C THR E 33 -37.34 1.21 -22.68
N LEU E 34 -37.25 2.10 -23.68
CA LEU E 34 -36.26 1.95 -24.74
C LEU E 34 -34.85 1.94 -24.18
N LEU E 35 -34.56 2.84 -23.24
CA LEU E 35 -33.24 2.88 -22.62
C LEU E 35 -32.96 1.60 -21.86
N ARG E 36 -33.99 1.04 -21.22
CA ARG E 36 -33.81 -0.14 -20.38
C ARG E 36 -33.51 -1.40 -21.19
N ILE E 37 -33.98 -1.46 -22.44
CA ILE E 37 -33.75 -2.64 -23.28
C ILE E 37 -32.59 -2.45 -24.24
N GLY E 38 -31.97 -1.27 -24.28
CA GLY E 38 -30.72 -1.11 -24.99
C GLY E 38 -30.73 -0.15 -26.17
N HIS E 39 -31.77 0.68 -26.29
CA HIS E 39 -31.87 1.64 -27.37
C HIS E 39 -31.63 3.04 -26.81
N GLU E 40 -30.52 3.65 -27.22
CA GLU E 40 -30.16 4.98 -26.75
C GLU E 40 -31.02 6.02 -27.44
N VAL E 41 -31.86 6.69 -26.68
CA VAL E 41 -32.61 7.83 -27.20
C VAL E 41 -31.70 9.06 -27.17
N GLU E 42 -31.71 9.81 -28.27
CA GLU E 42 -30.93 11.05 -28.35
C GLU E 42 -31.74 12.27 -27.99
N GLU E 43 -32.99 12.34 -28.42
CA GLU E 43 -33.82 13.51 -28.14
C GLU E 43 -35.29 13.12 -28.24
N VAL E 44 -36.12 13.81 -27.47
CA VAL E 44 -37.57 13.61 -27.47
C VAL E 44 -38.18 14.99 -27.73
N ILE E 45 -38.43 15.30 -29.00
CA ILE E 45 -38.84 16.64 -29.42
C ILE E 45 -40.32 16.60 -29.79
N PRO E 46 -41.16 17.38 -29.11
CA PRO E 46 -42.56 17.51 -29.53
C PRO E 46 -42.67 18.40 -30.77
N LEU E 47 -43.88 18.45 -31.31
CA LEU E 47 -44.16 19.25 -32.49
C LEU E 47 -44.88 20.53 -32.09
N GLY E 48 -44.61 21.60 -32.83
CA GLY E 48 -45.15 22.90 -32.51
C GLY E 48 -44.55 23.46 -31.24
N PRO E 49 -45.40 23.85 -30.28
CA PRO E 49 -46.85 23.87 -30.42
C PRO E 49 -47.38 25.25 -30.83
N VAL E 50 -48.62 25.29 -31.33
CA VAL E 50 -49.26 26.53 -31.72
C VAL E 50 -50.61 26.62 -31.00
N ASP E 51 -51.20 27.81 -31.04
CA ASP E 51 -52.50 28.03 -30.45
C ASP E 51 -53.12 29.29 -31.06
N GLY E 52 -54.44 29.36 -30.99
CA GLY E 52 -55.16 30.50 -31.50
C GLY E 52 -55.55 30.36 -32.96
N PRO E 53 -55.17 31.34 -33.78
CA PRO E 53 -55.56 31.32 -35.19
C PRO E 53 -54.50 30.72 -36.11
N VAL E 54 -54.43 29.39 -36.15
CA VAL E 54 -53.58 28.66 -37.08
C VAL E 54 -54.48 27.66 -37.79
N THR E 55 -54.90 27.99 -39.01
CA THR E 55 -55.87 27.19 -39.75
C THR E 55 -55.36 26.91 -41.15
N VAL E 56 -56.02 25.97 -41.82
CA VAL E 56 -55.68 25.59 -43.18
C VAL E 56 -56.55 26.39 -44.15
N GLY E 57 -55.94 26.94 -45.20
CA GLY E 57 -56.65 27.70 -46.18
C GLY E 57 -56.26 27.29 -47.59
N ARG E 58 -57.00 27.83 -48.56
CA ARG E 58 -56.80 27.56 -49.98
C ARG E 58 -56.50 28.85 -50.72
N VAL E 59 -55.49 28.80 -51.59
CA VAL E 59 -55.06 29.98 -52.32
C VAL E 59 -55.98 30.19 -53.53
N ALA E 60 -56.37 31.44 -53.75
CA ALA E 60 -57.22 31.79 -54.88
C ALA E 60 -56.92 33.20 -55.37
N ARG E 73 -45.55 38.14 -53.54
CA ARG E 73 -46.93 38.36 -53.98
C ARG E 73 -47.91 38.15 -52.83
N ALA E 74 -49.20 38.32 -53.13
CA ALA E 74 -50.24 38.19 -52.13
C ALA E 74 -51.55 37.81 -52.81
N CYS E 75 -52.30 36.91 -52.19
CA CYS E 75 -53.58 36.47 -52.71
C CYS E 75 -54.54 36.24 -51.56
N ALA E 76 -55.82 36.06 -51.90
CA ALA E 76 -56.84 35.78 -50.91
C ALA E 76 -56.83 34.29 -50.54
N VAL E 77 -57.06 34.00 -49.27
CA VAL E 77 -57.01 32.65 -48.75
C VAL E 77 -58.34 32.35 -48.05
N ASP E 78 -59.03 31.32 -48.51
CA ASP E 78 -60.29 30.89 -47.90
C ASP E 78 -59.99 30.26 -46.55
N ILE E 79 -60.27 30.99 -45.47
CA ILE E 79 -60.01 30.50 -44.12
C ILE E 79 -61.20 29.67 -43.64
N GLY E 80 -62.16 29.45 -44.52
CA GLY E 80 -63.33 28.67 -44.20
C GLY E 80 -64.53 29.53 -43.81
N ASP E 81 -65.71 28.94 -43.95
CA ASP E 81 -66.98 29.60 -43.60
C ASP E 81 -67.20 30.85 -44.42
N ARG E 82 -66.82 30.79 -45.71
CA ARG E 82 -67.06 31.87 -46.67
C ARG E 82 -66.38 33.16 -46.24
N GLN E 83 -65.20 33.04 -45.65
CA GLN E 83 -64.40 34.19 -45.22
C GLN E 83 -63.06 34.17 -45.93
N TYR E 84 -62.58 35.35 -46.33
CA TYR E 84 -61.37 35.47 -47.13
C TYR E 84 -60.43 36.49 -46.48
N ARG E 85 -59.26 36.01 -46.07
CA ARG E 85 -58.17 36.85 -45.63
C ARG E 85 -57.08 36.87 -46.71
N GLU E 86 -56.35 37.96 -46.78
CA GLU E 86 -55.37 38.17 -47.84
C GLU E 86 -54.03 38.57 -47.25
N ILE E 87 -52.97 37.91 -47.69
CA ILE E 87 -51.61 38.24 -47.27
C ILE E 87 -50.61 37.62 -48.24
N ALA E 91 -43.06 32.64 -50.91
CA ALA E 91 -43.65 32.53 -52.24
C ALA E 91 -43.19 31.25 -52.93
N THR E 92 -42.82 31.39 -54.21
CA THR E 92 -42.16 30.35 -55.00
C THR E 92 -43.06 29.16 -55.30
N ASN E 93 -43.06 28.15 -54.42
CA ASN E 93 -43.52 26.81 -54.78
C ASN E 93 -44.95 26.55 -54.32
N PHE E 94 -45.88 27.25 -54.98
CA PHE E 94 -47.31 26.95 -54.84
C PHE E 94 -48.07 27.72 -55.90
N ALA E 95 -49.05 27.05 -56.51
CA ALA E 95 -49.89 27.64 -57.54
C ALA E 95 -51.25 28.00 -56.94
N VAL E 96 -52.24 28.25 -57.79
CA VAL E 96 -53.58 28.61 -57.35
C VAL E 96 -54.38 27.33 -57.13
N GLY E 97 -54.96 27.20 -55.94
CA GLY E 97 -55.78 26.06 -55.59
C GLY E 97 -55.16 25.12 -54.59
N ASP E 98 -53.89 25.32 -54.22
CA ASP E 98 -53.22 24.42 -53.28
C ASP E 98 -53.59 24.77 -51.84
N LEU E 99 -53.85 23.73 -51.06
CA LEU E 99 -54.13 23.92 -49.64
C LEU E 99 -52.85 24.28 -48.90
N VAL E 100 -52.90 25.34 -48.10
CA VAL E 100 -51.75 25.83 -47.35
C VAL E 100 -52.18 26.09 -45.91
N VAL E 101 -51.19 26.33 -45.06
CA VAL E 101 -51.41 26.65 -43.65
C VAL E 101 -51.09 28.13 -43.45
N VAL E 102 -52.04 28.87 -42.89
CA VAL E 102 -51.91 30.30 -42.71
C VAL E 102 -51.84 30.63 -41.23
N ALA E 103 -51.10 31.70 -40.91
CA ALA E 103 -51.00 32.23 -39.56
C ALA E 103 -51.73 33.57 -39.54
N LEU E 104 -52.98 33.55 -39.07
CA LEU E 104 -53.79 34.76 -39.01
C LEU E 104 -53.22 35.71 -37.97
N PRO E 105 -53.51 37.01 -38.11
CA PRO E 105 -52.97 37.99 -37.14
C PRO E 105 -53.35 37.65 -35.72
N GLY E 106 -52.35 37.57 -34.85
CA GLY E 106 -52.52 37.14 -33.48
C GLY E 106 -52.03 35.75 -33.18
N ALA E 107 -51.56 35.02 -34.19
CA ALA E 107 -51.07 33.66 -33.98
C ALA E 107 -49.68 33.68 -33.33
N THR E 108 -49.41 32.66 -32.54
CA THR E 108 -48.15 32.53 -31.81
C THR E 108 -47.45 31.26 -32.28
N LEU E 109 -46.42 31.42 -33.13
CA LEU E 109 -45.63 30.32 -33.65
C LEU E 109 -44.40 30.09 -32.77
N PRO E 110 -43.91 28.85 -32.70
CA PRO E 110 -42.72 28.56 -31.88
C PRO E 110 -41.49 29.25 -32.44
N GLY E 111 -40.84 30.07 -31.62
CA GLY E 111 -41.29 30.34 -30.26
C GLY E 111 -41.40 31.81 -29.96
N GLY E 112 -42.62 32.31 -29.88
CA GLY E 112 -42.87 33.72 -29.63
C GLY E 112 -43.09 34.57 -30.86
N PHE E 113 -43.03 33.98 -32.05
CA PHE E 113 -43.24 34.72 -33.29
C PHE E 113 -44.72 35.05 -33.44
N THR E 114 -45.06 36.33 -33.30
CA THR E 114 -46.44 36.77 -33.44
C THR E 114 -46.56 37.93 -34.42
N MET E 128 -50.16 35.00 -42.82
CA MET E 128 -48.83 34.48 -43.11
C MET E 128 -48.88 33.00 -43.45
N ILE E 129 -48.49 32.67 -44.68
CA ILE E 129 -48.43 31.27 -45.12
C ILE E 129 -47.17 30.64 -44.51
N CYS E 130 -47.37 29.68 -43.62
CA CYS E 130 -46.27 29.08 -42.88
C CYS E 130 -45.61 27.95 -43.66
N SER E 131 -44.37 27.66 -43.31
CA SER E 131 -43.63 26.53 -43.84
C SER E 131 -43.50 25.46 -42.76
N ALA E 132 -43.05 24.27 -43.18
CA ALA E 132 -42.85 23.19 -42.23
C ALA E 132 -41.83 23.56 -41.16
N ALA E 133 -40.82 24.35 -41.53
CA ALA E 133 -39.81 24.77 -40.55
C ALA E 133 -40.39 25.79 -39.57
N GLU E 134 -41.23 26.71 -40.06
CA GLU E 134 -41.80 27.73 -39.19
C GLU E 134 -42.78 27.13 -38.19
N LEU E 135 -43.46 26.05 -38.56
CA LEU E 135 -44.40 25.38 -37.68
C LEU E 135 -43.73 24.33 -36.80
N ASN E 136 -42.41 24.19 -36.87
CA ASN E 136 -41.66 23.16 -36.15
C ASN E 136 -42.22 21.77 -36.47
N LEU E 137 -42.11 21.39 -37.74
CA LEU E 137 -42.66 20.14 -38.23
C LEU E 137 -41.65 19.39 -39.08
N GLY E 138 -40.80 20.11 -39.78
CA GLY E 138 -39.80 19.51 -40.64
C GLY E 138 -38.71 20.48 -41.01
N ALA E 139 -38.10 20.27 -42.17
CA ALA E 139 -37.03 21.12 -42.66
C ALA E 139 -37.59 22.40 -43.26
N SER E 142 -37.46 24.68 -47.45
CA SER E 142 -37.23 25.85 -48.30
C SER E 142 -38.52 26.65 -48.48
N GLY E 143 -39.44 26.10 -49.26
CA GLY E 143 -40.72 26.75 -49.50
C GLY E 143 -41.68 26.59 -48.35
N ILE E 144 -42.92 26.99 -48.60
CA ILE E 144 -43.98 26.91 -47.59
C ILE E 144 -44.65 25.55 -47.68
N LEU E 145 -45.32 25.17 -46.60
CA LEU E 145 -45.99 23.88 -46.52
C LEU E 145 -47.23 23.88 -47.41
N VAL E 146 -47.37 22.84 -48.22
CA VAL E 146 -48.50 22.70 -49.15
C VAL E 146 -49.16 21.36 -48.85
N LEU E 147 -50.36 21.41 -48.29
CA LEU E 147 -51.12 20.19 -48.02
C LEU E 147 -51.73 19.65 -49.31
N PRO E 148 -51.74 18.33 -49.49
CA PRO E 148 -52.24 17.74 -50.74
C PRO E 148 -53.74 17.93 -50.86
N PRO E 149 -54.28 17.90 -52.08
CA PRO E 149 -55.72 18.05 -52.26
C PRO E 149 -56.48 16.94 -51.53
N GLY E 150 -57.48 17.35 -50.74
CA GLY E 150 -58.26 16.43 -49.95
C GLY E 150 -57.71 16.13 -48.58
N ALA E 151 -56.59 16.75 -48.19
CA ALA E 151 -56.01 16.49 -46.88
C ALA E 151 -56.88 17.06 -45.75
N ALA E 152 -57.47 18.22 -45.98
CA ALA E 152 -58.32 18.87 -44.98
C ALA E 152 -59.18 19.90 -45.66
N GLU E 153 -60.36 20.14 -45.10
CA GLU E 153 -61.24 21.19 -45.58
C GLU E 153 -60.70 22.55 -45.18
N PRO E 154 -60.76 23.55 -46.08
CA PRO E 154 -60.30 24.90 -45.72
C PRO E 154 -60.99 25.45 -44.48
N GLY E 155 -60.25 25.61 -43.40
CA GLY E 155 -60.77 26.08 -42.13
C GLY E 155 -60.60 25.13 -40.97
N ALA E 156 -60.10 23.91 -41.21
CA ALA E 156 -59.93 22.94 -40.14
C ALA E 156 -58.82 23.37 -39.20
N ASP E 157 -58.80 22.75 -38.02
CA ASP E 157 -57.79 23.06 -37.01
C ASP E 157 -56.40 22.70 -37.53
N GLY E 158 -55.50 23.69 -37.53
CA GLY E 158 -54.16 23.45 -38.04
C GLY E 158 -53.40 22.42 -37.23
N ALA E 159 -53.40 22.59 -35.90
CA ALA E 159 -52.68 21.65 -35.04
C ALA E 159 -53.25 20.24 -35.14
N GLY E 160 -54.55 20.12 -35.41
CA GLY E 160 -55.17 18.82 -35.55
C GLY E 160 -54.85 18.16 -36.88
N VAL E 161 -54.83 18.94 -37.95
CA VAL E 161 -54.50 18.40 -39.26
C VAL E 161 -53.02 18.06 -39.34
N LEU E 162 -52.16 18.94 -38.83
CA LEU E 162 -50.74 18.66 -38.83
C LEU E 162 -50.35 17.61 -37.78
N GLY E 163 -51.20 17.39 -36.78
CA GLY E 163 -50.90 16.43 -35.73
C GLY E 163 -49.77 16.89 -34.84
N LEU E 164 -49.88 18.10 -34.30
CA LEU E 164 -48.82 18.67 -33.48
C LEU E 164 -48.75 18.06 -32.10
N ASP E 165 -49.74 17.26 -31.70
CA ASP E 165 -49.66 16.54 -30.43
C ASP E 165 -48.64 15.41 -30.47
N ASP E 166 -48.16 15.04 -31.65
CA ASP E 166 -47.23 13.94 -31.79
C ASP E 166 -45.85 14.31 -31.24
N VAL E 167 -45.03 13.28 -31.03
CA VAL E 167 -43.68 13.44 -30.51
C VAL E 167 -42.75 12.59 -31.35
N VAL E 168 -41.64 13.16 -31.79
CA VAL E 168 -40.65 12.45 -32.59
C VAL E 168 -39.55 11.93 -31.66
N PHE E 169 -39.22 10.65 -31.82
CA PHE E 169 -38.13 10.04 -31.08
C PHE E 169 -36.90 9.91 -31.99
N HIS E 170 -35.77 10.42 -31.53
CA HIS E 170 -34.50 10.31 -32.23
C HIS E 170 -33.64 9.29 -31.49
N LEU E 171 -33.34 8.17 -32.16
CA LEU E 171 -32.62 7.07 -31.55
C LEU E 171 -31.27 6.88 -32.24
N ALA E 172 -30.31 6.36 -31.47
CA ALA E 172 -29.00 5.97 -31.99
C ALA E 172 -28.92 4.44 -31.88
N ILE E 173 -29.08 3.77 -33.01
CA ILE E 173 -29.16 2.32 -33.05
C ILE E 173 -27.75 1.74 -33.14
N THR E 174 -27.43 0.82 -32.23
CA THR E 174 -26.12 0.18 -32.26
C THR E 174 -25.99 -0.73 -33.48
N PRO E 175 -24.77 -0.95 -33.97
CA PRO E 175 -24.61 -1.67 -35.25
C PRO E 175 -24.98 -3.15 -35.19
N ASP E 176 -25.28 -3.70 -34.02
CA ASP E 176 -25.72 -5.08 -33.94
C ASP E 176 -27.23 -5.23 -34.11
N ARG E 177 -27.97 -4.13 -34.20
CA ARG E 177 -29.42 -4.20 -34.28
C ARG E 177 -29.95 -3.50 -35.53
N GLY E 178 -29.49 -3.93 -36.71
CA GLY E 178 -30.00 -3.39 -37.94
C GLY E 178 -31.49 -3.56 -38.10
N TYR E 179 -32.07 -4.59 -37.47
CA TYR E 179 -33.51 -4.79 -37.55
C TYR E 179 -34.28 -3.66 -36.87
N CYS E 180 -33.61 -2.87 -36.04
CA CYS E 180 -34.26 -1.74 -35.36
C CYS E 180 -34.21 -0.45 -36.17
N MET E 181 -33.70 -0.49 -37.40
CA MET E 181 -33.75 0.66 -38.29
C MET E 181 -35.10 0.81 -38.99
N SER E 182 -36.20 0.50 -38.29
CA SER E 182 -37.53 0.51 -38.91
C SER E 182 -38.59 0.49 -37.83
N VAL E 183 -39.81 0.80 -38.23
CA VAL E 183 -40.95 0.70 -37.31
C VAL E 183 -41.21 -0.75 -36.95
N ARG E 184 -40.97 -1.68 -37.89
CA ARG E 184 -41.19 -3.10 -37.62
C ARG E 184 -40.34 -3.58 -36.44
N GLY E 185 -39.05 -3.23 -36.45
CA GLY E 185 -38.15 -3.74 -35.43
C GLY E 185 -38.39 -3.09 -34.08
N LEU E 186 -38.60 -1.77 -34.06
CA LEU E 186 -38.81 -1.09 -32.79
C LEU E 186 -40.14 -1.47 -32.17
N ALA E 187 -41.16 -1.68 -33.00
CA ALA E 187 -42.46 -2.13 -32.47
C ALA E 187 -42.35 -3.52 -31.88
N ARG E 188 -41.61 -4.42 -32.55
CA ARG E 188 -41.40 -5.76 -32.00
C ARG E 188 -40.67 -5.68 -30.66
N GLU E 189 -39.69 -4.79 -30.55
CA GLU E 189 -38.94 -4.64 -29.30
C GLU E 189 -39.85 -4.18 -28.16
N LEU E 190 -40.75 -3.23 -28.44
CA LEU E 190 -41.68 -2.78 -27.40
C LEU E 190 -42.64 -3.90 -27.00
N ALA E 191 -43.11 -4.68 -27.97
CA ALA E 191 -43.98 -5.81 -27.65
C ALA E 191 -43.26 -6.82 -26.76
N CYS E 192 -41.96 -7.00 -26.98
CA CYS E 192 -41.17 -7.87 -26.10
C CYS E 192 -41.10 -7.29 -24.69
N ALA E 193 -40.79 -5.99 -24.59
CA ALA E 193 -40.57 -5.38 -23.29
C ALA E 193 -41.86 -5.26 -22.48
N TYR E 194 -43.00 -5.14 -23.15
CA TYR E 194 -44.29 -5.03 -22.47
C TYR E 194 -45.09 -6.33 -22.50
N ASP E 195 -44.49 -7.42 -22.98
CA ASP E 195 -45.12 -8.73 -23.03
C ASP E 195 -46.48 -8.67 -23.74
N LEU E 196 -46.46 -8.10 -24.95
CA LEU E 196 -47.66 -7.91 -25.74
C LEU E 196 -47.72 -8.91 -26.88
N ASP E 197 -48.92 -9.12 -27.39
CA ASP E 197 -49.10 -9.86 -28.64
C ASP E 197 -48.72 -8.94 -29.80
N PHE E 198 -47.92 -9.45 -30.73
CA PHE E 198 -47.36 -8.65 -31.80
C PHE E 198 -47.84 -9.15 -33.16
N VAL E 199 -48.29 -8.22 -33.99
CA VAL E 199 -48.68 -8.50 -35.37
C VAL E 199 -47.58 -7.93 -36.27
N ASP E 200 -46.83 -8.81 -36.93
CA ASP E 200 -45.73 -8.39 -37.79
C ASP E 200 -46.28 -7.66 -39.01
N PRO E 201 -45.93 -6.38 -39.23
CA PRO E 201 -46.45 -5.67 -40.41
C PRO E 201 -45.88 -6.19 -41.72
N ALA E 202 -44.88 -7.07 -41.69
CA ALA E 202 -44.33 -7.66 -42.91
C ALA E 202 -44.87 -9.06 -43.19
N SER E 203 -45.87 -9.51 -42.44
CA SER E 203 -46.41 -10.84 -42.62
C SER E 203 -47.33 -10.90 -43.84
N ASN E 204 -47.65 -12.12 -44.26
CA ASN E 204 -48.52 -12.33 -45.42
C ASN E 204 -50.00 -12.22 -45.07
N SER E 205 -50.36 -12.38 -43.80
N SER E 205 -50.37 -12.45 -43.81
CA SER E 205 -51.73 -12.07 -43.39
CA SER E 205 -51.76 -12.57 -43.43
C SER E 205 -51.97 -10.56 -43.37
C SER E 205 -52.45 -11.23 -43.22
N ARG E 206 -50.91 -9.78 -43.16
N ARG E 206 -51.72 -10.12 -43.29
CA ARG E 206 -51.00 -8.32 -43.21
CA ARG E 206 -52.36 -8.81 -43.24
C ARG E 206 -50.61 -7.74 -44.57
C ARG E 206 -53.34 -8.64 -44.39
N VAL E 207 -49.87 -8.49 -45.38
N VAL E 207 -52.94 -9.09 -45.58
CA VAL E 207 -49.55 -8.08 -46.74
CA VAL E 207 -53.75 -9.04 -46.79
C VAL E 207 -50.01 -9.18 -47.68
C VAL E 207 -53.13 -10.06 -47.74
N PRO E 208 -51.23 -9.12 -48.20
N PRO E 208 -53.92 -10.89 -48.42
CA PRO E 208 -51.78 -10.22 -49.01
CA PRO E 208 -53.36 -11.97 -49.25
C PRO E 208 -50.90 -10.52 -50.21
C PRO E 208 -52.37 -11.41 -50.27
N PRO E 209 -50.64 -11.80 -50.50
N PRO E 209 -51.28 -12.14 -50.53
CA PRO E 209 -49.78 -12.15 -51.63
CA PRO E 209 -50.22 -11.62 -51.41
C PRO E 209 -50.41 -11.82 -52.97
C PRO E 209 -50.72 -11.42 -52.84
N LEU E 210 -49.84 -10.84 -53.67
CA LEU E 210 -50.26 -10.55 -55.04
C LEU E 210 -50.03 -11.75 -55.95
N PRO E 211 -50.77 -11.85 -57.06
CA PRO E 211 -50.62 -13.02 -57.93
C PRO E 211 -49.23 -13.11 -58.55
N ILE E 212 -48.82 -14.33 -58.87
CA ILE E 212 -47.56 -14.61 -59.54
C ILE E 212 -47.90 -15.39 -60.79
N GLU E 213 -48.06 -14.69 -61.92
CA GLU E 213 -48.49 -15.29 -63.17
C GLU E 213 -47.40 -15.31 -64.23
N GLY E 214 -46.16 -15.01 -63.86
CA GLY E 214 -45.06 -15.02 -64.81
C GLY E 214 -43.98 -14.03 -64.46
N PRO E 215 -42.88 -14.05 -65.21
CA PRO E 215 -41.76 -13.14 -64.91
C PRO E 215 -42.14 -11.69 -65.13
N ALA E 216 -41.52 -10.82 -64.34
CA ALA E 216 -41.76 -9.38 -64.44
C ALA E 216 -40.74 -8.70 -65.35
N TRP E 217 -39.50 -9.15 -65.32
CA TRP E 217 -38.43 -8.60 -66.15
C TRP E 217 -37.24 -9.56 -66.12
N PRO E 218 -36.58 -9.79 -67.26
CA PRO E 218 -35.42 -10.68 -67.26
C PRO E 218 -34.23 -10.04 -66.57
N LEU E 219 -33.52 -10.84 -65.79
CA LEU E 219 -32.34 -10.36 -65.09
C LEU E 219 -31.32 -11.48 -64.96
N THR E 220 -30.05 -11.10 -64.90
CA THR E 220 -28.94 -12.02 -64.66
C THR E 220 -28.11 -11.48 -63.50
N VAL E 221 -27.70 -12.37 -62.61
CA VAL E 221 -26.95 -11.98 -61.42
C VAL E 221 -25.66 -12.79 -61.36
N GLN E 222 -24.54 -12.09 -61.21
CA GLN E 222 -23.26 -12.75 -60.97
C GLN E 222 -23.21 -13.16 -59.50
N PRO E 223 -23.19 -14.46 -59.20
CA PRO E 223 -23.32 -14.88 -57.79
C PRO E 223 -22.15 -14.44 -56.90
N GLU E 224 -21.00 -14.13 -57.49
CA GLU E 224 -19.83 -13.74 -56.70
C GLU E 224 -19.90 -12.30 -56.20
N THR E 225 -21.05 -11.64 -56.35
CA THR E 225 -21.20 -10.25 -55.95
C THR E 225 -21.88 -10.09 -54.60
N GLY E 226 -22.32 -11.18 -53.98
CA GLY E 226 -22.89 -11.13 -52.66
C GLY E 226 -24.37 -10.86 -52.58
N VAL E 227 -25.07 -10.82 -53.70
CA VAL E 227 -26.51 -10.61 -53.68
C VAL E 227 -27.19 -11.87 -53.17
N ARG E 228 -28.10 -11.70 -52.20
CA ARG E 228 -28.85 -12.82 -51.64
C ARG E 228 -30.24 -12.97 -52.21
N ARG E 229 -30.87 -11.86 -52.61
CA ARG E 229 -32.22 -11.92 -53.18
C ARG E 229 -32.44 -10.68 -54.03
N PHE E 230 -33.18 -10.86 -55.13
CA PHE E 230 -33.47 -9.75 -56.04
C PHE E 230 -34.87 -9.98 -56.60
N ALA E 231 -35.81 -9.10 -56.26
CA ALA E 231 -37.20 -9.25 -56.65
C ALA E 231 -37.68 -8.01 -57.40
N LEU E 232 -38.59 -8.23 -58.35
CA LEU E 232 -39.13 -7.16 -59.18
C LEU E 232 -40.61 -7.38 -59.43
N ARG E 233 -41.39 -6.30 -59.39
CA ARG E 233 -42.81 -6.34 -59.73
C ARG E 233 -43.20 -4.96 -60.25
N PRO E 234 -43.87 -4.87 -61.38
CA PRO E 234 -44.20 -3.56 -61.96
C PRO E 234 -45.59 -3.07 -61.60
N VAL E 235 -45.75 -1.74 -61.70
CA VAL E 235 -47.03 -1.07 -61.55
C VAL E 235 -47.26 -0.21 -62.79
N ILE E 236 -48.42 -0.35 -63.40
CA ILE E 236 -48.69 0.19 -64.73
C ILE E 236 -49.76 1.27 -64.65
N GLY E 237 -49.54 2.36 -65.37
CA GLY E 237 -50.57 3.38 -65.58
C GLY E 237 -50.93 4.22 -64.38
N ILE E 238 -49.93 4.72 -63.66
CA ILE E 238 -50.18 5.59 -62.52
C ILE E 238 -50.40 7.02 -63.00
N ASP E 239 -51.17 7.77 -62.23
CA ASP E 239 -51.47 9.16 -62.58
C ASP E 239 -50.27 10.04 -62.25
N PRO E 240 -49.64 10.67 -63.24
CA PRO E 240 -48.49 11.54 -62.93
C PRO E 240 -48.86 12.75 -62.09
N ALA E 241 -50.10 13.22 -62.18
CA ALA E 241 -50.55 14.36 -61.40
C ALA E 241 -50.93 14.01 -59.98
N ALA E 242 -51.02 12.71 -59.65
CA ALA E 242 -51.39 12.31 -58.31
C ALA E 242 -50.31 12.67 -57.30
N VAL E 243 -50.73 12.95 -56.07
CA VAL E 243 -49.83 13.32 -55.00
C VAL E 243 -50.14 12.46 -53.78
N SER E 244 -49.11 12.20 -52.98
CA SER E 244 -49.25 11.31 -51.83
C SER E 244 -50.17 11.93 -50.78
N PRO E 245 -50.99 11.13 -50.10
CA PRO E 245 -51.87 11.68 -49.07
C PRO E 245 -51.07 12.28 -47.91
N TRP E 246 -51.75 13.11 -47.12
CA TRP E 246 -51.06 13.89 -46.10
C TRP E 246 -50.48 13.00 -45.02
N TRP E 247 -51.19 11.93 -44.63
CA TRP E 247 -50.66 11.06 -43.58
C TRP E 247 -49.35 10.40 -44.00
N LEU E 248 -49.18 10.14 -45.30
CA LEU E 248 -47.94 9.56 -45.79
C LEU E 248 -46.83 10.60 -45.83
N GLN E 249 -47.13 11.80 -46.36
CA GLN E 249 -46.13 12.86 -46.41
C GLN E 249 -45.70 13.27 -45.01
N ARG E 250 -46.66 13.38 -44.08
CA ARG E 250 -46.34 13.80 -42.73
C ARG E 250 -45.40 12.82 -42.04
N ARG E 251 -45.63 11.52 -42.21
CA ARG E 251 -44.75 10.53 -41.60
C ARG E 251 -43.37 10.55 -42.23
N LEU E 252 -43.26 10.81 -43.52
CA LEU E 252 -41.95 10.93 -44.15
C LEU E 252 -41.18 12.12 -43.59
N LEU E 253 -41.86 13.26 -43.42
CA LEU E 253 -41.20 14.45 -42.88
C LEU E 253 -40.68 14.22 -41.47
N LEU E 254 -41.52 13.63 -40.61
CA LEU E 254 -41.13 13.39 -39.23
C LEU E 254 -39.98 12.39 -39.11
N CYS E 255 -39.78 11.54 -40.12
CA CYS E 255 -38.66 10.62 -40.16
C CYS E 255 -37.45 11.21 -40.88
N GLY E 256 -37.53 12.46 -41.33
CA GLY E 256 -36.39 13.10 -41.95
C GLY E 256 -36.20 12.80 -43.41
N ILE E 257 -37.27 12.53 -44.14
CA ILE E 257 -37.24 12.26 -45.57
C ILE E 257 -38.26 13.16 -46.25
N ARG E 258 -37.81 13.93 -47.24
CA ARG E 258 -38.68 14.86 -47.93
C ARG E 258 -39.53 14.12 -48.96
N ALA E 259 -40.83 14.42 -48.98
CA ALA E 259 -41.72 13.81 -49.95
C ALA E 259 -41.46 14.39 -51.34
N THR E 260 -41.69 13.57 -52.35
CA THR E 260 -41.42 13.96 -53.74
C THR E 260 -42.61 13.66 -54.62
N CYS E 261 -42.82 12.38 -54.92
CA CYS E 261 -43.92 11.91 -55.74
C CYS E 261 -44.35 10.55 -55.20
N PRO E 262 -45.59 10.12 -55.50
CA PRO E 262 -46.07 8.85 -54.95
C PRO E 262 -45.14 7.66 -55.18
N ALA E 263 -44.53 7.56 -56.37
CA ALA E 263 -43.68 6.40 -56.66
C ALA E 263 -42.47 6.35 -55.74
N VAL E 264 -41.86 7.51 -55.46
CA VAL E 264 -40.70 7.53 -54.58
C VAL E 264 -41.13 7.55 -53.12
N ASP E 265 -42.27 8.19 -52.80
CA ASP E 265 -42.71 8.28 -51.42
C ASP E 265 -43.04 6.90 -50.84
N VAL E 266 -43.62 6.01 -51.64
CA VAL E 266 -43.98 4.70 -51.12
C VAL E 266 -42.74 3.84 -50.89
N THR E 267 -41.70 4.01 -51.69
CA THR E 267 -40.48 3.24 -51.49
C THR E 267 -39.78 3.66 -50.21
N ASN E 268 -39.73 4.95 -49.92
CA ASN E 268 -39.16 5.43 -48.66
C ASN E 268 -40.05 5.08 -47.48
N TYR E 269 -41.38 5.09 -47.68
CA TYR E 269 -42.30 4.79 -46.60
C TYR E 269 -42.22 3.32 -46.20
N VAL E 270 -42.12 2.41 -47.18
CA VAL E 270 -42.02 1.00 -46.87
C VAL E 270 -40.66 0.68 -46.25
N MET E 271 -39.61 1.37 -46.69
CA MET E 271 -38.30 1.19 -46.07
C MET E 271 -38.35 1.55 -44.60
N LEU E 272 -38.98 2.68 -44.26
CA LEU E 272 -39.12 3.07 -42.87
C LEU E 272 -40.01 2.11 -42.11
N GLU E 273 -41.06 1.59 -42.76
CA GLU E 273 -42.02 0.74 -42.07
C GLU E 273 -41.46 -0.65 -41.79
N LEU E 274 -40.86 -1.29 -42.79
CA LEU E 274 -40.48 -2.69 -42.70
C LEU E 274 -38.97 -2.92 -42.65
N GLY E 275 -38.16 -1.90 -42.88
CA GLY E 275 -36.72 -2.05 -42.83
C GLY E 275 -36.10 -2.59 -44.09
N HIS E 276 -36.89 -2.85 -45.13
CA HIS E 276 -36.37 -3.29 -46.42
C HIS E 276 -36.38 -2.10 -47.36
N PRO E 277 -35.22 -1.56 -47.75
CA PRO E 277 -35.23 -0.45 -48.70
C PRO E 277 -35.76 -0.87 -50.05
N MET E 278 -36.46 0.06 -50.70
CA MET E 278 -37.11 -0.17 -51.97
C MET E 278 -36.72 0.93 -52.95
N HIS E 279 -36.65 0.58 -54.23
CA HIS E 279 -36.34 1.55 -55.26
C HIS E 279 -37.27 1.38 -56.45
N ALA E 280 -37.73 2.50 -56.99
CA ALA E 280 -38.62 2.54 -58.14
C ALA E 280 -37.85 2.96 -59.37
N HIS E 281 -37.94 2.15 -60.43
CA HIS E 281 -37.35 2.47 -61.72
C HIS E 281 -38.46 2.78 -62.72
N ASP E 282 -38.21 3.75 -63.59
CA ASP E 282 -39.12 3.99 -64.71
C ASP E 282 -39.04 2.81 -65.67
N ARG E 283 -40.15 2.10 -65.81
CA ARG E 283 -40.15 0.87 -66.61
C ARG E 283 -39.89 1.16 -68.08
N ASN E 284 -40.34 2.32 -68.58
CA ASN E 284 -40.18 2.65 -69.99
C ASN E 284 -38.77 3.05 -70.36
N ARG E 285 -37.92 3.40 -69.37
CA ARG E 285 -36.54 3.76 -69.62
C ARG E 285 -35.57 2.65 -69.19
N ILE E 286 -36.00 1.40 -69.27
CA ILE E 286 -35.15 0.24 -69.07
C ILE E 286 -35.03 -0.48 -70.40
N SER E 287 -33.80 -0.59 -70.91
CA SER E 287 -33.54 -1.15 -72.23
C SER E 287 -32.85 -2.50 -72.06
N GLY E 288 -33.60 -3.58 -72.26
CA GLY E 288 -33.02 -4.91 -72.27
C GLY E 288 -33.01 -5.56 -70.90
N THR E 289 -32.20 -6.61 -70.80
CA THR E 289 -32.11 -7.41 -69.59
C THR E 289 -31.36 -6.65 -68.50
N LEU E 290 -31.93 -6.62 -67.30
CA LEU E 290 -31.24 -6.05 -66.15
C LEU E 290 -30.11 -6.96 -65.72
N GLY E 291 -29.02 -6.36 -65.27
CA GLY E 291 -27.86 -7.14 -64.88
C GLY E 291 -27.17 -6.66 -63.62
N VAL E 292 -26.98 -7.57 -62.66
CA VAL E 292 -26.19 -7.29 -61.47
C VAL E 292 -24.77 -7.76 -61.74
N ARG E 293 -23.81 -6.85 -61.59
CA ARG E 293 -22.45 -7.11 -62.04
C ARG E 293 -21.49 -6.21 -61.28
N PHE E 294 -20.27 -6.71 -61.09
CA PHE E 294 -19.21 -5.88 -60.54
C PHE E 294 -18.83 -4.77 -61.52
N ALA E 295 -18.58 -3.58 -60.98
CA ALA E 295 -18.16 -2.47 -61.81
C ALA E 295 -16.75 -2.70 -62.36
N ARG E 296 -16.34 -1.81 -63.25
CA ARG E 296 -15.00 -1.82 -63.83
C ARG E 296 -14.24 -0.59 -63.39
N SER E 297 -12.91 -0.69 -63.42
CA SER E 297 -12.06 0.44 -63.08
C SER E 297 -12.25 1.57 -64.08
N GLY E 298 -12.36 2.80 -63.57
CA GLY E 298 -12.60 3.95 -64.41
C GLY E 298 -14.03 4.13 -64.86
N GLU E 299 -14.91 3.16 -64.61
CA GLU E 299 -16.30 3.29 -64.99
C GLU E 299 -17.01 4.30 -64.09
N THR E 300 -17.83 5.15 -64.70
CA THR E 300 -18.58 6.17 -63.99
C THR E 300 -20.06 5.83 -64.01
N ALA E 301 -20.82 6.60 -63.22
CA ALA E 301 -22.27 6.40 -63.12
C ALA E 301 -22.90 7.67 -62.59
N VAL E 302 -23.82 8.25 -63.36
CA VAL E 302 -24.52 9.45 -62.94
C VAL E 302 -25.68 9.02 -62.05
N THR E 303 -25.60 9.37 -60.77
CA THR E 303 -26.58 8.93 -59.79
C THR E 303 -27.84 9.79 -59.86
N LEU E 304 -28.81 9.47 -59.00
CA LEU E 304 -30.10 10.16 -59.02
C LEU E 304 -29.97 11.63 -58.66
N ASP E 305 -28.95 11.99 -57.88
CA ASP E 305 -28.74 13.37 -57.46
C ASP E 305 -28.13 14.23 -58.56
N GLY E 306 -27.73 13.64 -59.68
CA GLY E 306 -27.11 14.40 -60.75
C GLY E 306 -25.62 14.61 -60.59
N ILE E 307 -24.95 13.76 -59.82
CA ILE E 307 -23.51 13.87 -59.58
C ILE E 307 -22.83 12.65 -60.19
N GLU E 308 -21.69 12.88 -60.83
CA GLU E 308 -20.91 11.81 -61.42
C GLU E 308 -20.06 11.14 -60.34
N ARG E 309 -20.09 9.81 -60.30
CA ARG E 309 -19.37 9.03 -59.30
C ARG E 309 -18.33 8.16 -59.99
N LYS E 310 -17.12 8.15 -59.43
CA LYS E 310 -16.07 7.24 -59.87
C LYS E 310 -16.21 5.92 -59.12
N LEU E 311 -16.24 4.82 -59.86
CA LEU E 311 -16.54 3.51 -59.30
C LEU E 311 -15.28 2.66 -59.20
N ASP E 312 -15.35 1.68 -58.31
CA ASP E 312 -14.26 0.75 -58.03
C ASP E 312 -14.63 -0.65 -58.51
N THR E 313 -13.61 -1.52 -58.59
CA THR E 313 -13.83 -2.89 -59.03
C THR E 313 -14.58 -3.71 -57.99
N ALA E 314 -14.65 -3.26 -56.74
CA ALA E 314 -15.33 -3.97 -55.67
C ALA E 314 -16.76 -3.47 -55.43
N ASP E 315 -17.32 -2.75 -56.40
CA ASP E 315 -18.66 -2.20 -56.27
C ASP E 315 -19.65 -3.02 -57.10
N VAL E 316 -20.89 -3.07 -56.61
CA VAL E 316 -21.96 -3.82 -57.26
C VAL E 316 -22.87 -2.85 -58.00
N LEU E 317 -23.20 -3.18 -59.24
CA LEU E 317 -24.02 -2.31 -60.07
C LEU E 317 -25.22 -3.09 -60.63
N ILE E 318 -26.29 -2.35 -60.91
CA ILE E 318 -27.39 -2.82 -61.72
C ILE E 318 -27.27 -2.11 -63.07
N VAL E 319 -27.14 -2.89 -64.14
CA VAL E 319 -26.97 -2.35 -65.48
C VAL E 319 -27.94 -3.06 -66.42
N ASP E 320 -28.10 -2.48 -67.61
CA ASP E 320 -28.89 -3.10 -68.66
C ASP E 320 -28.09 -3.16 -69.95
N ASP E 321 -28.76 -3.13 -71.10
CA ASP E 321 -28.08 -3.18 -72.38
C ASP E 321 -27.44 -1.86 -72.77
N ALA E 322 -27.72 -0.77 -72.05
CA ALA E 322 -27.21 0.54 -72.41
C ALA E 322 -26.39 1.15 -71.28
N ALA E 323 -27.00 1.53 -70.15
CA ALA E 323 -26.29 2.25 -69.11
C ALA E 323 -26.40 1.57 -67.76
N THR E 324 -25.97 2.26 -66.70
CA THR E 324 -26.03 1.74 -65.34
C THR E 324 -27.32 2.21 -64.68
N ALA E 325 -28.05 1.28 -64.07
CA ALA E 325 -29.34 1.59 -63.46
C ALA E 325 -29.22 2.02 -62.01
N ALA E 326 -28.24 1.52 -61.28
CA ALA E 326 -28.08 1.85 -59.87
C ALA E 326 -26.74 1.36 -59.37
N ILE E 327 -26.25 1.99 -58.31
CA ILE E 327 -25.13 1.49 -57.53
C ILE E 327 -25.71 0.59 -56.45
N GLY E 328 -25.50 -0.72 -56.59
CA GLY E 328 -26.14 -1.73 -55.76
C GLY E 328 -26.16 -1.46 -54.27
N GLY E 329 -27.33 -1.11 -53.75
CA GLY E 329 -27.51 -0.88 -52.33
C GLY E 329 -27.16 0.51 -51.85
N VAL E 330 -26.86 1.44 -52.75
CA VAL E 330 -26.42 2.78 -52.35
C VAL E 330 -27.41 3.82 -52.85
N MET E 331 -27.53 3.95 -54.17
CA MET E 331 -28.43 4.93 -54.76
C MET E 331 -28.68 4.58 -56.22
N GLY E 332 -29.91 4.82 -56.67
CA GLY E 332 -30.24 4.60 -58.06
C GLY E 332 -29.66 5.67 -58.97
N ALA E 333 -29.60 5.34 -60.25
CA ALA E 333 -29.05 6.26 -61.24
C ALA E 333 -30.15 7.11 -61.86
N ALA E 334 -29.74 8.23 -62.47
CA ALA E 334 -30.67 9.10 -63.15
C ALA E 334 -31.22 8.49 -64.44
N SER E 335 -30.61 7.41 -64.94
CA SER E 335 -31.07 6.79 -66.17
C SER E 335 -32.49 6.26 -66.02
N THR E 336 -32.74 5.51 -64.95
CA THR E 336 -34.06 4.94 -64.69
C THR E 336 -34.81 5.66 -63.58
N GLU E 337 -34.37 6.86 -63.22
CA GLU E 337 -34.99 7.62 -62.14
C GLU E 337 -36.46 7.93 -62.46
N VAL E 338 -37.31 7.80 -61.44
CA VAL E 338 -38.71 8.19 -61.58
C VAL E 338 -38.81 9.71 -61.62
N ARG E 339 -39.56 10.23 -62.57
CA ARG E 339 -39.70 11.66 -62.76
C ARG E 339 -41.17 12.06 -62.60
N ALA E 340 -41.44 13.35 -62.75
CA ALA E 340 -42.78 13.90 -62.53
C ALA E 340 -43.78 13.46 -63.59
N ASP E 341 -43.36 12.72 -64.61
CA ASP E 341 -44.25 12.26 -65.66
C ASP E 341 -44.26 10.75 -65.81
N SER E 342 -43.61 10.02 -64.90
CA SER E 342 -43.54 8.57 -65.02
C SER E 342 -44.93 7.95 -64.82
N THR E 343 -45.23 6.95 -65.64
CA THR E 343 -46.51 6.25 -65.59
C THR E 343 -46.37 4.75 -65.38
N ASP E 344 -45.25 4.16 -65.77
CA ASP E 344 -44.96 2.75 -65.54
C ASP E 344 -43.75 2.63 -64.63
N VAL E 345 -43.89 1.90 -63.53
CA VAL E 345 -42.86 1.81 -62.50
C VAL E 345 -42.54 0.33 -62.28
N LEU E 346 -41.24 0.02 -62.31
CA LEU E 346 -40.74 -1.30 -61.92
C LEU E 346 -40.08 -1.18 -60.56
N LEU E 347 -40.63 -1.89 -59.58
CA LEU E 347 -40.16 -1.80 -58.20
C LEU E 347 -39.12 -2.86 -57.90
N GLU E 348 -38.08 -2.46 -57.17
CA GLU E 348 -36.91 -3.31 -56.90
C GLU E 348 -36.83 -3.59 -55.41
N ALA E 349 -36.74 -4.88 -55.06
CA ALA E 349 -36.53 -5.31 -53.67
C ALA E 349 -35.37 -6.30 -53.67
N ALA E 350 -34.19 -5.83 -53.27
CA ALA E 350 -32.97 -6.63 -53.35
C ALA E 350 -32.26 -6.67 -52.01
N ILE E 351 -31.46 -7.71 -51.83
CA ILE E 351 -30.63 -7.89 -50.63
C ILE E 351 -29.18 -7.92 -51.08
N TRP E 352 -28.41 -6.91 -50.71
CA TRP E 352 -27.02 -6.79 -51.09
C TRP E 352 -26.09 -7.23 -49.97
N ASP E 353 -24.83 -7.43 -50.32
CA ASP E 353 -23.85 -7.85 -49.32
C ASP E 353 -23.52 -6.68 -48.39
N PRO E 354 -23.59 -6.87 -47.08
CA PRO E 354 -23.36 -5.74 -46.16
C PRO E 354 -21.94 -5.18 -46.25
N ALA E 355 -20.93 -6.04 -46.38
CA ALA E 355 -19.56 -5.55 -46.46
C ALA E 355 -19.32 -4.79 -47.77
N ALA E 356 -19.90 -5.26 -48.87
CA ALA E 356 -19.72 -4.59 -50.15
C ALA E 356 -20.38 -3.21 -50.14
N VAL E 357 -21.55 -3.10 -49.53
CA VAL E 357 -22.23 -1.81 -49.48
C VAL E 357 -21.47 -0.83 -48.60
N SER E 358 -21.01 -1.30 -47.43
CA SER E 358 -20.24 -0.43 -46.54
C SER E 358 -18.94 0.02 -47.20
N ARG E 359 -18.26 -0.90 -47.87
CA ARG E 359 -17.00 -0.57 -48.53
C ARG E 359 -17.20 0.43 -49.67
N THR E 360 -18.37 0.39 -50.32
CA THR E 360 -18.62 1.25 -51.46
C THR E 360 -19.15 2.63 -51.06
N GLN E 361 -20.07 2.69 -50.09
CA GLN E 361 -20.67 3.97 -49.74
C GLN E 361 -19.68 4.87 -49.01
N ARG E 362 -18.76 4.30 -48.23
CA ARG E 362 -17.79 5.11 -47.52
C ARG E 362 -16.71 5.68 -48.44
N ARG E 363 -16.46 5.03 -49.58
CA ARG E 363 -15.44 5.53 -50.49
C ARG E 363 -15.87 6.81 -51.17
N LEU E 364 -17.15 6.92 -51.54
CA LEU E 364 -17.67 8.10 -52.21
C LEU E 364 -18.57 8.94 -51.31
N HIS E 365 -18.60 8.66 -50.01
CA HIS E 365 -19.27 9.49 -49.01
C HIS E 365 -20.77 9.62 -49.30
N LEU E 366 -21.45 8.46 -49.35
CA LEU E 366 -22.89 8.40 -49.58
C LEU E 366 -23.53 7.54 -48.50
N PRO E 367 -23.74 8.09 -47.30
CA PRO E 367 -24.46 7.36 -46.25
C PRO E 367 -25.98 7.45 -46.41
N SER E 368 -26.48 6.91 -47.51
N SER E 368 -26.48 6.91 -47.51
CA SER E 368 -27.90 6.98 -47.81
CA SER E 368 -27.89 6.98 -47.80
C SER E 368 -28.69 6.12 -46.83
C SER E 368 -28.69 6.11 -46.84
N GLU E 369 -30.01 6.33 -46.83
CA GLU E 369 -30.88 5.56 -45.95
C GLU E 369 -30.86 4.07 -46.32
N ALA E 370 -30.71 3.75 -47.60
CA ALA E 370 -30.64 2.35 -47.99
C ALA E 370 -29.29 1.74 -47.64
N ALA E 371 -28.20 2.47 -47.89
CA ALA E 371 -26.87 1.94 -47.62
C ALA E 371 -26.66 1.68 -46.13
N ARG E 372 -27.15 2.58 -45.28
CA ARG E 372 -27.00 2.40 -43.84
C ARG E 372 -27.71 1.15 -43.35
N ARG E 373 -28.81 0.78 -44.00
CA ARG E 373 -29.54 -0.42 -43.57
C ARG E 373 -28.93 -1.69 -44.15
N TYR E 374 -28.46 -1.63 -45.40
CA TYR E 374 -27.84 -2.80 -46.01
C TYR E 374 -26.54 -3.18 -45.30
N GLU E 375 -25.74 -2.19 -44.88
CA GLU E 375 -24.49 -2.50 -44.20
C GLU E 375 -24.72 -3.09 -42.82
N ARG E 376 -25.88 -2.85 -42.22
CA ARG E 376 -26.27 -3.49 -40.97
C ARG E 376 -27.14 -4.72 -41.19
N THR E 377 -27.13 -5.27 -42.41
N THR E 377 -27.16 -5.25 -42.43
CA THR E 377 -27.91 -6.43 -42.83
CA THR E 377 -27.91 -6.43 -42.83
C THR E 377 -29.42 -6.13 -42.87
C THR E 377 -29.42 -6.18 -42.83
N VAL E 378 -30.10 -6.67 -43.88
CA VAL E 378 -31.55 -6.53 -44.04
C VAL E 378 -32.15 -7.92 -44.14
N ASP E 379 -33.32 -8.10 -43.51
CA ASP E 379 -34.02 -9.38 -43.46
C ASP E 379 -34.36 -9.88 -44.86
N PRO E 380 -33.70 -10.94 -45.35
CA PRO E 380 -33.94 -11.40 -46.72
C PRO E 380 -35.27 -12.12 -46.91
N ALA E 381 -36.01 -12.40 -45.84
CA ALA E 381 -37.25 -13.17 -45.98
C ALA E 381 -38.45 -12.31 -46.34
N ILE E 382 -38.36 -10.99 -46.22
CA ILE E 382 -39.51 -10.11 -46.42
C ILE E 382 -39.43 -9.36 -47.75
N SER E 383 -38.53 -9.77 -48.65
CA SER E 383 -38.31 -9.00 -49.87
C SER E 383 -39.58 -8.92 -50.72
N VAL E 384 -40.27 -10.05 -50.90
CA VAL E 384 -41.48 -10.04 -51.71
C VAL E 384 -42.62 -9.40 -50.94
N ALA E 385 -42.69 -9.64 -49.63
CA ALA E 385 -43.74 -9.02 -48.81
C ALA E 385 -43.64 -7.50 -48.85
N ALA E 386 -42.43 -6.96 -48.76
CA ALA E 386 -42.26 -5.52 -48.87
C ALA E 386 -42.56 -5.04 -50.29
N LEU E 387 -42.21 -5.84 -51.29
CA LEU E 387 -42.52 -5.50 -52.67
C LEU E 387 -44.03 -5.42 -52.89
N ASP E 388 -44.77 -6.43 -52.41
CA ASP E 388 -46.22 -6.44 -52.58
C ASP E 388 -46.88 -5.29 -51.82
N ARG E 389 -46.41 -5.01 -50.61
CA ARG E 389 -46.91 -3.87 -49.86
C ARG E 389 -46.70 -2.57 -50.63
N CYS E 390 -45.54 -2.43 -51.26
CA CYS E 390 -45.21 -1.21 -51.98
C CYS E 390 -46.09 -1.04 -53.22
N ALA E 391 -46.25 -2.12 -53.99
CA ALA E 391 -47.01 -2.03 -55.24
C ALA E 391 -48.48 -1.72 -54.97
N ARG E 392 -49.08 -2.38 -53.98
CA ARG E 392 -50.48 -2.15 -53.69
C ARG E 392 -50.71 -0.73 -53.16
N LEU E 393 -49.78 -0.23 -52.35
CA LEU E 393 -49.94 1.13 -51.82
C LEU E 393 -49.82 2.17 -52.92
N LEU E 394 -48.89 1.98 -53.86
CA LEU E 394 -48.72 2.93 -54.95
C LEU E 394 -49.97 3.00 -55.83
N ALA E 395 -50.53 1.84 -56.18
CA ALA E 395 -51.73 1.82 -57.01
C ALA E 395 -52.91 2.46 -56.30
N ASP E 396 -52.98 2.34 -54.97
CA ASP E 396 -54.08 2.91 -54.23
C ASP E 396 -54.07 4.43 -54.28
N ILE E 397 -52.89 5.03 -54.07
CA ILE E 397 -52.80 6.49 -54.00
C ILE E 397 -52.59 7.14 -55.36
N ALA E 398 -52.12 6.39 -56.37
CA ALA E 398 -51.85 6.94 -57.69
C ALA E 398 -52.78 6.39 -58.76
N GLY E 399 -53.71 5.50 -58.40
CA GLY E 399 -54.65 4.98 -59.38
C GLY E 399 -54.04 4.09 -60.43
N GLY E 400 -52.95 3.40 -60.11
CA GLY E 400 -52.30 2.51 -61.06
C GLY E 400 -52.94 1.13 -61.08
N GLU E 401 -52.23 0.21 -61.74
CA GLU E 401 -52.66 -1.18 -61.85
C GLU E 401 -51.47 -2.07 -61.55
N VAL E 402 -51.61 -2.95 -60.55
CA VAL E 402 -50.52 -3.83 -60.17
C VAL E 402 -50.49 -5.02 -61.11
N SER E 403 -49.39 -5.18 -61.83
CA SER E 403 -49.24 -6.30 -62.74
C SER E 403 -49.08 -7.60 -61.95
N PRO E 404 -49.64 -8.72 -62.43
CA PRO E 404 -49.54 -9.98 -61.70
C PRO E 404 -48.30 -10.77 -62.06
N THR E 405 -47.22 -10.08 -62.41
CA THR E 405 -45.95 -10.70 -62.72
C THR E 405 -44.95 -10.45 -61.59
N LEU E 406 -43.97 -11.33 -61.49
CA LEU E 406 -42.97 -11.25 -60.41
C LEU E 406 -41.74 -12.05 -60.81
N THR E 407 -40.57 -11.43 -60.66
CA THR E 407 -39.29 -12.12 -60.73
C THR E 407 -38.70 -12.14 -59.33
N ASP E 408 -38.22 -13.31 -58.90
CA ASP E 408 -37.74 -13.50 -57.53
C ASP E 408 -36.52 -14.42 -57.57
N TRP E 409 -35.34 -13.81 -57.73
CA TRP E 409 -34.09 -14.54 -57.74
C TRP E 409 -33.62 -14.76 -56.30
N ARG E 410 -33.47 -16.01 -55.90
CA ARG E 410 -33.12 -16.36 -54.52
C ARG E 410 -31.85 -17.21 -54.48
N GLY E 411 -30.88 -16.88 -55.31
CA GLY E 411 -29.62 -17.60 -55.35
C GLY E 411 -29.66 -18.82 -56.25
N ASP E 412 -28.48 -19.41 -56.43
CA ASP E 412 -28.32 -20.63 -57.23
C ASP E 412 -27.57 -21.65 -56.40
N PRO E 413 -28.23 -22.72 -55.91
CA PRO E 413 -29.66 -23.02 -56.06
C PRO E 413 -30.58 -22.05 -55.32
N PRO E 414 -31.85 -21.98 -55.71
CA PRO E 414 -32.78 -21.08 -55.01
C PRO E 414 -32.92 -21.44 -53.54
N CYS E 415 -32.87 -20.40 -52.70
CA CYS E 415 -33.01 -20.56 -51.27
C CYS E 415 -34.46 -20.30 -50.86
N ASP E 416 -35.05 -21.24 -50.12
CA ASP E 416 -36.42 -21.11 -49.65
C ASP E 416 -36.53 -21.03 -48.13
N ASP E 417 -35.41 -21.14 -47.41
CA ASP E 417 -35.41 -21.06 -45.95
C ASP E 417 -34.23 -20.17 -45.55
N TRP E 418 -34.52 -18.97 -45.07
CA TRP E 418 -33.52 -17.99 -44.73
C TRP E 418 -33.10 -18.06 -43.26
N SER E 419 -33.35 -19.18 -42.59
CA SER E 419 -33.04 -19.26 -41.18
C SER E 419 -31.55 -19.53 -40.96
N PRO E 420 -30.94 -18.90 -39.95
CA PRO E 420 -29.53 -19.13 -39.66
C PRO E 420 -29.34 -20.49 -39.00
N PRO E 421 -28.09 -20.91 -38.78
CA PRO E 421 -27.86 -22.19 -38.11
C PRO E 421 -28.38 -22.17 -36.69
N PRO E 422 -28.76 -23.32 -36.14
CA PRO E 422 -29.24 -23.36 -34.76
C PRO E 422 -28.10 -23.24 -33.76
N ILE E 423 -28.46 -22.79 -32.55
CA ILE E 423 -27.52 -22.58 -31.46
C ILE E 423 -27.95 -23.43 -30.28
N ARG E 424 -27.01 -24.19 -29.73
CA ARG E 424 -27.26 -25.01 -28.55
C ARG E 424 -26.67 -24.34 -27.33
N MET E 425 -27.45 -24.30 -26.24
CA MET E 425 -26.92 -23.81 -24.97
C MET E 425 -27.77 -24.34 -23.84
N GLY E 426 -27.16 -24.44 -22.66
CA GLY E 426 -27.87 -24.95 -21.50
C GLY E 426 -29.00 -24.03 -21.08
N VAL E 427 -30.05 -24.63 -20.55
CA VAL E 427 -31.26 -23.89 -20.20
C VAL E 427 -30.98 -22.88 -19.09
N ASP E 428 -29.99 -23.13 -18.25
CA ASP E 428 -29.68 -22.24 -17.13
C ASP E 428 -28.47 -21.36 -17.40
N VAL E 429 -27.95 -21.32 -18.63
CA VAL E 429 -26.79 -20.49 -18.94
C VAL E 429 -27.06 -19.00 -18.69
N PRO E 430 -28.18 -18.42 -19.12
CA PRO E 430 -28.43 -17.01 -18.78
C PRO E 430 -28.54 -16.78 -17.29
N ASP E 431 -29.04 -17.75 -16.53
CA ASP E 431 -29.09 -17.61 -15.08
C ASP E 431 -27.70 -17.50 -14.48
N ARG E 432 -26.77 -18.33 -14.96
CA ARG E 432 -25.42 -18.33 -14.40
C ARG E 432 -24.68 -17.05 -14.74
N ILE E 433 -24.78 -16.60 -16.00
CA ILE E 433 -24.09 -15.39 -16.41
C ILE E 433 -24.64 -14.17 -15.66
N ALA E 434 -25.95 -14.12 -15.48
CA ALA E 434 -26.56 -12.99 -14.80
C ALA E 434 -26.40 -13.05 -13.29
N GLY E 435 -26.21 -14.24 -12.71
CA GLY E 435 -26.22 -14.37 -11.28
C GLY E 435 -27.59 -14.22 -10.67
N VAL E 436 -28.64 -14.58 -11.43
CA VAL E 436 -30.03 -14.45 -11.00
C VAL E 436 -30.75 -15.75 -11.35
N ALA E 437 -31.50 -16.29 -10.39
CA ALA E 437 -32.30 -17.47 -10.62
C ALA E 437 -33.65 -17.01 -11.19
N TYR E 438 -33.72 -16.92 -12.51
CA TYR E 438 -34.95 -16.52 -13.16
C TYR E 438 -36.03 -17.59 -12.97
N PRO E 439 -37.31 -17.20 -12.93
CA PRO E 439 -38.38 -18.20 -12.90
C PRO E 439 -38.25 -19.18 -14.06
N GLN E 440 -38.74 -20.40 -13.85
CA GLN E 440 -38.65 -21.42 -14.87
C GLN E 440 -39.33 -20.95 -16.15
N GLY E 441 -38.76 -21.32 -17.29
CA GLY E 441 -39.29 -20.96 -18.58
C GLY E 441 -38.93 -19.57 -19.07
N THR E 442 -38.20 -18.79 -18.27
CA THR E 442 -37.88 -17.41 -18.67
C THR E 442 -37.06 -17.37 -19.95
N THR E 443 -35.98 -18.16 -20.00
CA THR E 443 -35.11 -18.16 -21.17
C THR E 443 -35.86 -18.57 -22.43
N ALA E 444 -36.61 -19.68 -22.34
CA ALA E 444 -37.36 -20.16 -23.50
C ALA E 444 -38.41 -19.14 -23.94
N ARG E 445 -39.07 -18.50 -22.98
CA ARG E 445 -40.10 -17.52 -23.34
C ARG E 445 -39.49 -16.30 -24.02
N ARG E 446 -38.38 -15.79 -23.50
CA ARG E 446 -37.77 -14.58 -24.05
C ARG E 446 -37.19 -14.83 -25.44
N LEU E 447 -36.58 -16.00 -25.65
CA LEU E 447 -35.98 -16.28 -26.95
C LEU E 447 -37.04 -16.52 -28.01
N ALA E 448 -38.20 -17.06 -27.63
CA ALA E 448 -39.32 -17.14 -28.56
C ALA E 448 -39.90 -15.76 -28.84
N GLN E 449 -39.97 -14.93 -27.80
CA GLN E 449 -40.50 -13.57 -27.95
C GLN E 449 -39.75 -12.78 -29.02
N ILE E 450 -38.43 -12.94 -29.08
CA ILE E 450 -37.65 -12.22 -30.09
C ILE E 450 -37.67 -12.90 -31.45
N GLY E 451 -38.34 -14.05 -31.57
CA GLY E 451 -38.58 -14.66 -32.86
C GLY E 451 -37.87 -15.96 -33.14
N ALA E 452 -37.16 -16.52 -32.17
CA ALA E 452 -36.41 -17.74 -32.42
C ALA E 452 -37.30 -18.97 -32.25
N VAL E 453 -36.92 -20.05 -32.93
CA VAL E 453 -37.52 -21.36 -32.71
C VAL E 453 -36.74 -22.06 -31.62
N VAL E 454 -37.43 -22.49 -30.56
CA VAL E 454 -36.79 -23.07 -29.38
C VAL E 454 -37.34 -24.48 -29.17
N THR E 455 -36.44 -25.46 -29.13
CA THR E 455 -36.78 -26.84 -28.82
C THR E 455 -35.99 -27.31 -27.62
N HIS E 456 -36.53 -28.30 -26.91
CA HIS E 456 -35.93 -28.82 -25.69
C HIS E 456 -35.39 -30.23 -25.92
N ASP E 457 -34.21 -30.51 -25.33
CA ASP E 457 -33.60 -31.84 -25.35
C ASP E 457 -32.90 -32.00 -23.99
N GLY E 458 -33.68 -32.42 -22.99
CA GLY E 458 -33.18 -32.50 -21.64
C GLY E 458 -32.98 -31.13 -21.02
N ASP E 459 -31.74 -30.80 -20.66
CA ASP E 459 -31.40 -29.50 -20.13
C ASP E 459 -30.74 -28.60 -21.16
N THR E 460 -30.82 -28.96 -22.43
CA THR E 460 -30.17 -28.21 -23.52
C THR E 460 -31.23 -27.68 -24.47
N LEU E 461 -31.17 -26.38 -24.75
CA LEU E 461 -32.05 -25.75 -25.72
C LEU E 461 -31.36 -25.67 -27.08
N THR E 462 -32.13 -25.93 -28.13
CA THR E 462 -31.68 -25.73 -29.50
C THR E 462 -32.44 -24.53 -30.05
N VAL E 463 -31.73 -23.44 -30.29
CA VAL E 463 -32.32 -22.15 -30.60
C VAL E 463 -31.94 -21.75 -32.02
N THR E 464 -32.94 -21.58 -32.88
CA THR E 464 -32.73 -21.12 -34.24
C THR E 464 -33.23 -19.69 -34.37
N PRO E 465 -32.34 -18.70 -34.46
CA PRO E 465 -32.77 -17.30 -34.46
C PRO E 465 -33.59 -16.98 -35.70
N PRO E 466 -34.37 -15.90 -35.67
CA PRO E 466 -35.12 -15.51 -36.87
C PRO E 466 -34.20 -14.88 -37.91
N SER E 467 -34.73 -14.79 -39.13
CA SER E 467 -33.93 -14.34 -40.26
C SER E 467 -33.46 -12.89 -40.12
N TRP E 468 -34.17 -12.07 -39.34
CA TRP E 468 -33.80 -10.68 -39.16
C TRP E 468 -32.80 -10.47 -38.01
N ARG E 469 -32.24 -11.53 -37.44
CA ARG E 469 -31.30 -11.44 -36.33
C ARG E 469 -30.00 -12.17 -36.64
N PRO E 470 -29.24 -11.72 -37.65
CA PRO E 470 -27.94 -12.36 -37.91
C PRO E 470 -26.91 -12.10 -36.83
N ASP E 471 -27.18 -11.22 -35.87
CA ASP E 471 -26.27 -11.00 -34.76
C ASP E 471 -26.31 -12.11 -33.73
N LEU E 472 -27.31 -12.99 -33.78
CA LEU E 472 -27.41 -14.11 -32.84
C LEU E 472 -26.66 -15.30 -33.45
N ARG E 473 -25.45 -15.55 -32.95
CA ARG E 473 -24.58 -16.58 -33.50
C ARG E 473 -24.10 -17.60 -32.48
N GLN E 474 -24.01 -17.23 -31.20
CA GLN E 474 -23.53 -18.16 -30.18
C GLN E 474 -24.27 -17.90 -28.86
N PRO E 475 -24.14 -18.79 -27.86
CA PRO E 475 -24.93 -18.61 -26.63
C PRO E 475 -24.81 -17.25 -25.96
N ALA E 476 -23.63 -16.62 -26.00
CA ALA E 476 -23.49 -15.30 -25.38
C ALA E 476 -24.47 -14.31 -25.98
N ASP E 477 -24.67 -14.37 -27.30
CA ASP E 477 -25.68 -13.53 -27.94
C ASP E 477 -27.07 -13.79 -27.36
N LEU E 478 -27.42 -15.06 -27.16
CA LEU E 478 -28.73 -15.39 -26.62
C LEU E 478 -28.86 -14.90 -25.18
N VAL E 479 -27.77 -14.96 -24.41
CA VAL E 479 -27.80 -14.52 -23.02
C VAL E 479 -28.15 -13.03 -22.94
N GLU E 480 -27.58 -12.22 -23.83
CA GLU E 480 -27.86 -10.79 -23.81
C GLU E 480 -29.35 -10.52 -24.03
N GLU E 481 -30.00 -11.30 -24.89
CA GLU E 481 -31.42 -11.11 -25.15
C GLU E 481 -32.25 -11.34 -23.89
N VAL E 482 -32.02 -12.46 -23.21
CA VAL E 482 -32.78 -12.76 -21.99
C VAL E 482 -32.50 -11.70 -20.93
N LEU E 483 -31.24 -11.34 -20.74
CA LEU E 483 -30.87 -10.42 -19.66
C LEU E 483 -31.43 -9.04 -19.90
N ARG E 484 -31.32 -8.51 -21.13
CA ARG E 484 -31.79 -7.15 -21.38
C ARG E 484 -33.31 -7.06 -21.26
N LEU E 485 -34.03 -8.12 -21.65
CA LEU E 485 -35.49 -8.08 -21.55
C LEU E 485 -35.96 -8.23 -20.11
N GLU E 486 -35.33 -9.13 -19.35
CA GLU E 486 -35.66 -9.22 -17.93
C GLU E 486 -35.27 -7.95 -17.18
N GLY E 487 -34.27 -7.23 -17.69
CA GLY E 487 -33.83 -6.00 -17.05
C GLY E 487 -32.57 -6.17 -16.24
N LEU E 488 -31.56 -5.34 -16.51
CA LEU E 488 -30.29 -5.45 -15.79
C LEU E 488 -30.41 -5.00 -14.34
N GLU E 489 -31.46 -4.25 -13.99
CA GLU E 489 -31.64 -3.77 -12.63
C GLU E 489 -31.93 -4.88 -11.63
N VAL E 490 -32.23 -6.09 -12.10
CA VAL E 490 -32.47 -7.21 -11.18
C VAL E 490 -31.19 -7.98 -10.87
N ILE E 491 -30.09 -7.67 -11.54
CA ILE E 491 -28.81 -8.32 -11.27
C ILE E 491 -28.27 -7.74 -9.97
N PRO E 492 -27.95 -8.55 -8.97
CA PRO E 492 -27.48 -8.03 -7.70
C PRO E 492 -26.04 -7.56 -7.77
N SER E 493 -25.65 -6.80 -6.75
CA SER E 493 -24.29 -6.29 -6.61
C SER E 493 -23.56 -7.19 -5.63
N VAL E 494 -22.74 -8.09 -6.15
CA VAL E 494 -22.03 -9.10 -5.36
C VAL E 494 -20.54 -8.97 -5.65
N LEU E 495 -19.79 -8.42 -4.70
CA LEU E 495 -18.34 -8.36 -4.83
C LEU E 495 -17.77 -9.77 -4.88
N PRO E 496 -16.98 -10.11 -5.89
CA PRO E 496 -16.33 -11.42 -5.92
C PRO E 496 -15.26 -11.49 -4.85
N PRO E 497 -14.80 -12.69 -4.49
CA PRO E 497 -13.73 -12.81 -3.50
C PRO E 497 -12.43 -12.23 -4.03
N ALA E 498 -11.61 -11.73 -3.11
CA ALA E 498 -10.34 -11.14 -3.48
C ALA E 498 -9.33 -12.23 -3.80
N PRO E 499 -8.77 -12.27 -5.01
CA PRO E 499 -7.63 -13.17 -5.26
C PRO E 499 -6.42 -12.71 -4.46
N ALA E 500 -5.49 -13.65 -4.26
CA ALA E 500 -4.29 -13.38 -3.48
C ALA E 500 -3.29 -12.64 -4.38
N GLY E 501 -3.52 -11.34 -4.54
CA GLY E 501 -2.66 -10.55 -5.39
C GLY E 501 -1.33 -10.24 -4.76
N ARG E 502 -0.37 -9.88 -5.62
CA ARG E 502 0.98 -9.54 -5.19
C ARG E 502 1.19 -8.04 -5.01
N GLY E 503 0.20 -7.22 -5.37
CA GLY E 503 0.34 -5.79 -5.19
C GLY E 503 1.16 -5.14 -6.30
N LEU E 504 1.73 -3.99 -5.96
CA LEU E 504 2.49 -3.22 -6.93
C LEU E 504 3.83 -3.89 -7.21
N THR E 505 4.28 -3.81 -8.46
CA THR E 505 5.61 -4.28 -8.78
C THR E 505 6.66 -3.27 -8.32
N ALA E 506 7.91 -3.71 -8.29
CA ALA E 506 9.01 -2.83 -7.87
C ALA E 506 9.10 -1.59 -8.76
N GLY E 507 8.87 -1.76 -10.06
CA GLY E 507 8.92 -0.62 -10.96
C GLY E 507 7.77 0.35 -10.75
N GLN E 508 6.57 -0.18 -10.47
CA GLN E 508 5.43 0.68 -10.22
C GLN E 508 5.60 1.47 -8.93
N GLN E 509 6.13 0.84 -7.89
CA GLN E 509 6.40 1.55 -6.65
C GLN E 509 7.44 2.65 -6.86
N ARG E 510 8.48 2.36 -7.65
CA ARG E 510 9.54 3.34 -7.86
C ARG E 510 9.02 4.59 -8.55
N ARG E 511 8.14 4.42 -9.56
CA ARG E 511 7.57 5.58 -10.24
C ARG E 511 6.80 6.47 -9.27
N ARG E 512 6.13 5.87 -8.29
CA ARG E 512 5.45 6.65 -7.26
C ARG E 512 6.45 7.42 -6.42
N THR E 513 7.48 6.73 -5.91
CA THR E 513 8.46 7.38 -5.04
C THR E 513 9.18 8.52 -5.77
N ILE E 514 9.51 8.32 -7.05
CA ILE E 514 10.15 9.39 -7.83
C ILE E 514 9.21 10.58 -7.95
N GLY E 515 7.95 10.33 -8.32
CA GLY E 515 7.00 11.42 -8.43
C GLY E 515 6.78 12.16 -7.12
N ARG E 516 6.67 11.42 -6.02
CA ARG E 516 6.53 12.05 -4.71
C ARG E 516 7.76 12.88 -4.36
N SER E 517 8.95 12.40 -4.73
CA SER E 517 10.17 13.06 -4.31
C SER E 517 10.40 14.36 -5.08
N LEU E 518 10.18 14.34 -6.40
CA LEU E 518 10.32 15.57 -7.18
C LEU E 518 9.28 16.61 -6.77
N ALA E 519 8.03 16.18 -6.55
CA ALA E 519 7.00 17.12 -6.13
C ALA E 519 7.33 17.76 -4.80
N LEU E 520 7.79 16.98 -3.83
CA LEU E 520 8.17 17.54 -2.54
C LEU E 520 9.38 18.46 -2.65
N SER E 521 10.19 18.32 -3.71
CA SER E 521 11.31 19.23 -3.94
C SER E 521 10.93 20.44 -4.78
N GLY E 522 9.64 20.65 -5.02
CA GLY E 522 9.17 21.85 -5.70
C GLY E 522 8.89 21.71 -7.18
N TYR E 523 8.87 20.50 -7.72
CA TYR E 523 8.56 20.28 -9.12
C TYR E 523 7.07 20.04 -9.32
N VAL E 524 6.55 20.48 -10.47
CA VAL E 524 5.13 20.33 -10.80
C VAL E 524 5.01 19.42 -12.01
N GLU E 525 4.23 18.36 -11.86
CA GLU E 525 4.09 17.35 -12.92
C GLU E 525 3.15 17.84 -14.01
N ILE E 526 3.52 17.56 -15.27
CA ILE E 526 2.66 17.81 -16.41
C ILE E 526 2.39 16.49 -17.11
N LEU E 527 1.33 16.49 -17.93
CA LEU E 527 1.06 15.38 -18.83
C LEU E 527 1.62 15.73 -20.20
N PRO E 528 2.71 15.08 -20.64
CA PRO E 528 3.36 15.51 -21.88
C PRO E 528 2.64 15.00 -23.12
N THR E 529 2.56 15.86 -24.13
CA THR E 529 1.99 15.45 -25.41
C THR E 529 3.02 14.65 -26.21
N PRO E 530 2.59 13.62 -26.94
CA PRO E 530 3.55 12.82 -27.72
C PRO E 530 3.89 13.39 -29.09
N PHE E 531 3.20 14.43 -29.54
CA PHE E 531 3.42 15.00 -30.86
C PHE E 531 4.43 16.14 -30.76
N LEU E 532 5.57 15.98 -31.45
CA LEU E 532 6.65 16.94 -31.36
C LEU E 532 6.28 18.25 -32.03
N PRO E 533 6.78 19.37 -31.53
CA PRO E 533 6.62 20.64 -32.24
C PRO E 533 7.37 20.62 -33.56
N ALA E 534 6.87 21.41 -34.51
CA ALA E 534 7.42 21.41 -35.86
C ALA E 534 8.86 21.91 -35.86
N GLY E 535 9.77 21.11 -36.40
CA GLY E 535 11.16 21.52 -36.52
C GLY E 535 11.87 21.74 -35.21
N VAL E 536 11.52 20.99 -34.17
CA VAL E 536 12.14 21.18 -32.86
C VAL E 536 13.62 20.83 -32.91
N PHE E 537 13.97 19.73 -33.57
CA PHE E 537 15.37 19.32 -33.63
C PHE E 537 16.20 20.27 -34.48
N ASP E 538 15.57 20.92 -35.47
CA ASP E 538 16.25 22.00 -36.18
C ASP E 538 16.52 23.17 -35.24
N LEU E 539 15.57 23.47 -34.34
CA LEU E 539 15.82 24.49 -33.33
C LEU E 539 16.91 24.04 -32.35
N TRP E 540 16.99 22.73 -32.08
CA TRP E 540 18.05 22.21 -31.23
C TRP E 540 19.39 22.12 -31.96
N GLY E 541 19.39 22.20 -33.29
CA GLY E 541 20.62 22.10 -34.04
C GLY E 541 21.23 20.72 -34.06
N LEU E 542 20.42 19.67 -33.93
CA LEU E 542 20.95 18.32 -33.94
C LEU E 542 21.51 17.96 -35.31
N GLU E 543 22.41 16.98 -35.32
CA GLU E 543 22.93 16.47 -36.58
C GLU E 543 21.85 15.66 -37.30
N ALA E 544 22.06 15.49 -38.61
CA ALA E 544 21.07 14.78 -39.41
C ALA E 544 20.97 13.31 -39.02
N ASP E 545 22.05 12.72 -38.51
CA ASP E 545 22.06 11.32 -38.12
C ASP E 545 21.80 11.12 -36.63
N ASP E 546 21.33 12.16 -35.94
CA ASP E 546 20.99 12.02 -34.52
C ASP E 546 19.82 11.05 -34.38
N SER E 547 19.97 10.08 -33.47
CA SER E 547 18.94 9.05 -33.31
C SER E 547 17.61 9.64 -32.90
N ARG E 548 17.61 10.77 -32.20
CA ARG E 548 16.35 11.41 -31.82
C ARG E 548 15.56 11.90 -33.04
N ARG E 549 16.23 12.12 -34.17
CA ARG E 549 15.51 12.51 -35.38
C ARG E 549 14.76 11.34 -36.02
N MET E 550 15.15 10.10 -35.73
CA MET E 550 14.50 8.93 -36.31
C MET E 550 13.19 8.70 -35.56
N THR E 551 12.13 9.36 -36.03
CA THR E 551 10.86 9.39 -35.33
C THR E 551 9.81 8.56 -36.06
N THR E 552 8.79 8.18 -35.31
CA THR E 552 7.61 7.51 -35.85
C THR E 552 6.56 8.56 -36.22
N ARG E 553 6.08 8.50 -37.45
CA ARG E 553 5.14 9.50 -37.97
C ARG E 553 3.71 8.97 -37.90
N VAL E 554 2.79 9.86 -37.55
CA VAL E 554 1.36 9.55 -37.58
C VAL E 554 0.79 10.01 -38.92
N LEU E 555 -0.06 9.18 -39.51
CA LEU E 555 -0.58 9.46 -40.84
C LEU E 555 -1.61 10.58 -40.82
N ASN E 556 -2.47 10.61 -39.79
CA ASN E 556 -3.58 11.56 -39.72
C ASN E 556 -3.52 12.34 -38.42
N PRO E 557 -2.58 13.28 -38.30
CA PRO E 557 -2.48 14.07 -37.07
C PRO E 557 -3.50 15.21 -37.06
N LEU E 558 -3.83 15.65 -35.84
CA LEU E 558 -4.70 16.81 -35.71
C LEU E 558 -4.06 18.07 -36.26
N GLU E 559 -2.73 18.16 -36.19
CA GLU E 559 -1.98 19.25 -36.80
C GLU E 559 -1.03 18.64 -37.83
N ALA E 560 -1.21 19.04 -39.10
CA ALA E 560 -0.44 18.44 -40.19
C ALA E 560 1.05 18.67 -40.06
N ASP E 561 1.47 19.71 -39.33
CA ASP E 561 2.87 20.01 -39.14
C ASP E 561 3.44 19.41 -37.86
N ARG E 562 2.67 18.61 -37.13
CA ARG E 562 3.14 17.89 -35.95
C ARG E 562 2.77 16.41 -36.05
N PRO E 563 3.38 15.67 -37.00
CA PRO E 563 3.03 14.26 -37.15
C PRO E 563 3.98 13.31 -36.43
N GLN E 564 5.12 13.83 -35.98
CA GLN E 564 6.19 13.00 -35.44
C GLN E 564 5.98 12.74 -33.95
N LEU E 565 6.12 11.48 -33.55
CA LEU E 565 6.03 11.12 -32.14
C LEU E 565 7.36 11.40 -31.44
N ALA E 566 7.28 11.64 -30.13
CA ALA E 566 8.41 12.12 -29.38
C ALA E 566 9.41 11.01 -29.08
N THR E 567 10.67 11.24 -29.44
CA THR E 567 11.79 10.43 -29.00
C THR E 567 12.36 10.89 -27.67
N THR E 568 11.91 12.04 -27.18
CA THR E 568 12.41 12.64 -25.95
C THR E 568 11.29 13.45 -25.34
N LEU E 569 11.24 13.49 -24.00
CA LEU E 569 10.19 14.21 -23.30
C LEU E 569 10.46 15.72 -23.20
N LEU E 570 11.69 16.15 -23.48
CA LEU E 570 12.02 17.55 -23.27
C LEU E 570 11.23 18.52 -24.15
N PRO E 571 10.93 18.24 -25.42
CA PRO E 571 10.13 19.21 -26.20
C PRO E 571 8.76 19.48 -25.59
N ALA E 572 8.09 18.46 -25.07
CA ALA E 572 6.79 18.68 -24.44
C ALA E 572 6.92 19.46 -23.15
N LEU E 573 7.96 19.18 -22.36
CA LEU E 573 8.18 19.92 -21.12
C LEU E 573 8.56 21.37 -21.40
N LEU E 574 9.42 21.60 -22.37
CA LEU E 574 9.81 22.97 -22.71
C LEU E 574 8.63 23.75 -23.27
N GLU E 575 7.72 23.08 -23.97
CA GLU E 575 6.50 23.74 -24.45
C GLU E 575 5.63 24.18 -23.27
N ALA E 576 5.44 23.28 -22.29
CA ALA E 576 4.69 23.65 -21.10
C ALA E 576 5.41 24.73 -20.29
N LEU E 577 6.75 24.72 -20.31
CA LEU E 577 7.50 25.77 -19.63
C LEU E 577 7.24 27.13 -20.26
N VAL E 578 7.23 27.19 -21.60
CA VAL E 578 6.96 28.45 -22.29
C VAL E 578 5.56 28.96 -21.98
N ARG E 579 4.59 28.04 -21.86
CA ARG E 579 3.22 28.46 -21.57
C ARG E 579 3.13 29.15 -20.22
N ASN E 580 3.78 28.58 -19.19
CA ASN E 580 3.76 29.19 -17.88
C ASN E 580 4.46 30.55 -17.87
N VAL E 581 5.68 30.60 -18.43
CA VAL E 581 6.44 31.85 -18.42
C VAL E 581 5.71 32.93 -19.19
N SER E 582 5.08 32.57 -20.31
CA SER E 582 4.39 33.56 -21.13
C SER E 582 3.14 34.11 -20.45
N ARG E 583 2.68 33.49 -19.37
CA ARG E 583 1.46 33.92 -18.69
C ARG E 583 1.74 34.47 -17.28
N GLY E 584 2.97 34.88 -17.02
CA GLY E 584 3.31 35.54 -15.78
C GLY E 584 3.88 34.67 -14.70
N LEU E 585 4.02 33.37 -14.93
CA LEU E 585 4.63 32.45 -13.97
C LEU E 585 6.04 32.16 -14.45
N VAL E 586 6.99 33.00 -14.03
CA VAL E 586 8.33 32.97 -14.61
C VAL E 586 9.32 32.10 -13.83
N ASP E 587 8.95 31.64 -12.64
CA ASP E 587 9.81 30.77 -11.82
C ASP E 587 9.16 29.39 -11.79
N VAL E 588 9.62 28.50 -12.67
CA VAL E 588 8.94 27.24 -12.94
C VAL E 588 9.90 26.07 -12.80
N ALA E 589 9.39 24.97 -12.26
CA ALA E 589 10.09 23.68 -12.24
C ALA E 589 9.05 22.61 -12.56
N LEU E 590 9.21 21.93 -13.69
CA LEU E 590 8.24 20.95 -14.16
C LEU E 590 8.93 19.62 -14.39
N PHE E 591 8.19 18.53 -14.21
CA PHE E 591 8.70 17.20 -14.53
C PHE E 591 7.59 16.38 -15.17
N ALA E 592 8.00 15.26 -15.77
CA ALA E 592 7.08 14.35 -16.40
C ALA E 592 7.68 12.96 -16.38
N ILE E 593 6.80 11.96 -16.33
CA ILE E 593 7.17 10.55 -16.41
C ILE E 593 6.26 9.92 -17.45
N ALA E 594 6.83 9.51 -18.58
CA ALA E 594 6.05 8.93 -19.66
C ALA E 594 6.99 8.22 -20.62
N GLN E 595 6.40 7.38 -21.48
CA GLN E 595 7.18 6.64 -22.45
C GLN E 595 7.55 7.53 -23.65
N VAL E 596 8.62 7.14 -24.33
CA VAL E 596 8.99 7.75 -25.59
C VAL E 596 8.78 6.70 -26.69
N VAL E 597 8.97 7.12 -27.95
CA VAL E 597 8.80 6.24 -29.10
C VAL E 597 10.07 6.34 -29.93
N GLN E 598 10.85 5.25 -29.97
CA GLN E 598 12.15 5.24 -30.63
C GLN E 598 12.23 4.03 -31.57
N PRO E 599 11.91 4.22 -32.84
CA PRO E 599 11.97 3.10 -33.78
C PRO E 599 13.39 2.73 -34.14
N THR E 600 13.56 1.47 -34.54
CA THR E 600 14.84 0.94 -34.99
C THR E 600 14.82 0.55 -36.47
N GLU E 601 13.70 0.76 -37.16
CA GLU E 601 13.57 0.42 -38.56
C GLU E 601 12.41 1.20 -39.14
N GLN E 602 12.24 1.10 -40.46
CA GLN E 602 11.06 1.67 -41.10
C GLN E 602 9.80 0.99 -40.60
N THR E 603 8.68 1.71 -40.63
CA THR E 603 7.42 1.19 -40.12
C THR E 603 7.03 -0.09 -40.84
N ARG E 604 7.04 -1.21 -40.14
CA ARG E 604 6.73 -2.52 -40.71
C ARG E 604 5.61 -3.17 -39.90
N GLY E 605 4.55 -3.57 -40.59
CA GLY E 605 3.46 -4.29 -39.96
C GLY E 605 3.55 -5.78 -40.21
N VAL E 606 2.83 -6.54 -39.38
CA VAL E 606 2.76 -7.99 -39.51
C VAL E 606 1.35 -8.37 -39.93
N GLY E 607 1.26 -9.45 -40.71
CA GLY E 607 -0.01 -9.86 -41.26
C GLY E 607 -0.99 -10.33 -40.19
N LEU E 608 -2.26 -10.35 -40.57
CA LEU E 608 -3.32 -10.75 -39.65
C LEU E 608 -3.13 -12.19 -39.19
N ILE E 609 -3.19 -12.39 -37.89
CA ILE E 609 -3.12 -13.72 -37.28
C ILE E 609 -4.54 -14.21 -37.03
N PRO E 610 -4.87 -15.44 -37.41
CA PRO E 610 -6.26 -15.91 -37.27
C PRO E 610 -6.75 -15.79 -35.84
N VAL E 611 -7.95 -15.23 -35.69
CA VAL E 611 -8.52 -14.94 -34.38
C VAL E 611 -9.19 -16.15 -33.75
N ASP E 612 -9.33 -17.25 -34.48
CA ASP E 612 -9.98 -18.44 -33.95
C ASP E 612 -9.07 -19.29 -33.07
N ARG E 613 -7.88 -18.79 -32.73
CA ARG E 613 -6.94 -19.53 -31.90
C ARG E 613 -6.04 -18.54 -31.17
N ARG E 614 -5.23 -19.07 -30.26
CA ARG E 614 -4.24 -18.26 -29.57
C ARG E 614 -3.00 -18.11 -30.45
N PRO E 615 -2.46 -16.91 -30.60
CA PRO E 615 -1.20 -16.76 -31.34
C PRO E 615 -0.05 -17.40 -30.56
N THR E 616 0.83 -18.07 -31.29
CA THR E 616 1.96 -18.74 -30.66
C THR E 616 2.97 -17.71 -30.14
N ASP E 617 3.88 -18.19 -29.29
CA ASP E 617 4.88 -17.31 -28.71
C ASP E 617 5.80 -16.72 -29.77
N ASP E 618 6.01 -17.44 -30.87
CA ASP E 618 6.79 -16.89 -31.96
C ASP E 618 6.05 -15.73 -32.63
N GLU E 619 4.74 -15.89 -32.83
CA GLU E 619 3.96 -14.81 -33.42
C GLU E 619 3.86 -13.60 -32.50
N ILE E 620 3.85 -13.84 -31.18
CA ILE E 620 3.82 -12.73 -30.23
C ILE E 620 5.14 -11.98 -30.24
N ALA E 621 6.27 -12.72 -30.23
CA ALA E 621 7.57 -12.07 -30.31
C ALA E 621 7.76 -11.34 -31.63
N MET E 622 7.18 -11.86 -32.71
CA MET E 622 7.23 -11.16 -33.99
C MET E 622 6.42 -9.87 -33.94
N LEU E 623 5.26 -9.90 -33.29
CA LEU E 623 4.47 -8.70 -33.11
C LEU E 623 5.24 -7.65 -32.31
N ASP E 624 5.86 -8.07 -31.20
CA ASP E 624 6.60 -7.11 -30.37
C ASP E 624 7.80 -6.54 -31.10
N ALA E 625 8.50 -7.37 -31.88
CA ALA E 625 9.68 -6.90 -32.59
C ALA E 625 9.34 -5.87 -33.65
N SER E 626 8.12 -5.90 -34.19
CA SER E 626 7.72 -4.96 -35.23
C SER E 626 7.37 -3.59 -34.68
N LEU E 627 7.33 -3.43 -33.35
CA LEU E 627 6.98 -2.17 -32.71
C LEU E 627 8.22 -1.37 -32.34
N PRO E 628 8.16 -0.04 -32.46
CA PRO E 628 9.29 0.79 -32.02
C PRO E 628 9.53 0.62 -30.52
N ARG E 629 10.78 0.83 -30.12
CA ARG E 629 11.13 0.77 -28.70
C ARG E 629 10.42 1.89 -27.94
N GLN E 630 9.82 1.55 -26.82
CA GLN E 630 9.03 2.50 -26.03
C GLN E 630 9.42 2.41 -24.55
N PRO E 631 10.61 2.87 -24.20
CA PRO E 631 11.02 2.89 -22.79
C PRO E 631 10.40 4.08 -22.05
N GLN E 632 10.28 3.91 -20.74
CA GLN E 632 9.73 4.95 -19.89
C GLN E 632 10.83 5.87 -19.40
N HIS E 633 10.64 7.17 -19.60
CA HIS E 633 11.62 8.18 -19.22
C HIS E 633 11.08 9.07 -18.10
N VAL E 634 12.00 9.70 -17.39
CA VAL E 634 11.70 10.79 -16.46
C VAL E 634 12.51 11.99 -16.89
N ALA E 635 11.87 13.16 -16.88
CA ALA E 635 12.52 14.37 -17.36
C ALA E 635 11.99 15.57 -16.57
N ALA E 636 12.78 16.64 -16.57
CA ALA E 636 12.41 17.85 -15.85
C ALA E 636 13.06 19.06 -16.51
N VAL E 637 12.38 20.20 -16.41
CA VAL E 637 12.91 21.47 -16.90
C VAL E 637 12.74 22.52 -15.82
N LEU E 638 13.63 23.51 -15.82
CA LEU E 638 13.62 24.54 -14.79
C LEU E 638 14.02 25.87 -15.40
N ALA E 639 13.45 26.95 -14.87
CA ALA E 639 13.75 28.28 -15.35
C ALA E 639 13.37 29.30 -14.27
N GLY E 640 14.06 30.44 -14.29
CA GLY E 640 13.78 31.49 -13.32
C GLY E 640 14.45 31.24 -11.98
N LEU E 641 13.78 31.67 -10.92
CA LEU E 641 14.27 31.47 -9.56
C LEU E 641 14.05 30.03 -9.13
N ARG E 642 15.12 29.36 -8.70
CA ARG E 642 14.97 28.05 -8.10
C ARG E 642 14.41 28.16 -6.68
N GLU E 643 14.88 29.14 -5.93
CA GLU E 643 14.39 29.44 -4.60
C GLU E 643 13.79 30.84 -4.59
N PRO E 644 12.56 31.00 -4.11
CA PRO E 644 11.92 32.32 -4.15
C PRO E 644 12.54 33.28 -3.12
N ARG E 645 12.39 34.56 -3.40
CA ARG E 645 12.81 35.55 -2.42
C ARG E 645 11.84 35.56 -1.24
N GLY E 646 12.28 36.17 -0.15
CA GLY E 646 11.47 36.27 1.04
C GLY E 646 12.17 37.05 2.13
N PRO E 647 11.65 36.98 3.36
CA PRO E 647 12.31 37.66 4.48
C PRO E 647 13.70 37.11 4.79
N TRP E 648 14.09 36.00 4.18
CA TRP E 648 15.41 35.41 4.37
C TRP E 648 16.45 35.94 3.41
N GLY E 649 16.03 36.44 2.24
CA GLY E 649 16.96 36.90 1.24
C GLY E 649 16.33 37.01 -0.13
N PRO E 650 17.15 37.27 -1.15
CA PRO E 650 16.62 37.53 -2.50
C PRO E 650 16.34 36.28 -3.33
N GLY E 651 16.43 35.09 -2.76
CA GLY E 651 16.23 33.89 -3.53
C GLY E 651 17.45 33.54 -4.37
N ARG E 652 17.29 32.52 -5.21
CA ARG E 652 18.43 32.03 -5.98
C ARG E 652 18.00 31.59 -7.38
N PRO E 653 18.63 32.13 -8.43
CA PRO E 653 18.28 31.70 -9.80
C PRO E 653 18.67 30.26 -10.06
N VAL E 654 17.93 29.63 -10.97
CA VAL E 654 18.24 28.27 -11.40
C VAL E 654 19.65 28.23 -11.97
N GLU E 655 20.37 27.16 -11.65
CA GLU E 655 21.69 26.90 -12.23
C GLU E 655 21.82 25.43 -12.55
N ALA E 656 22.89 25.08 -13.28
CA ALA E 656 23.10 23.70 -13.73
C ALA E 656 23.09 22.72 -12.56
N ALA E 657 23.64 23.13 -11.42
CA ALA E 657 23.69 22.23 -10.25
C ALA E 657 22.29 21.83 -9.78
N ASP E 658 21.28 22.65 -10.07
CA ASP E 658 19.90 22.27 -9.72
C ASP E 658 19.42 21.10 -10.57
N ALA E 659 19.86 21.03 -11.83
CA ALA E 659 19.52 19.87 -12.65
C ALA E 659 20.29 18.63 -12.18
N PHE E 660 21.54 18.81 -11.80
CA PHE E 660 22.29 17.70 -11.23
C PHE E 660 21.64 17.20 -9.93
N GLU E 661 21.12 18.12 -9.11
CA GLU E 661 20.44 17.71 -7.89
C GLU E 661 19.17 16.94 -8.18
N ALA E 662 18.44 17.30 -9.24
CA ALA E 662 17.28 16.51 -9.64
C ALA E 662 17.66 15.07 -9.97
N VAL E 663 18.82 14.87 -10.59
CA VAL E 663 19.31 13.52 -10.83
C VAL E 663 19.51 12.79 -9.51
N ARG E 664 20.14 13.47 -8.55
N ARG E 664 20.13 13.47 -8.53
CA ARG E 664 20.39 12.87 -7.23
CA ARG E 664 20.38 12.82 -7.25
C ARG E 664 19.08 12.53 -6.53
C ARG E 664 19.10 12.55 -6.48
N ILE E 665 18.08 13.39 -6.65
CA ILE E 665 16.78 13.12 -6.04
C ILE E 665 16.17 11.87 -6.66
N ILE E 666 16.22 11.75 -7.98
CA ILE E 666 15.72 10.56 -8.67
C ILE E 666 16.53 9.35 -8.27
N ALA E 667 17.84 9.51 -8.08
CA ALA E 667 18.69 8.39 -7.72
C ALA E 667 18.38 7.88 -6.32
N ARG E 668 18.26 8.79 -5.35
CA ARG E 668 17.90 8.37 -4.00
C ARG E 668 16.53 7.72 -3.97
N ALA E 669 15.59 8.25 -4.77
CA ALA E 669 14.26 7.64 -4.85
C ALA E 669 14.32 6.24 -5.45
N SER E 670 15.22 6.01 -6.39
CA SER E 670 15.41 4.70 -6.99
C SER E 670 16.35 3.81 -6.19
N ARG E 671 16.98 4.35 -5.14
CA ARG E 671 17.90 3.60 -4.28
C ARG E 671 19.06 3.01 -5.09
N VAL E 672 19.64 3.84 -5.96
CA VAL E 672 20.84 3.47 -6.70
C VAL E 672 21.84 4.61 -6.60
N ASP E 673 23.11 4.28 -6.80
CA ASP E 673 24.15 5.27 -6.89
C ASP E 673 24.38 5.64 -8.35
N VAL E 674 24.58 6.93 -8.61
CA VAL E 674 24.90 7.41 -9.94
C VAL E 674 26.22 8.14 -9.91
N THR E 675 26.84 8.26 -11.08
CA THR E 675 28.01 9.09 -11.27
C THR E 675 27.73 10.06 -12.41
N LEU E 676 28.26 11.27 -12.29
CA LEU E 676 28.12 12.30 -13.31
C LEU E 676 29.46 12.53 -13.98
N ARG E 677 29.45 12.60 -15.31
CA ARG E 677 30.67 12.85 -16.06
C ARG E 677 30.43 13.96 -17.06
N PRO E 678 31.40 14.85 -17.25
CA PRO E 678 31.25 15.90 -18.26
C PRO E 678 31.02 15.30 -19.64
N ALA E 679 30.17 15.95 -20.43
CA ALA E 679 29.81 15.41 -21.73
C ALA E 679 29.35 16.54 -22.63
N GLN E 680 29.34 16.25 -23.93
CA GLN E 680 28.79 17.14 -24.94
C GLN E 680 27.61 16.43 -25.57
N TYR E 681 26.42 17.03 -25.43
CA TYR E 681 25.20 16.39 -25.93
C TYR E 681 24.14 17.48 -26.04
N LEU E 682 23.87 17.90 -27.27
CA LEU E 682 22.82 18.88 -27.51
C LEU E 682 21.48 18.30 -27.04
N PRO E 683 20.54 19.15 -26.59
CA PRO E 683 20.59 20.62 -26.60
C PRO E 683 21.29 21.25 -25.40
N TRP E 684 22.09 20.49 -24.66
CA TRP E 684 22.72 21.02 -23.46
C TRP E 684 23.94 21.86 -23.79
N HIS E 685 24.31 22.73 -22.84
CA HIS E 685 25.53 23.51 -22.92
C HIS E 685 26.74 22.59 -22.78
N PRO E 686 27.70 22.63 -23.71
CA PRO E 686 28.81 21.66 -23.67
C PRO E 686 29.68 21.76 -22.43
N GLY E 687 29.82 22.95 -21.86
CA GLY E 687 30.55 23.12 -20.63
C GLY E 687 29.75 22.96 -19.36
N ARG E 688 28.45 22.70 -19.47
CA ARG E 688 27.58 22.57 -18.31
C ARG E 688 26.63 21.40 -18.47
N CYS E 689 27.15 20.28 -18.99
CA CYS E 689 26.36 19.10 -19.28
C CYS E 689 27.01 17.88 -18.63
N ALA E 690 26.20 17.12 -17.89
CA ALA E 690 26.65 15.87 -17.30
C ALA E 690 25.92 14.71 -17.95
N GLN E 691 26.67 13.66 -18.29
CA GLN E 691 26.09 12.38 -18.62
C GLN E 691 26.00 11.54 -17.35
N VAL E 692 24.86 10.88 -17.16
CA VAL E 692 24.56 10.17 -15.93
C VAL E 692 24.78 8.68 -16.15
N PHE E 693 25.47 8.04 -15.22
CA PHE E 693 25.80 6.62 -15.31
C PHE E 693 25.35 5.89 -14.05
N VAL E 694 24.79 4.69 -14.23
CA VAL E 694 24.59 3.73 -13.16
C VAL E 694 25.52 2.56 -13.44
N GLY E 695 26.47 2.34 -12.54
CA GLY E 695 27.55 1.42 -12.83
C GLY E 695 28.34 1.88 -14.03
N GLU E 696 28.20 1.20 -15.16
CA GLU E 696 28.86 1.59 -16.39
C GLU E 696 27.87 1.88 -17.51
N SER E 697 26.58 1.89 -17.22
CA SER E 697 25.54 2.11 -18.22
C SER E 697 25.09 3.56 -18.20
N SER E 698 25.00 4.16 -19.39
CA SER E 698 24.52 5.53 -19.53
C SER E 698 23.00 5.57 -19.41
N VAL E 699 22.49 6.46 -18.56
CA VAL E 699 21.05 6.54 -18.32
C VAL E 699 20.46 7.89 -18.67
N GLY E 700 21.27 8.87 -19.07
CA GLY E 700 20.72 10.12 -19.53
C GLY E 700 21.70 11.27 -19.31
N HIS E 701 21.15 12.48 -19.33
CA HIS E 701 21.93 13.71 -19.28
C HIS E 701 21.20 14.76 -18.45
N ALA E 702 21.95 15.78 -18.03
CA ALA E 702 21.41 16.86 -17.23
C ALA E 702 22.33 18.07 -17.32
N GLY E 703 21.78 19.24 -17.00
CA GLY E 703 22.56 20.46 -16.93
C GLY E 703 21.81 21.61 -17.58
N GLN E 704 22.58 22.64 -17.93
CA GLN E 704 22.06 23.85 -18.54
C GLN E 704 21.97 23.67 -20.06
N LEU E 705 20.96 24.32 -20.65
CA LEU E 705 20.74 24.22 -22.09
C LEU E 705 21.64 25.19 -22.85
N HIS E 706 21.95 24.82 -24.09
CA HIS E 706 22.83 25.62 -24.93
C HIS E 706 22.21 27.00 -25.19
N PRO E 707 22.96 28.09 -25.05
CA PRO E 707 22.37 29.42 -25.25
C PRO E 707 21.80 29.65 -26.64
N ALA E 708 22.33 28.95 -27.66
CA ALA E 708 21.76 29.07 -29.00
C ALA E 708 20.39 28.41 -29.07
N VAL E 709 20.25 27.24 -28.47
CA VAL E 709 18.96 26.55 -28.45
C VAL E 709 17.93 27.38 -27.69
N ILE E 710 18.35 27.98 -26.57
CA ILE E 710 17.45 28.84 -25.80
C ILE E 710 17.01 30.04 -26.64
N GLU E 711 17.95 30.65 -27.37
CA GLU E 711 17.61 31.82 -28.17
C GLU E 711 16.69 31.45 -29.33
N ARG E 712 16.98 30.35 -30.03
CA ARG E 712 16.15 29.95 -31.17
C ARG E 712 14.80 29.39 -30.77
N SER E 713 14.60 29.04 -29.50
CA SER E 713 13.35 28.44 -29.06
C SER E 713 12.47 29.40 -28.28
N GLY E 714 12.93 30.64 -28.05
CA GLY E 714 12.18 31.54 -27.20
C GLY E 714 12.12 31.12 -25.75
N LEU E 715 13.08 30.32 -25.30
CA LEU E 715 13.13 29.88 -23.92
C LEU E 715 13.74 30.96 -23.05
N PRO E 716 13.42 30.96 -21.75
CA PRO E 716 14.07 31.92 -20.85
C PRO E 716 15.54 31.61 -20.71
N LYS E 717 16.33 32.67 -20.51
CA LYS E 717 17.77 32.51 -20.33
C LYS E 717 18.05 31.64 -19.11
N GLY E 718 19.03 30.75 -19.26
CA GLY E 718 19.46 29.92 -18.16
C GLY E 718 18.65 28.66 -17.93
N THR E 719 17.75 28.31 -18.85
CA THR E 719 16.92 27.12 -18.68
C THR E 719 17.79 25.87 -18.54
N CYS E 720 17.47 25.03 -17.55
CA CYS E 720 18.15 23.77 -17.32
C CYS E 720 17.18 22.63 -17.54
N ALA E 721 17.73 21.42 -17.75
CA ALA E 721 16.91 20.27 -18.11
C ALA E 721 17.58 18.98 -17.69
N VAL E 722 16.76 17.95 -17.47
CA VAL E 722 17.19 16.61 -17.11
C VAL E 722 16.33 15.62 -17.89
N GLU E 723 16.94 14.53 -18.36
CA GLU E 723 16.17 13.42 -18.91
C GLU E 723 16.91 12.12 -18.65
N LEU E 724 16.24 11.18 -17.98
CA LEU E 724 16.81 9.88 -17.67
C LEU E 724 15.92 8.78 -18.23
N ASN E 725 16.54 7.66 -18.58
CA ASN E 725 15.84 6.47 -19.05
C ASN E 725 15.63 5.54 -17.86
N LEU E 726 14.38 5.47 -17.38
CA LEU E 726 14.08 4.68 -16.19
C LEU E 726 14.30 3.19 -16.45
N ASP E 727 13.97 2.72 -17.65
CA ASP E 727 14.15 1.30 -17.96
C ASP E 727 15.61 0.88 -17.92
N ALA E 728 16.55 1.81 -18.11
CA ALA E 728 17.97 1.51 -18.01
C ALA E 728 18.49 1.50 -16.59
N ILE E 729 17.71 2.02 -15.63
CA ILE E 729 18.11 2.01 -14.22
C ILE E 729 17.61 0.71 -13.60
N PRO E 730 18.50 -0.14 -13.08
CA PRO E 730 18.05 -1.41 -12.52
C PRO E 730 17.36 -1.21 -11.18
N CYS E 731 16.33 -2.02 -10.93
CA CYS E 731 15.70 -2.02 -9.63
C CYS E 731 16.63 -2.65 -8.60
N SER E 732 16.61 -2.11 -7.38
CA SER E 732 17.48 -2.55 -6.32
C SER E 732 16.67 -2.84 -5.07
N ALA E 733 17.18 -3.74 -4.24
CA ALA E 733 16.58 -4.07 -2.95
C ALA E 733 17.70 -4.27 -1.94
N PRO E 734 18.35 -3.17 -1.52
CA PRO E 734 19.47 -3.31 -0.58
C PRO E 734 18.99 -3.74 0.78
N LEU E 735 19.86 -4.47 1.48
CA LEU E 735 19.60 -4.96 2.83
C LEU E 735 20.73 -4.50 3.74
N PRO E 736 20.70 -3.23 4.18
CA PRO E 736 21.77 -2.73 5.05
C PRO E 736 21.74 -3.40 6.41
N ALA E 737 22.93 -3.56 6.98
CA ALA E 737 23.10 -4.09 8.35
C ALA E 737 24.14 -3.25 9.08
N PRO E 738 23.83 -1.98 9.34
CA PRO E 738 24.82 -1.13 10.01
C PRO E 738 25.07 -1.58 11.44
N ARG E 739 26.31 -1.39 11.87
CA ARG E 739 26.73 -1.67 13.24
C ARG E 739 27.25 -0.36 13.84
N VAL E 740 26.60 0.12 14.88
CA VAL E 740 26.87 1.44 15.43
C VAL E 740 27.97 1.30 16.48
N SER E 741 29.12 1.93 16.21
CA SER E 741 30.25 1.84 17.12
C SER E 741 30.05 2.78 18.30
N PRO E 742 30.19 2.29 19.55
CA PRO E 742 30.05 3.15 20.72
C PRO E 742 31.28 3.97 21.05
N TYR E 743 32.35 3.91 20.23
CA TYR E 743 33.61 4.59 20.50
C TYR E 743 33.65 5.96 19.82
N PRO E 744 34.44 6.89 20.34
CA PRO E 744 34.43 8.25 19.78
C PRO E 744 35.13 8.31 18.42
N ALA E 745 34.75 9.32 17.66
CA ALA E 745 35.32 9.56 16.34
C ALA E 745 36.49 10.55 16.42
N VAL E 746 37.30 10.56 15.37
CA VAL E 746 38.39 11.52 15.19
C VAL E 746 38.07 12.37 13.97
N PHE E 747 38.15 13.69 14.13
CA PHE E 747 37.88 14.64 13.05
C PHE E 747 39.19 15.19 12.49
N GLN E 748 39.33 15.19 11.17
CA GLN E 748 40.48 15.77 10.49
C GLN E 748 40.03 16.32 9.14
N ASP E 749 40.72 17.37 8.68
CA ASP E 749 40.52 17.93 7.35
C ASP E 749 41.77 17.74 6.51
N VAL E 750 41.59 17.55 5.20
CA VAL E 750 42.70 17.35 4.27
C VAL E 750 42.49 18.24 3.06
N SER E 751 43.52 19.02 2.70
CA SER E 751 43.49 19.91 1.55
C SER E 751 44.39 19.34 0.46
N LEU E 752 43.83 19.18 -0.74
CA LEU E 752 44.52 18.55 -1.86
C LEU E 752 44.44 19.44 -3.09
N VAL E 753 45.56 19.61 -3.77
CA VAL E 753 45.63 20.42 -4.99
C VAL E 753 45.66 19.50 -6.19
N VAL E 754 44.77 19.76 -7.16
CA VAL E 754 44.67 18.97 -8.38
C VAL E 754 44.54 19.92 -9.56
N ALA E 755 44.70 19.36 -10.76
CA ALA E 755 44.40 20.11 -11.98
C ALA E 755 42.91 20.45 -12.02
N ALA E 756 42.58 21.58 -12.63
CA ALA E 756 41.23 22.11 -12.58
C ALA E 756 40.22 21.16 -13.23
N ASP E 757 40.66 20.35 -14.20
CA ASP E 757 39.77 19.44 -14.90
C ASP E 757 39.43 18.18 -14.09
N ILE E 758 40.11 17.95 -12.96
CA ILE E 758 39.84 16.78 -12.13
C ILE E 758 38.49 16.95 -11.43
N PRO E 759 37.54 16.04 -11.60
CA PRO E 759 36.27 16.15 -10.89
C PRO E 759 36.46 15.97 -9.39
N ALA E 760 35.76 16.80 -8.61
CA ALA E 760 35.84 16.70 -7.16
C ALA E 760 35.39 15.33 -6.66
N GLN E 761 34.46 14.68 -7.36
CA GLN E 761 34.04 13.35 -6.93
C GLN E 761 35.17 12.34 -7.09
N ALA E 762 35.99 12.47 -8.15
CA ALA E 762 37.10 11.55 -8.34
C ALA E 762 38.12 11.67 -7.21
N VAL E 763 38.33 12.89 -6.69
CA VAL E 763 39.22 13.05 -5.55
C VAL E 763 38.62 12.39 -4.31
N ALA E 764 37.33 12.61 -4.08
CA ALA E 764 36.65 11.99 -2.95
C ALA E 764 36.73 10.46 -3.03
N ASP E 765 36.52 9.91 -4.23
CA ASP E 765 36.63 8.45 -4.40
C ASP E 765 38.03 7.95 -4.07
N ALA E 766 39.06 8.67 -4.52
CA ALA E 766 40.43 8.24 -4.26
C ALA E 766 40.76 8.32 -2.78
N VAL E 767 40.28 9.36 -2.11
CA VAL E 767 40.50 9.49 -0.67
C VAL E 767 39.83 8.35 0.08
N ARG E 768 38.61 7.99 -0.34
CA ARG E 768 37.89 6.91 0.34
C ARG E 768 38.58 5.57 0.14
N ALA E 769 39.09 5.31 -1.08
CA ALA E 769 39.76 4.04 -1.33
C ALA E 769 41.06 3.91 -0.55
N GLY E 770 41.72 5.03 -0.26
CA GLY E 770 42.95 4.98 0.50
C GLY E 770 42.74 4.92 1.99
N ALA E 771 41.71 5.62 2.50
CA ALA E 771 41.51 5.73 3.94
C ALA E 771 41.12 4.39 4.58
N GLY E 772 40.45 3.51 3.83
CA GLY E 772 40.09 2.23 4.38
C GLY E 772 38.85 2.29 5.24
N ASP E 773 38.70 1.28 6.09
CA ASP E 773 37.48 1.07 6.84
C ASP E 773 37.33 1.99 8.05
N LEU E 774 38.40 2.68 8.46
CA LEU E 774 38.25 3.62 9.57
C LEU E 774 37.48 4.88 9.15
N LEU E 775 37.40 5.18 7.86
CA LEU E 775 36.70 6.39 7.42
C LEU E 775 35.19 6.21 7.50
N GLU E 776 34.55 7.01 8.34
CA GLU E 776 33.10 6.95 8.53
C GLU E 776 32.35 7.96 7.66
N ASP E 777 32.96 9.10 7.35
CA ASP E 777 32.29 10.13 6.58
C ASP E 777 33.34 11.01 5.90
N ILE E 778 32.99 11.52 4.72
CA ILE E 778 33.83 12.47 4.00
C ILE E 778 32.91 13.48 3.32
N ALA E 779 33.25 14.75 3.41
CA ALA E 779 32.44 15.80 2.81
C ALA E 779 33.33 16.94 2.34
N LEU E 780 33.17 17.33 1.07
CA LEU E 780 33.86 18.50 0.53
C LEU E 780 33.25 19.77 1.09
N PHE E 781 34.09 20.68 1.60
CA PHE E 781 33.57 21.97 2.04
C PHE E 781 34.34 23.18 1.55
N ASP E 782 35.35 23.00 0.69
CA ASP E 782 36.09 24.15 0.17
C ASP E 782 36.69 23.84 -1.19
N VAL E 783 36.48 24.75 -2.14
CA VAL E 783 37.11 24.72 -3.46
C VAL E 783 37.76 26.08 -3.67
N PHE E 784 39.08 26.10 -3.79
CA PHE E 784 39.83 27.35 -3.78
C PHE E 784 40.77 27.42 -4.98
N THR E 785 40.73 28.55 -5.68
CA THR E 785 41.67 28.84 -6.76
C THR E 785 42.37 30.16 -6.48
N GLY E 786 43.57 30.31 -7.01
CA GLY E 786 44.34 31.51 -6.80
C GLY E 786 45.81 31.36 -7.07
N PRO E 787 46.55 32.48 -7.06
CA PRO E 787 47.99 32.42 -7.36
C PRO E 787 48.79 31.61 -6.35
N GLN E 788 48.31 31.48 -5.11
CA GLN E 788 48.95 30.57 -4.17
C GLN E 788 48.95 29.14 -4.69
N ILE E 789 47.97 28.80 -5.53
CA ILE E 789 47.77 27.43 -5.98
C ILE E 789 48.40 27.17 -7.33
N GLY E 790 48.30 28.13 -8.25
CA GLY E 790 48.86 27.94 -9.58
C GLY E 790 47.81 27.94 -10.67
N GLU E 791 48.21 28.29 -11.88
CA GLU E 791 47.27 28.39 -12.99
C GLU E 791 46.71 27.01 -13.33
N HIS E 792 45.40 26.98 -13.61
CA HIS E 792 44.69 25.76 -14.02
C HIS E 792 44.79 24.66 -12.98
N ARG E 793 44.86 25.05 -11.71
CA ARG E 793 44.81 24.12 -10.59
C ARG E 793 43.84 24.64 -9.55
N LYS E 794 43.44 23.75 -8.65
CA LYS E 794 42.49 24.09 -7.61
C LYS E 794 42.80 23.28 -6.37
N SER E 795 42.46 23.84 -5.21
CA SER E 795 42.65 23.20 -3.92
C SER E 795 41.28 22.78 -3.38
N LEU E 796 41.18 21.53 -2.92
CA LEU E 796 39.95 20.99 -2.36
C LEU E 796 40.21 20.55 -0.93
N THR E 797 39.33 20.94 -0.02
CA THR E 797 39.44 20.54 1.38
C THR E 797 38.23 19.70 1.76
N PHE E 798 38.50 18.52 2.30
CA PHE E 798 37.48 17.57 2.72
C PHE E 798 37.49 17.45 4.24
N ALA E 799 36.31 17.37 4.84
CA ALA E 799 36.18 17.06 6.25
C ALA E 799 36.05 15.54 6.40
N LEU E 800 36.92 14.95 7.20
CA LEU E 800 36.97 13.51 7.39
C LEU E 800 36.57 13.16 8.83
N ARG E 801 35.85 12.05 8.97
CA ARG E 801 35.47 11.52 10.28
C ARG E 801 35.89 10.05 10.33
N PHE E 802 36.83 9.73 11.22
CA PHE E 802 37.31 8.37 11.41
C PHE E 802 36.72 7.79 12.68
N ARG E 803 36.44 6.48 12.67
CA ARG E 803 35.95 5.81 13.87
C ARG E 803 36.23 4.32 13.74
N ALA E 804 36.74 3.72 14.82
CA ALA E 804 36.98 2.29 14.86
C ALA E 804 35.78 1.57 15.49
N PRO E 805 35.51 0.34 15.08
CA PRO E 805 34.38 -0.40 15.67
C PRO E 805 34.66 -1.01 17.03
N ASP E 806 35.93 -1.10 17.45
CA ASP E 806 36.27 -1.85 18.65
C ASP E 806 37.19 -1.11 19.61
N ARG E 807 37.51 0.16 19.35
CA ARG E 807 38.50 0.86 20.16
C ARG E 807 38.42 2.35 19.92
N THR E 808 39.01 3.11 20.83
CA THR E 808 39.30 4.52 20.62
C THR E 808 40.57 4.66 19.79
N LEU E 809 40.57 5.61 18.86
CA LEU E 809 41.74 5.86 18.03
C LEU E 809 42.67 6.88 18.68
N THR E 810 43.96 6.73 18.41
CA THR E 810 44.90 7.81 18.63
C THR E 810 44.95 8.69 17.39
N GLU E 811 45.44 9.92 17.56
CA GLU E 811 45.56 10.81 16.41
C GLU E 811 46.44 10.20 15.33
N ASP E 812 47.51 9.52 15.74
CA ASP E 812 48.40 8.86 14.78
C ASP E 812 47.65 7.79 13.98
N ASP E 813 46.74 7.06 14.63
CA ASP E 813 45.93 6.07 13.92
C ASP E 813 45.15 6.74 12.79
N ALA E 814 44.51 7.87 13.08
CA ALA E 814 43.75 8.57 12.06
C ALA E 814 44.65 9.16 10.98
N SER E 815 45.80 9.71 11.39
CA SER E 815 46.72 10.32 10.43
C SER E 815 47.29 9.28 9.48
N ALA E 816 47.48 8.03 9.94
CA ALA E 816 47.95 6.98 9.04
C ALA E 816 46.91 6.66 7.98
N ALA E 817 45.63 6.61 8.37
CA ALA E 817 44.57 6.43 7.38
C ALA E 817 44.49 7.64 6.45
N ARG E 818 44.68 8.85 6.99
CA ARG E 818 44.68 10.04 6.16
C ARG E 818 45.85 10.04 5.18
N ASP E 819 47.04 9.64 5.63
CA ASP E 819 48.20 9.62 4.75
C ASP E 819 48.03 8.60 3.63
N ALA E 820 47.41 7.46 3.93
CA ALA E 820 47.11 6.50 2.87
C ALA E 820 46.10 7.05 1.87
N ALA E 821 45.16 7.86 2.36
CA ALA E 821 44.21 8.50 1.45
C ALA E 821 44.91 9.51 0.54
N VAL E 822 45.87 10.26 1.09
CA VAL E 822 46.61 11.23 0.28
C VAL E 822 47.40 10.52 -0.81
N GLN E 823 48.07 9.42 -0.45
CA GLN E 823 48.85 8.68 -1.44
C GLN E 823 47.95 8.07 -2.50
N SER E 824 46.77 7.60 -2.10
CA SER E 824 45.81 7.09 -3.08
C SER E 824 45.39 8.19 -4.05
N ALA E 825 45.18 9.41 -3.54
CA ALA E 825 44.77 10.51 -4.41
C ALA E 825 45.90 10.93 -5.34
N ALA E 826 47.15 10.89 -4.86
CA ALA E 826 48.28 11.19 -5.73
C ALA E 826 48.37 10.21 -6.88
N GLU E 827 48.11 8.92 -6.61
N GLU E 827 48.11 8.92 -6.61
CA GLU E 827 48.25 7.91 -7.65
CA GLU E 827 48.26 7.89 -7.62
C GLU E 827 47.10 7.95 -8.65
C GLU E 827 47.10 7.87 -8.62
N ARG E 828 45.89 8.31 -8.20
N ARG E 828 45.91 8.31 -8.20
CA ARG E 828 44.72 8.19 -9.06
CA ARG E 828 44.73 8.20 -9.05
C ARG E 828 44.32 9.48 -9.76
C ARG E 828 44.38 9.48 -9.78
N VAL E 829 44.55 10.64 -9.16
CA VAL E 829 44.16 11.91 -9.78
C VAL E 829 45.30 12.92 -9.74
N GLY E 830 46.49 12.49 -9.32
CA GLY E 830 47.63 13.39 -9.30
C GLY E 830 47.59 14.45 -8.23
N ALA E 831 46.86 14.21 -7.14
CA ALA E 831 46.75 15.20 -6.08
C ALA E 831 48.09 15.44 -5.40
N VAL E 832 48.29 16.67 -4.95
CA VAL E 832 49.44 17.07 -4.16
C VAL E 832 48.93 17.63 -2.84
N LEU E 833 49.49 17.15 -1.73
CA LEU E 833 49.15 17.68 -0.42
C LEU E 833 49.40 19.18 -0.40
N ARG E 834 48.42 19.94 0.09
CA ARG E 834 48.53 21.39 0.11
C ARG E 834 49.68 21.83 1.00
N GLY E 835 50.52 22.73 0.50
CA GLY E 835 51.65 23.22 1.24
C GLY E 835 51.58 24.71 1.49
#